data_4Q0C
#
_entry.id   4Q0C
#
_cell.length_a   72.450
_cell.length_b   285.820
_cell.length_c   128.150
_cell.angle_alpha   90.00
_cell.angle_beta   90.00
_cell.angle_gamma   90.00
#
_symmetry.space_group_name_H-M   'P 21 21 21'
#
_entity_poly.entity_id   1
_entity_poly.type   'polypeptide(L)'
_entity_poly.pdbx_seq_one_letter_code
;MQYKLALNGKTLKGETTTEAVDAATAEKVFKQYANDNGVDGEWTYDDATKTFTVTELVPRGSAQASQELTLVGKAAVPDV
EVALDGDDWRWLARKRVLTLGVYAPDIPPFDVTYGERYEGLTADYMAIIAHNLGMQAKVLRYPTREQALSALESGQIDLI
GTVNGTDGRQQSLRLSVPYAADHPVIVMPIGARHVPASNLAGQRLAVDINYLPKETLARAYPQATLHYFPSSEQALAAVA
YGQADVFIGDALTTSHLVSQSYFNDVRVVAPAHIATGGESFGVRADNTRLLRVVNAVLEAIPPSEHRSLIYRWGLGSSIS
LDFAHPAYSAREQQWMADHPVVKVAVLNLFAPFTLFRTDEQFGGISAAVLQLLQLRTGLDFEIIGVDTVEELIAKLRSGE
ADMAGALFVNSARESFLSFSRPYVRNGMVIVTRQDPDAPVDADHLDGRTVALVRNSAAIPLLQRRYPQAKVVTADNPSEA
MLMVANGQADAVVQTQISASYYVNRYFAGKLRIASALDLPPAEIALATTRGQTELMSILNKALYSISNDELASIISRWRG
SDGDPRTWYAYRNEIYLEHHHHHH
;
_entity_poly.pdbx_strand_id   A,B,C,D
#
# COMPACT_ATOMS: atom_id res chain seq x y z
N SER A 66 -44.98 -9.28 32.39
CA SER A 66 -45.10 -7.83 32.32
C SER A 66 -44.39 -7.13 33.50
N GLN A 67 -43.40 -6.29 33.18
CA GLN A 67 -42.65 -5.55 34.20
C GLN A 67 -42.70 -4.03 33.96
N GLU A 68 -42.96 -3.25 35.00
CA GLU A 68 -43.04 -1.79 34.81
C GLU A 68 -41.69 -1.15 35.07
N LEU A 69 -41.37 -0.12 34.27
CA LEU A 69 -40.08 0.54 34.34
C LEU A 69 -40.30 2.02 34.64
N THR A 70 -39.28 2.64 35.22
CA THR A 70 -39.34 4.05 35.53
C THR A 70 -38.65 4.85 34.46
N LEU A 71 -39.36 5.84 33.94
CA LEU A 71 -38.80 6.69 32.92
C LEU A 71 -37.80 7.55 33.63
N VAL A 72 -36.53 7.47 33.26
CA VAL A 72 -35.53 8.28 33.95
C VAL A 72 -35.62 9.74 33.56
N GLY A 73 -35.87 10.56 34.57
CA GLY A 73 -35.93 12.01 34.47
C GLY A 73 -34.65 12.62 33.95
N LYS A 74 -34.70 13.15 32.74
CA LYS A 74 -33.49 13.61 32.07
C LYS A 74 -33.49 15.12 31.90
N ALA A 75 -32.29 15.71 32.02
CA ALA A 75 -31.99 17.10 31.72
C ALA A 75 -33.12 18.08 32.00
N ALA A 76 -33.54 18.78 30.95
CA ALA A 76 -34.65 19.72 31.00
C ALA A 76 -35.65 19.34 29.91
N VAL A 77 -36.79 18.79 30.32
CA VAL A 77 -37.81 18.38 29.37
C VAL A 77 -38.57 19.62 28.92
N PRO A 78 -38.62 19.84 27.59
CA PRO A 78 -39.13 21.02 26.86
C PRO A 78 -40.61 21.35 27.02
N ASP A 79 -40.94 22.62 26.86
CA ASP A 79 -42.33 23.01 26.79
C ASP A 79 -42.59 23.30 25.32
N VAL A 80 -43.48 22.55 24.68
CA VAL A 80 -43.90 22.87 23.31
C VAL A 80 -45.28 23.52 23.30
N GLU A 81 -45.52 24.36 22.31
CA GLU A 81 -46.78 25.07 22.26
C GLU A 81 -47.86 24.14 21.69
N VAL A 82 -48.73 23.65 22.57
CA VAL A 82 -49.71 22.66 22.21
C VAL A 82 -51.12 23.23 22.21
N ALA A 83 -51.87 22.94 21.14
CA ALA A 83 -53.23 23.43 21.02
C ALA A 83 -54.24 22.28 21.11
N LEU A 84 -55.02 22.25 22.20
CA LEU A 84 -56.06 21.23 22.33
C LEU A 84 -57.46 21.75 22.72
N ASP A 85 -58.48 20.99 22.33
CA ASP A 85 -59.89 21.33 22.50
C ASP A 85 -60.51 21.61 23.86
N GLY A 86 -59.86 21.24 24.95
CA GLY A 86 -60.47 21.49 26.23
C GLY A 86 -61.48 20.40 26.56
N ASP A 87 -62.11 19.82 25.53
CA ASP A 87 -62.80 18.55 25.72
C ASP A 87 -61.68 17.54 25.78
N ASP A 88 -60.63 17.86 25.04
CA ASP A 88 -59.41 17.09 25.04
C ASP A 88 -58.64 17.30 26.33
N TRP A 89 -58.52 18.56 26.76
CA TRP A 89 -57.74 18.85 27.95
C TRP A 89 -58.22 18.17 29.22
N ARG A 90 -59.53 18.21 29.49
CA ARG A 90 -60.06 17.59 30.70
C ARG A 90 -60.18 16.07 30.55
N TRP A 91 -60.35 15.61 29.31
CA TRP A 91 -60.26 14.20 29.08
C TRP A 91 -58.90 13.73 29.55
N LEU A 92 -57.84 14.47 29.20
CA LEU A 92 -56.49 14.19 29.70
C LEU A 92 -56.41 14.30 31.23
N ALA A 93 -57.04 15.32 31.79
CA ALA A 93 -57.05 15.49 33.24
C ALA A 93 -57.66 14.26 33.95
N ARG A 94 -58.77 13.75 33.41
CA ARG A 94 -59.45 12.58 33.98
C ARG A 94 -58.63 11.31 33.80
N LYS A 95 -57.93 11.24 32.67
CA LYS A 95 -57.14 10.07 32.29
C LYS A 95 -55.97 9.82 33.23
N ARG A 96 -55.36 10.89 33.73
CA ARG A 96 -54.25 10.85 34.69
C ARG A 96 -52.95 10.30 34.11
N VAL A 97 -52.96 9.04 33.70
CA VAL A 97 -51.74 8.34 33.33
C VAL A 97 -51.68 7.87 31.90
N LEU A 98 -50.59 8.22 31.23
CA LEU A 98 -50.30 7.76 29.88
C LEU A 98 -49.31 6.61 29.96
N THR A 99 -49.71 5.45 29.44
CA THR A 99 -48.87 4.26 29.56
C THR A 99 -48.23 3.83 28.23
N LEU A 100 -46.91 3.86 28.22
CA LEU A 100 -46.08 3.47 27.08
C LEU A 100 -45.73 2.02 27.19
N GLY A 101 -45.81 1.31 26.07
CA GLY A 101 -45.38 -0.06 26.05
C GLY A 101 -44.13 -0.16 25.20
N VAL A 102 -43.12 -0.85 25.74
CA VAL A 102 -41.90 -1.12 25.01
C VAL A 102 -41.63 -2.58 25.20
N TYR A 103 -40.76 -3.14 24.37
CA TYR A 103 -40.68 -4.59 24.28
C TYR A 103 -39.26 -5.10 24.20
N ALA A 104 -39.12 -6.37 24.58
CA ALA A 104 -37.86 -7.06 24.88
C ALA A 104 -36.59 -6.67 24.11
N PRO A 105 -36.65 -6.56 22.77
CA PRO A 105 -35.33 -6.56 22.12
C PRO A 105 -34.39 -5.43 22.58
N ASP A 106 -34.90 -4.24 22.92
CA ASP A 106 -34.04 -3.17 23.48
C ASP A 106 -33.07 -2.66 22.39
N ILE A 107 -33.42 -1.59 21.69
CA ILE A 107 -32.62 -1.14 20.52
C ILE A 107 -31.92 0.23 20.68
N PRO A 108 -30.63 0.21 21.13
CA PRO A 108 -29.97 1.51 21.30
C PRO A 108 -29.79 2.23 19.96
N PRO A 109 -29.95 3.56 19.95
CA PRO A 109 -30.18 4.45 21.09
C PRO A 109 -31.66 4.76 21.38
N PHE A 110 -32.59 4.05 20.77
CA PHE A 110 -34.00 4.39 20.97
C PHE A 110 -34.49 3.85 22.32
N ASP A 111 -34.34 2.55 22.51
CA ASP A 111 -34.82 1.85 23.71
C ASP A 111 -33.65 1.28 24.49
N VAL A 112 -33.44 1.74 25.72
CA VAL A 112 -32.41 1.17 26.61
C VAL A 112 -32.87 0.81 28.05
N THR A 113 -32.57 -0.39 28.50
CA THR A 113 -32.98 -0.81 29.82
C THR A 113 -31.80 -1.15 30.70
N TYR A 114 -31.86 -0.63 31.92
CA TYR A 114 -30.96 -1.07 32.98
C TYR A 114 -31.78 -1.20 34.24
N GLY A 115 -32.03 -2.44 34.65
CA GLY A 115 -32.85 -2.70 35.81
C GLY A 115 -34.29 -2.29 35.61
N GLU A 116 -34.77 -1.41 36.50
CA GLU A 116 -36.13 -0.88 36.41
C GLU A 116 -36.19 0.48 35.73
N ARG A 117 -35.07 0.91 35.15
CA ARG A 117 -35.04 2.21 34.51
C ARG A 117 -35.03 2.09 32.97
N TYR A 118 -35.88 2.89 32.35
CA TYR A 118 -36.00 3.00 30.92
C TYR A 118 -35.50 4.33 30.40
N GLU A 119 -34.65 4.30 29.40
CA GLU A 119 -34.18 5.52 28.76
C GLU A 119 -33.95 5.35 27.29
N GLY A 120 -33.65 6.45 26.62
CA GLY A 120 -33.35 6.39 25.20
C GLY A 120 -34.07 7.48 24.42
N LEU A 121 -33.87 7.52 23.10
CA LEU A 121 -34.52 8.53 22.26
C LEU A 121 -36.02 8.47 22.38
N THR A 122 -36.55 7.25 22.39
CA THR A 122 -37.98 7.07 22.55
C THR A 122 -38.45 7.53 23.93
N ALA A 123 -37.64 7.21 24.93
CA ALA A 123 -37.94 7.57 26.29
C ALA A 123 -38.11 9.07 26.41
N ASP A 124 -37.18 9.79 25.78
CA ASP A 124 -37.12 11.25 25.84
C ASP A 124 -38.36 11.91 25.21
N TYR A 125 -38.83 11.34 24.10
CA TYR A 125 -40.04 11.84 23.45
C TYR A 125 -41.34 11.45 24.18
N MET A 126 -41.34 10.28 24.81
CA MET A 126 -42.46 9.94 25.68
C MET A 126 -42.58 11.03 26.74
N ALA A 127 -41.43 11.41 27.30
CA ALA A 127 -41.36 12.45 28.32
C ALA A 127 -41.94 13.75 27.80
N ILE A 128 -41.58 14.10 26.58
CA ILE A 128 -42.04 15.34 26.02
C ILE A 128 -43.55 15.28 25.85
N ILE A 129 -44.09 14.14 25.40
CA ILE A 129 -45.54 14.03 25.26
C ILE A 129 -46.24 14.03 26.61
N ALA A 130 -45.76 13.20 27.53
CA ALA A 130 -46.32 13.12 28.87
C ALA A 130 -46.29 14.47 29.59
N HIS A 131 -45.15 15.15 29.54
CA HIS A 131 -45.00 16.44 30.21
C HIS A 131 -45.89 17.53 29.65
N ASN A 132 -45.93 17.63 28.33
CA ASN A 132 -46.68 18.69 27.69
C ASN A 132 -48.17 18.44 27.69
N LEU A 133 -48.58 17.24 28.12
CA LEU A 133 -50.00 16.95 28.25
C LEU A 133 -50.46 16.77 29.72
N GLY A 134 -49.61 17.14 30.67
CA GLY A 134 -49.95 17.05 32.09
C GLY A 134 -50.19 15.66 32.69
N MET A 135 -49.47 14.67 32.16
CA MET A 135 -49.66 13.25 32.52
C MET A 135 -48.51 12.73 33.38
N GLN A 136 -48.82 11.76 34.23
CA GLN A 136 -47.77 10.95 34.82
C GLN A 136 -47.54 9.85 33.79
N ALA A 137 -46.31 9.63 33.39
CA ALA A 137 -46.02 8.61 32.40
C ALA A 137 -45.65 7.31 33.09
N LYS A 138 -46.17 6.20 32.59
CA LYS A 138 -45.71 4.93 33.10
C LYS A 138 -45.28 4.05 31.94
N VAL A 139 -44.29 3.22 32.21
CA VAL A 139 -43.77 2.32 31.21
C VAL A 139 -43.78 0.91 31.74
N LEU A 140 -44.41 0.03 30.97
CA LEU A 140 -44.45 -1.40 31.19
C LEU A 140 -43.59 -2.02 30.12
N ARG A 141 -42.79 -3.02 30.47
CA ARG A 141 -41.93 -3.66 29.46
C ARG A 141 -42.36 -5.11 29.25
N TYR A 142 -42.61 -5.46 27.98
CA TYR A 142 -43.16 -6.77 27.65
C TYR A 142 -42.15 -7.67 26.93
N PRO A 143 -42.10 -8.96 27.33
CA PRO A 143 -41.18 -9.98 26.80
C PRO A 143 -41.19 -10.22 25.27
N THR A 144 -42.33 -10.03 24.59
CA THR A 144 -42.36 -10.22 23.13
C THR A 144 -43.09 -9.03 22.51
N ARG A 145 -42.80 -8.72 21.24
CA ARG A 145 -43.44 -7.58 20.61
C ARG A 145 -44.95 -7.75 20.60
N GLU A 146 -45.40 -8.98 20.40
CA GLU A 146 -46.83 -9.24 20.24
C GLU A 146 -47.55 -9.21 21.58
N GLN A 147 -46.82 -9.55 22.65
CA GLN A 147 -47.38 -9.44 24.00
C GLN A 147 -47.69 -7.95 24.29
N ALA A 148 -46.85 -7.06 23.75
CA ALA A 148 -47.10 -5.61 23.79
C ALA A 148 -48.28 -5.26 22.88
N LEU A 149 -48.32 -5.87 21.69
CA LEU A 149 -49.44 -5.71 20.75
C LEU A 149 -50.78 -6.13 21.38
N SER A 150 -50.74 -7.22 22.14
CA SER A 150 -51.92 -7.73 22.83
C SER A 150 -52.38 -6.79 23.93
N ALA A 151 -51.42 -6.18 24.63
CA ALA A 151 -51.69 -5.13 25.62
C ALA A 151 -52.26 -3.87 24.97
N LEU A 152 -51.89 -3.62 23.71
CA LEU A 152 -52.40 -2.46 23.01
C LEU A 152 -53.90 -2.57 22.72
N GLU A 153 -54.35 -3.70 22.16
CA GLU A 153 -55.78 -3.89 21.90
C GLU A 153 -56.55 -3.91 23.21
N SER A 154 -55.91 -4.50 24.21
CA SER A 154 -56.49 -4.67 25.53
C SER A 154 -56.80 -3.33 26.21
N GLY A 155 -56.00 -2.33 25.90
CA GLY A 155 -56.13 -1.02 26.52
C GLY A 155 -55.31 -0.92 27.79
N GLN A 156 -54.44 -1.91 28.02
CA GLN A 156 -53.48 -1.87 29.12
C GLN A 156 -52.44 -0.80 28.89
N ILE A 157 -52.07 -0.64 27.62
CA ILE A 157 -51.14 0.41 27.25
C ILE A 157 -51.83 1.34 26.25
N ASP A 158 -51.54 2.63 26.35
CA ASP A 158 -52.16 3.60 25.47
C ASP A 158 -51.41 3.67 24.13
N LEU A 159 -50.09 3.71 24.20
CA LEU A 159 -49.25 3.73 22.99
C LEU A 159 -48.06 2.77 23.08
N ILE A 160 -47.66 2.24 21.92
CA ILE A 160 -46.44 1.41 21.83
C ILE A 160 -45.29 2.14 21.14
N GLY A 161 -44.09 1.98 21.67
CA GLY A 161 -42.94 2.74 21.22
C GLY A 161 -42.04 2.14 20.17
N THR A 162 -41.39 3.05 19.43
CA THR A 162 -40.33 2.75 18.47
C THR A 162 -40.77 1.86 17.32
N VAL A 163 -41.94 2.12 16.73
CA VAL A 163 -42.39 1.39 15.55
C VAL A 163 -42.17 2.31 14.36
N ASN A 164 -41.60 1.81 13.27
CA ASN A 164 -41.29 2.70 12.14
C ASN A 164 -42.16 2.47 10.91
N GLY A 165 -41.57 2.72 9.75
CA GLY A 165 -42.28 2.64 8.49
C GLY A 165 -42.70 1.24 8.04
N THR A 166 -42.05 0.21 8.55
CA THR A 166 -42.39 -1.16 8.15
C THR A 166 -43.44 -1.74 9.11
N ASP A 167 -43.92 -0.90 10.01
CA ASP A 167 -45.03 -1.30 10.87
C ASP A 167 -46.22 -0.36 10.62
N GLY A 168 -46.05 0.55 9.65
CA GLY A 168 -47.17 1.31 9.15
C GLY A 168 -47.33 0.73 7.77
N ARG A 169 -47.05 -0.56 7.72
CA ARG A 169 -47.24 -1.42 6.57
C ARG A 169 -47.86 -2.62 7.22
N GLN A 170 -48.55 -2.32 8.31
CA GLN A 170 -49.23 -3.29 9.10
C GLN A 170 -50.67 -2.83 9.16
N GLN A 171 -50.85 -1.51 9.23
CA GLN A 171 -52.18 -0.91 9.07
C GLN A 171 -53.16 -1.29 10.17
N SER A 172 -52.82 -2.32 10.94
CA SER A 172 -53.63 -2.78 12.08
C SER A 172 -53.67 -1.86 13.31
N LEU A 173 -52.81 -0.85 13.29
CA LEU A 173 -52.65 0.13 14.36
C LEU A 173 -52.25 1.42 13.65
N ARG A 174 -52.40 2.57 14.29
CA ARG A 174 -52.09 3.79 13.58
C ARG A 174 -50.82 4.44 14.13
N LEU A 175 -50.01 4.99 13.24
CA LEU A 175 -48.72 5.53 13.64
C LEU A 175 -48.78 7.06 13.74
N SER A 176 -48.13 7.58 14.77
CA SER A 176 -47.98 9.01 14.95
C SER A 176 -47.01 9.52 13.91
N VAL A 177 -46.97 10.83 13.72
CA VAL A 177 -45.91 11.39 12.90
C VAL A 177 -44.61 11.05 13.61
N PRO A 178 -43.58 10.65 12.85
CA PRO A 178 -42.33 10.21 13.46
C PRO A 178 -41.70 11.30 14.30
N TYR A 179 -41.24 10.91 15.48
CA TYR A 179 -40.59 11.83 16.39
C TYR A 179 -39.09 11.89 16.13
N ALA A 180 -38.60 10.89 15.43
CA ALA A 180 -37.20 10.81 15.06
C ALA A 180 -37.08 10.27 13.64
N ALA A 181 -36.57 11.13 12.77
CA ALA A 181 -36.28 10.76 11.39
C ALA A 181 -35.18 9.71 11.36
N ASP A 182 -35.33 8.72 10.50
CA ASP A 182 -34.31 7.70 10.35
C ASP A 182 -34.43 7.05 8.95
N HIS A 183 -33.31 6.99 8.22
CA HIS A 183 -33.29 6.40 6.88
C HIS A 183 -32.11 5.42 6.73
N PRO A 184 -32.24 4.46 5.80
CA PRO A 184 -31.11 3.54 5.68
C PRO A 184 -29.92 4.19 4.97
N VAL A 185 -28.72 3.81 5.36
CA VAL A 185 -27.50 4.28 4.74
C VAL A 185 -26.65 3.10 4.29
N ILE A 186 -25.76 3.34 3.32
CA ILE A 186 -24.86 2.30 2.81
C ILE A 186 -23.45 2.53 3.31
N VAL A 187 -22.89 1.51 3.97
CA VAL A 187 -21.57 1.63 4.56
C VAL A 187 -20.60 0.72 3.85
N MET A 188 -19.42 1.26 3.56
CA MET A 188 -18.36 0.52 2.87
C MET A 188 -17.08 0.74 3.61
N PRO A 189 -16.03 -0.04 3.27
CA PRO A 189 -14.72 0.17 3.91
C PRO A 189 -14.17 1.57 3.71
N ILE A 190 -13.29 2.02 4.60
CA ILE A 190 -12.91 3.44 4.58
C ILE A 190 -12.32 3.85 3.23
N GLY A 191 -11.62 2.93 2.57
CA GLY A 191 -10.95 3.26 1.34
C GLY A 191 -11.87 3.57 0.18
N ALA A 192 -13.05 2.96 0.19
CA ALA A 192 -14.00 3.02 -0.92
C ALA A 192 -14.20 4.42 -1.44
N ARG A 193 -14.49 4.49 -2.72
CA ARG A 193 -14.84 5.73 -3.38
C ARG A 193 -16.33 5.88 -3.52
N HIS A 194 -16.89 4.98 -4.30
CA HIS A 194 -18.30 5.02 -4.62
C HIS A 194 -18.96 3.73 -4.23
N VAL A 195 -20.28 3.77 -4.16
CA VAL A 195 -21.05 2.56 -3.99
C VAL A 195 -20.69 1.72 -5.20
N PRO A 196 -20.58 0.39 -5.03
CA PRO A 196 -20.34 -0.37 -6.25
C PRO A 196 -21.48 -0.24 -7.23
N ALA A 197 -21.13 -0.09 -8.50
CA ALA A 197 -22.08 0.01 -9.60
C ALA A 197 -22.98 -1.22 -9.73
N SER A 198 -24.02 -1.09 -10.55
CA SER A 198 -24.97 -2.18 -10.84
C SER A 198 -25.60 -2.67 -9.54
N ASN A 199 -26.50 -1.88 -8.98
CA ASN A 199 -27.11 -2.11 -7.65
C ASN A 199 -26.47 -3.19 -6.78
N LEU A 200 -25.25 -2.93 -6.33
CA LEU A 200 -24.50 -3.80 -5.42
C LEU A 200 -24.44 -5.28 -5.89
N ALA A 201 -24.47 -5.49 -7.21
CA ALA A 201 -24.45 -6.83 -7.81
C ALA A 201 -23.13 -7.53 -7.60
N GLY A 202 -23.21 -8.76 -7.14
CA GLY A 202 -22.04 -9.58 -6.93
C GLY A 202 -21.29 -9.20 -5.66
N GLN A 203 -21.75 -8.15 -4.98
CA GLN A 203 -21.11 -7.72 -3.74
C GLN A 203 -21.76 -8.40 -2.54
N ARG A 204 -21.02 -8.54 -1.44
CA ARG A 204 -21.57 -9.14 -0.24
C ARG A 204 -22.20 -8.09 0.67
N LEU A 205 -23.53 -8.04 0.71
CA LEU A 205 -24.25 -7.01 1.46
C LEU A 205 -24.65 -7.49 2.87
N ALA A 206 -24.06 -6.87 3.90
CA ALA A 206 -24.37 -7.23 5.29
C ALA A 206 -25.46 -6.35 5.85
N VAL A 207 -26.41 -6.96 6.54
CA VAL A 207 -27.48 -6.23 7.20
C VAL A 207 -27.83 -6.92 8.52
N ASP A 208 -28.33 -6.13 9.45
CA ASP A 208 -28.96 -6.64 10.64
C ASP A 208 -30.18 -7.49 10.22
N ILE A 209 -30.22 -8.75 10.66
CA ILE A 209 -31.36 -9.63 10.36
C ILE A 209 -32.71 -8.94 10.70
N ASN A 210 -32.64 -8.07 11.70
CA ASN A 210 -33.76 -7.36 12.24
C ASN A 210 -34.05 -6.02 11.57
N TYR A 211 -33.12 -5.50 10.78
CA TYR A 211 -33.35 -4.16 10.24
C TYR A 211 -34.39 -4.19 9.16
N LEU A 212 -34.03 -4.78 8.04
CA LEU A 212 -34.98 -4.81 6.97
C LEU A 212 -35.45 -6.21 6.71
N PRO A 213 -36.72 -6.32 6.31
CA PRO A 213 -37.38 -7.52 5.84
C PRO A 213 -36.73 -8.01 4.56
N LYS A 214 -36.40 -9.30 4.49
CA LYS A 214 -35.61 -9.85 3.40
C LYS A 214 -36.07 -9.43 1.99
N GLU A 215 -37.37 -9.25 1.79
CA GLU A 215 -37.84 -9.11 0.42
C GLU A 215 -37.66 -7.69 -0.06
N THR A 216 -37.49 -6.80 0.92
CA THR A 216 -37.23 -5.39 0.66
C THR A 216 -35.83 -5.18 0.12
N LEU A 217 -34.87 -5.87 0.72
CA LEU A 217 -33.49 -5.80 0.26
C LEU A 217 -33.40 -6.42 -1.13
N ALA A 218 -33.92 -7.64 -1.25
CA ALA A 218 -33.85 -8.41 -2.48
C ALA A 218 -34.47 -7.72 -3.68
N ARG A 219 -35.54 -6.94 -3.46
CA ARG A 219 -36.17 -6.17 -4.54
C ARG A 219 -35.19 -5.09 -5.00
N ALA A 220 -34.51 -4.44 -4.05
CA ALA A 220 -33.60 -3.35 -4.37
C ALA A 220 -32.18 -3.79 -4.76
N TYR A 221 -31.69 -4.88 -4.17
CA TYR A 221 -30.33 -5.34 -4.47
C TYR A 221 -30.41 -6.83 -4.81
N PRO A 222 -31.05 -7.16 -5.94
CA PRO A 222 -31.46 -8.50 -6.36
C PRO A 222 -30.31 -9.36 -6.84
N GLN A 223 -29.26 -8.69 -7.29
CA GLN A 223 -28.08 -9.39 -7.79
C GLN A 223 -27.03 -9.53 -6.68
N ALA A 224 -27.40 -9.18 -5.45
CA ALA A 224 -26.44 -9.12 -4.35
C ALA A 224 -26.50 -10.32 -3.43
N THR A 225 -25.35 -10.66 -2.84
CA THR A 225 -25.25 -11.75 -1.89
C THR A 225 -25.51 -11.21 -0.47
N LEU A 226 -26.70 -11.49 0.06
CA LEU A 226 -27.07 -11.00 1.39
C LEU A 226 -26.49 -11.89 2.44
N HIS A 227 -26.07 -11.29 3.53
CA HIS A 227 -25.50 -12.06 4.62
C HIS A 227 -26.08 -11.47 5.89
N TYR A 228 -26.89 -12.24 6.60
CA TYR A 228 -27.63 -11.65 7.71
C TYR A 228 -26.92 -11.85 9.04
N PHE A 229 -27.08 -10.86 9.91
CA PHE A 229 -26.40 -10.94 11.20
C PHE A 229 -27.31 -10.64 12.38
N PRO A 230 -27.00 -11.27 13.52
CA PRO A 230 -27.69 -11.10 14.80
C PRO A 230 -27.84 -9.65 15.17
N SER A 231 -26.86 -8.83 14.80
CA SER A 231 -26.83 -7.45 15.26
C SER A 231 -26.34 -6.50 14.17
N SER A 232 -26.64 -5.21 14.32
CA SER A 232 -26.12 -4.22 13.40
C SER A 232 -24.60 -4.22 13.48
N GLU A 233 -24.04 -4.29 14.69
CA GLU A 233 -22.59 -4.21 14.83
C GLU A 233 -21.86 -5.38 14.15
N GLN A 234 -22.40 -6.59 14.25
CA GLN A 234 -21.77 -7.74 13.59
C GLN A 234 -21.78 -7.56 12.06
N ALA A 235 -22.86 -6.99 11.54
CA ALA A 235 -22.93 -6.73 10.11
C ALA A 235 -21.82 -5.74 9.75
N LEU A 236 -21.71 -4.66 10.53
CA LEU A 236 -20.72 -3.64 10.24
C LEU A 236 -19.34 -4.23 10.47
N ALA A 237 -19.21 -5.05 11.51
CA ALA A 237 -17.96 -5.74 11.79
C ALA A 237 -17.50 -6.53 10.58
N ALA A 238 -18.47 -7.14 9.90
CA ALA A 238 -18.23 -7.94 8.70
C ALA A 238 -17.53 -7.14 7.58
N VAL A 239 -17.98 -5.90 7.35
CA VAL A 239 -17.39 -5.06 6.33
C VAL A 239 -16.02 -4.57 6.77
N ALA A 240 -15.91 -4.30 8.06
CA ALA A 240 -14.65 -3.84 8.58
C ALA A 240 -13.55 -4.89 8.43
N TYR A 241 -13.87 -6.16 8.71
CA TYR A 241 -12.81 -7.15 8.90
C TYR A 241 -12.72 -8.13 7.73
N GLY A 242 -13.38 -7.79 6.62
CA GLY A 242 -13.13 -8.43 5.34
C GLY A 242 -14.07 -9.56 4.93
N GLN A 243 -15.16 -9.74 5.67
CA GLN A 243 -16.09 -10.83 5.37
C GLN A 243 -17.30 -10.40 4.56
N ALA A 244 -17.47 -9.10 4.41
CA ALA A 244 -18.56 -8.54 3.63
C ALA A 244 -18.04 -7.27 2.97
N ASP A 245 -18.73 -6.80 1.93
CA ASP A 245 -18.25 -5.68 1.16
C ASP A 245 -19.03 -4.40 1.40
N VAL A 246 -20.31 -4.52 1.67
CA VAL A 246 -21.17 -3.37 1.87
C VAL A 246 -22.04 -3.62 3.08
N PHE A 247 -22.34 -2.57 3.83
CA PHE A 247 -23.25 -2.66 4.97
C PHE A 247 -24.45 -1.75 4.74
N ILE A 248 -25.63 -2.23 5.10
CA ILE A 248 -26.80 -1.37 5.14
C ILE A 248 -27.46 -1.37 6.54
N GLY A 249 -27.74 -0.17 7.06
CA GLY A 249 -28.42 -0.04 8.35
C GLY A 249 -28.92 1.38 8.46
N ASP A 250 -29.68 1.69 9.51
CA ASP A 250 -30.25 3.04 9.65
C ASP A 250 -29.23 4.12 10.09
N ALA A 251 -29.41 5.35 9.63
CA ALA A 251 -28.43 6.41 9.88
C ALA A 251 -28.15 6.62 11.36
N LEU A 252 -29.18 6.57 12.19
CA LEU A 252 -28.96 6.90 13.60
C LEU A 252 -28.07 5.85 14.30
N THR A 253 -28.41 4.57 14.27
CA THR A 253 -27.57 3.61 14.99
C THR A 253 -26.23 3.41 14.27
N THR A 254 -26.21 3.58 12.96
CA THR A 254 -24.95 3.48 12.25
C THR A 254 -24.02 4.58 12.66
N SER A 255 -24.53 5.81 12.76
CA SER A 255 -23.64 6.91 13.11
C SER A 255 -23.02 6.68 14.47
N HIS A 256 -23.79 6.12 15.41
CA HIS A 256 -23.23 5.80 16.71
C HIS A 256 -22.09 4.80 16.56
N LEU A 257 -22.35 3.66 15.95
CA LEU A 257 -21.30 2.65 15.81
C LEU A 257 -20.02 3.22 15.21
N VAL A 258 -20.17 3.93 14.10
CA VAL A 258 -19.01 4.45 13.42
C VAL A 258 -18.33 5.55 14.22
N SER A 259 -19.07 6.57 14.62
CA SER A 259 -18.42 7.69 15.30
C SER A 259 -17.81 7.22 16.63
N GLN A 260 -18.42 6.21 17.27
CA GLN A 260 -17.90 5.74 18.56
C GLN A 260 -16.54 5.03 18.47
N SER A 261 -16.37 4.05 17.57
CA SER A 261 -15.09 3.33 17.47
C SER A 261 -14.74 2.64 16.15
N TYR A 262 -15.60 2.78 15.13
CA TYR A 262 -15.33 2.12 13.84
C TYR A 262 -14.88 3.06 12.69
N PHE A 263 -14.66 4.33 13.00
CA PHE A 263 -14.31 5.33 12.00
C PHE A 263 -12.95 5.13 11.32
N ASN A 264 -12.13 4.21 11.83
CA ASN A 264 -10.85 3.90 11.18
C ASN A 264 -11.00 2.85 10.11
N ASP A 265 -12.12 2.13 10.16
CA ASP A 265 -12.31 0.89 9.42
C ASP A 265 -13.32 1.03 8.28
N VAL A 266 -14.41 1.79 8.51
CA VAL A 266 -15.48 1.94 7.50
C VAL A 266 -15.94 3.39 7.41
N ARG A 267 -16.83 3.67 6.46
CA ARG A 267 -17.43 5.00 6.34
C ARG A 267 -18.81 4.93 5.72
N VAL A 268 -19.68 5.88 6.09
CA VAL A 268 -20.96 6.02 5.41
C VAL A 268 -20.75 6.75 4.08
N VAL A 269 -21.19 6.12 2.97
CA VAL A 269 -20.85 6.60 1.62
C VAL A 269 -22.00 7.29 0.88
N ALA A 270 -23.22 6.83 1.15
CA ALA A 270 -24.40 7.43 0.54
C ALA A 270 -25.65 6.86 1.20
N PRO A 271 -26.81 7.51 0.98
CA PRO A 271 -28.05 6.85 1.41
C PRO A 271 -28.45 5.71 0.49
N ALA A 272 -29.15 4.73 1.05
CA ALA A 272 -29.66 3.59 0.30
C ALA A 272 -31.05 3.92 -0.24
N HIS A 273 -31.32 3.50 -1.46
CA HIS A 273 -32.55 3.90 -2.12
C HIS A 273 -33.69 3.00 -1.66
N ILE A 274 -33.81 2.88 -0.34
CA ILE A 274 -34.95 2.23 0.32
C ILE A 274 -35.68 3.18 1.29
N ALA A 275 -36.99 3.30 1.18
CA ALA A 275 -37.71 4.17 2.10
C ALA A 275 -38.17 3.45 3.34
N THR A 276 -37.74 3.94 4.50
CA THR A 276 -38.31 3.52 5.78
C THR A 276 -38.85 4.77 6.44
N GLY A 277 -39.84 4.61 7.30
CA GLY A 277 -40.32 5.75 8.04
C GLY A 277 -39.35 6.07 9.15
N GLY A 278 -39.47 7.27 9.72
CA GLY A 278 -38.77 7.57 10.95
C GLY A 278 -39.34 6.69 12.05
N GLU A 279 -38.87 6.87 13.28
CA GLU A 279 -39.46 6.07 14.33
C GLU A 279 -40.71 6.77 14.87
N SER A 280 -41.77 6.02 15.11
CA SER A 280 -43.03 6.63 15.52
C SER A 280 -43.64 5.92 16.74
N PHE A 281 -44.67 6.51 17.33
CA PHE A 281 -45.45 5.77 18.31
C PHE A 281 -46.58 5.09 17.60
N GLY A 282 -46.98 3.95 18.13
CA GLY A 282 -48.16 3.29 17.63
C GLY A 282 -49.23 3.35 18.69
N VAL A 283 -50.45 3.63 18.25
CA VAL A 283 -51.61 3.70 19.14
C VAL A 283 -52.71 2.79 18.55
N ARG A 284 -53.59 2.25 19.40
CA ARG A 284 -54.67 1.39 18.89
C ARG A 284 -55.48 2.10 17.81
N ALA A 285 -55.73 1.40 16.71
CA ALA A 285 -56.37 1.98 15.52
C ALA A 285 -57.69 2.65 15.91
N ASP A 286 -58.32 2.05 16.92
CA ASP A 286 -59.57 2.50 17.49
C ASP A 286 -59.39 3.89 18.14
N ASN A 287 -58.19 4.13 18.66
CA ASN A 287 -57.98 5.30 19.51
C ASN A 287 -57.55 6.54 18.72
N THR A 288 -58.46 7.12 17.94
CA THR A 288 -58.10 8.25 17.08
C THR A 288 -57.93 9.53 17.91
N ARG A 289 -58.54 9.56 19.10
CA ARG A 289 -58.42 10.74 19.92
C ARG A 289 -56.99 10.87 20.42
N LEU A 290 -56.42 9.77 20.89
CA LEU A 290 -55.06 9.81 21.42
C LEU A 290 -54.05 10.13 20.32
N LEU A 291 -54.26 9.60 19.12
CA LEU A 291 -53.41 9.95 18.00
C LEU A 291 -53.37 11.46 17.76
N ARG A 292 -54.52 12.13 17.90
CA ARG A 292 -54.61 13.58 17.68
C ARG A 292 -53.73 14.35 18.64
N VAL A 293 -53.90 14.07 19.93
CA VAL A 293 -53.20 14.81 21.00
C VAL A 293 -51.70 14.56 21.02
N VAL A 294 -51.29 13.32 20.71
CA VAL A 294 -49.87 13.02 20.62
C VAL A 294 -49.26 13.83 19.48
N ASN A 295 -49.88 13.74 18.31
CA ASN A 295 -49.44 14.47 17.12
C ASN A 295 -49.51 15.97 17.33
N ALA A 296 -50.43 16.43 18.16
CA ALA A 296 -50.46 17.83 18.54
C ALA A 296 -49.11 18.20 19.19
N VAL A 297 -48.66 17.37 20.12
CA VAL A 297 -47.37 17.59 20.77
C VAL A 297 -46.21 17.38 19.81
N LEU A 298 -46.17 16.22 19.14
CA LEU A 298 -45.04 15.90 18.27
C LEU A 298 -44.81 16.89 17.15
N GLU A 299 -45.86 17.36 16.51
CA GLU A 299 -45.71 18.37 15.47
C GLU A 299 -45.13 19.70 16.00
N ALA A 300 -45.46 20.05 17.24
CA ALA A 300 -45.03 21.31 17.82
C ALA A 300 -43.59 21.32 18.33
N ILE A 301 -42.96 20.16 18.43
CA ILE A 301 -41.55 20.09 18.80
C ILE A 301 -40.70 20.67 17.68
N PRO A 302 -40.00 21.76 17.97
CA PRO A 302 -39.18 22.50 17.00
C PRO A 302 -38.00 21.65 16.49
N PRO A 303 -37.42 22.03 15.34
CA PRO A 303 -36.28 21.29 14.82
C PRO A 303 -35.08 21.35 15.74
N SER A 304 -34.87 22.47 16.44
CA SER A 304 -33.78 22.54 17.41
C SER A 304 -33.87 21.41 18.44
N GLU A 305 -35.07 21.16 18.96
CA GLU A 305 -35.22 20.08 19.94
C GLU A 305 -34.98 18.69 19.33
N HIS A 306 -35.41 18.50 18.10
CA HIS A 306 -35.11 17.25 17.43
C HIS A 306 -33.61 17.06 17.32
N ARG A 307 -32.91 18.12 16.92
CA ARG A 307 -31.46 18.08 16.79
C ARG A 307 -30.73 17.88 18.13
N SER A 308 -31.17 18.61 19.13
CA SER A 308 -30.52 18.58 20.42
C SER A 308 -30.53 17.13 20.98
N LEU A 309 -31.69 16.50 20.89
CA LEU A 309 -31.79 15.11 21.32
C LEU A 309 -30.88 14.23 20.49
N ILE A 310 -30.81 14.50 19.19
CA ILE A 310 -29.93 13.71 18.34
C ILE A 310 -28.49 13.88 18.76
N TYR A 311 -28.10 15.12 19.06
CA TYR A 311 -26.76 15.39 19.52
C TYR A 311 -26.44 14.71 20.87
N ARG A 312 -27.39 14.77 21.81
CA ARG A 312 -27.21 14.23 23.16
C ARG A 312 -26.94 12.74 23.11
N TRP A 313 -27.62 12.03 22.22
CA TRP A 313 -27.44 10.59 22.10
C TRP A 313 -26.20 10.25 21.24
N GLY A 314 -25.41 11.27 20.92
CA GLY A 314 -24.12 11.10 20.25
C GLY A 314 -24.22 10.80 18.76
N LEU A 315 -25.38 11.12 18.21
CA LEU A 315 -25.65 10.80 16.83
C LEU A 315 -25.50 12.06 15.99
N GLY A 316 -24.59 12.94 16.39
CA GLY A 316 -24.43 14.18 15.67
C GLY A 316 -23.92 13.91 14.26
N SER A 317 -23.28 12.76 14.11
CA SER A 317 -22.64 12.38 12.86
C SER A 317 -23.68 12.20 11.76
N SER A 318 -24.94 11.96 12.17
CA SER A 318 -25.98 11.57 11.23
C SER A 318 -26.72 12.74 10.61
N ILE A 319 -26.48 13.93 11.13
CA ILE A 319 -27.05 15.15 10.56
C ILE A 319 -26.38 15.36 9.21
N SER A 320 -25.09 15.06 9.16
CA SER A 320 -24.30 15.07 7.92
C SER A 320 -24.91 14.16 6.82
N LEU A 321 -25.62 13.11 7.24
CA LEU A 321 -26.34 12.21 6.31
C LEU A 321 -27.72 12.80 6.01
N ASP A 322 -27.77 14.12 5.86
CA ASP A 322 -29.00 14.84 5.50
C ASP A 322 -29.62 14.59 4.12
N PHE A 323 -28.85 14.36 3.05
CA PHE A 323 -27.40 14.56 2.94
C PHE A 323 -27.02 15.95 2.46
N ALA A 324 -26.98 16.09 1.13
CA ALA A 324 -26.56 17.31 0.45
C ALA A 324 -27.32 18.57 0.87
N HIS A 325 -26.56 19.62 1.15
CA HIS A 325 -27.09 20.94 1.46
C HIS A 325 -26.51 22.12 0.65
N PRO A 326 -25.20 22.10 0.30
CA PRO A 326 -24.60 23.20 -0.48
C PRO A 326 -25.19 23.51 -1.87
N ALA A 327 -25.73 24.71 -2.05
CA ALA A 327 -26.21 25.15 -3.37
C ALA A 327 -25.05 25.68 -4.21
N TYR A 328 -24.84 25.10 -5.39
CA TYR A 328 -23.70 25.46 -6.25
C TYR A 328 -24.16 26.24 -7.48
N SER A 329 -23.31 27.16 -7.96
CA SER A 329 -23.66 27.95 -9.14
C SER A 329 -23.56 27.10 -10.40
N ALA A 330 -24.14 27.60 -11.49
CA ALA A 330 -23.99 26.99 -12.80
C ALA A 330 -22.56 26.90 -13.28
N ARG A 331 -21.82 28.02 -13.18
CA ARG A 331 -20.44 28.09 -13.63
C ARG A 331 -19.62 27.03 -12.88
N GLU A 332 -19.94 26.86 -11.60
CA GLU A 332 -19.37 25.84 -10.71
C GLU A 332 -19.82 24.42 -11.07
N GLN A 333 -21.12 24.24 -11.31
CA GLN A 333 -21.66 22.91 -11.59
C GLN A 333 -21.11 22.35 -12.88
N GLN A 334 -20.72 23.26 -13.77
CA GLN A 334 -20.13 22.84 -15.03
C GLN A 334 -18.60 22.70 -14.91
N TRP A 335 -17.97 23.47 -14.02
CA TRP A 335 -16.54 23.26 -13.69
C TRP A 335 -16.34 21.85 -13.14
N MET A 336 -17.23 21.44 -12.25
CA MET A 336 -17.19 20.13 -11.63
C MET A 336 -17.37 19.06 -12.71
N ALA A 337 -18.17 19.40 -13.71
CA ALA A 337 -18.33 18.53 -14.86
C ALA A 337 -17.03 18.38 -15.65
N ASP A 338 -16.39 19.50 -15.96
CA ASP A 338 -15.21 19.49 -16.82
C ASP A 338 -13.97 18.95 -16.10
N HIS A 339 -14.00 18.96 -14.76
CA HIS A 339 -12.88 18.43 -13.96
C HIS A 339 -13.36 17.51 -12.86
N PRO A 340 -13.98 16.38 -13.22
CA PRO A 340 -14.56 15.54 -12.17
C PRO A 340 -13.52 15.02 -11.18
N VAL A 341 -12.24 14.99 -11.59
CA VAL A 341 -11.17 14.52 -10.72
C VAL A 341 -10.16 15.63 -10.37
N VAL A 342 -9.97 15.87 -9.07
CA VAL A 342 -9.11 16.93 -8.54
C VAL A 342 -7.89 16.38 -7.82
N LYS A 343 -6.69 16.84 -8.20
CA LYS A 343 -5.47 16.29 -7.65
C LYS A 343 -4.91 17.11 -6.46
N VAL A 344 -4.82 16.44 -5.30
CA VAL A 344 -4.47 17.06 -4.05
C VAL A 344 -3.04 16.74 -3.60
N ALA A 345 -2.23 17.77 -3.36
CA ALA A 345 -0.86 17.53 -2.95
C ALA A 345 -0.79 17.59 -1.45
N VAL A 346 -0.16 16.60 -0.83
CA VAL A 346 -0.02 16.60 0.62
C VAL A 346 1.38 16.22 1.02
N LEU A 347 1.77 16.60 2.23
CA LEU A 347 3.04 16.15 2.80
C LEU A 347 2.93 14.71 3.33
N ASN A 348 3.98 13.93 3.08
CA ASN A 348 4.01 12.51 3.42
C ASN A 348 4.06 12.19 4.92
N LEU A 349 4.67 13.07 5.68
CA LEU A 349 4.90 12.84 7.10
C LEU A 349 4.47 14.07 7.86
N PHE A 350 3.18 14.40 7.75
CA PHE A 350 2.62 15.56 8.47
C PHE A 350 1.51 15.07 9.40
N ALA A 351 1.85 14.32 10.43
CA ALA A 351 0.80 13.74 11.24
C ALA A 351 0.43 14.83 12.22
N PRO A 352 -0.80 14.81 12.74
CA PRO A 352 -1.91 13.95 12.35
C PRO A 352 -2.75 14.62 11.26
N PHE A 353 -2.13 15.48 10.45
CA PHE A 353 -2.91 16.20 9.46
C PHE A 353 -2.96 15.52 8.09
N THR A 354 -1.82 15.34 7.45
CA THR A 354 -1.81 14.51 6.26
C THR A 354 -0.73 13.47 6.47
N LEU A 355 -1.09 12.21 6.31
CA LEU A 355 -0.06 11.20 6.39
C LEU A 355 -0.50 10.02 5.58
N PHE A 356 0.38 9.03 5.47
CA PHE A 356 0.01 7.75 4.90
C PHE A 356 0.24 6.72 5.98
N ARG A 357 -0.77 5.92 6.27
CA ARG A 357 -0.73 5.00 7.42
C ARG A 357 -0.08 3.70 7.02
N THR A 358 -0.17 2.68 7.87
CA THR A 358 0.44 1.38 7.55
C THR A 358 -0.10 0.73 6.26
N ASP A 359 -1.34 1.02 5.89
CA ASP A 359 -1.96 0.50 4.65
C ASP A 359 -1.33 1.01 3.36
N GLU A 360 -0.42 1.97 3.48
CA GLU A 360 0.01 2.82 2.36
C GLU A 360 -1.18 3.71 1.91
N GLN A 361 -2.18 3.81 2.78
CA GLN A 361 -3.40 4.57 2.53
C GLN A 361 -3.36 5.98 3.14
N PHE A 362 -4.01 6.94 2.48
CA PHE A 362 -4.06 8.34 2.92
C PHE A 362 -4.86 8.47 4.22
N GLY A 363 -4.26 9.13 5.21
CA GLY A 363 -4.86 9.21 6.53
C GLY A 363 -4.49 10.51 7.21
N GLY A 364 -5.17 10.83 8.29
CA GLY A 364 -4.93 12.06 9.00
C GLY A 364 -6.20 12.88 9.01
N ILE A 365 -6.22 13.91 9.86
CA ILE A 365 -7.33 14.84 9.95
C ILE A 365 -7.78 15.30 8.59
N SER A 366 -6.84 15.63 7.73
CA SER A 366 -7.19 16.15 6.43
C SER A 366 -7.87 15.13 5.57
N ALA A 367 -7.43 13.89 5.61
CA ALA A 367 -8.04 12.87 4.77
C ALA A 367 -9.51 12.67 5.15
N ALA A 368 -9.79 12.76 6.44
CA ALA A 368 -11.15 12.68 6.94
C ALA A 368 -11.96 13.83 6.41
N VAL A 369 -11.34 15.01 6.39
CA VAL A 369 -12.00 16.22 5.97
C VAL A 369 -12.27 16.19 4.47
N LEU A 370 -11.31 15.69 3.70
CA LEU A 370 -11.48 15.53 2.25
C LEU A 370 -12.52 14.46 1.97
N GLN A 371 -12.56 13.43 2.81
CA GLN A 371 -13.55 12.38 2.73
C GLN A 371 -14.90 13.06 2.82
N LEU A 372 -15.03 14.00 3.75
CA LEU A 372 -16.26 14.78 3.87
C LEU A 372 -16.51 15.68 2.67
N LEU A 373 -15.47 16.33 2.17
CA LEU A 373 -15.57 17.21 1.02
C LEU A 373 -16.09 16.47 -0.19
N GLN A 374 -15.63 15.23 -0.41
CA GLN A 374 -16.16 14.39 -1.48
C GLN A 374 -17.68 14.24 -1.37
N LEU A 375 -18.10 13.77 -0.20
CA LEU A 375 -19.49 13.48 0.13
C LEU A 375 -20.35 14.71 -0.13
N ARG A 376 -19.83 15.89 0.20
CA ARG A 376 -20.57 17.13 0.03
C ARG A 376 -20.56 17.65 -1.41
N THR A 377 -19.49 17.35 -2.17
CA THR A 377 -19.36 17.92 -3.52
C THR A 377 -19.41 16.92 -4.65
N GLY A 378 -19.14 15.65 -4.36
CA GLY A 378 -19.12 14.67 -5.43
C GLY A 378 -17.89 14.72 -6.33
N LEU A 379 -16.92 15.54 -5.96
CA LEU A 379 -15.64 15.49 -6.64
C LEU A 379 -14.93 14.17 -6.31
N ASP A 380 -13.98 13.76 -7.14
CA ASP A 380 -13.11 12.65 -6.79
C ASP A 380 -11.72 13.20 -6.50
N PHE A 381 -11.26 13.09 -5.26
CA PHE A 381 -9.93 13.59 -4.97
C PHE A 381 -8.87 12.51 -5.19
N GLU A 382 -7.82 12.86 -5.91
CA GLU A 382 -6.69 11.96 -6.05
C GLU A 382 -5.49 12.53 -5.30
N ILE A 383 -4.88 11.69 -4.48
CA ILE A 383 -3.90 12.19 -3.55
C ILE A 383 -2.51 11.92 -4.06
N ILE A 384 -1.73 13.00 -4.12
CA ILE A 384 -0.35 12.95 -4.54
C ILE A 384 0.47 13.31 -3.34
N GLY A 385 1.31 12.38 -2.91
CA GLY A 385 2.12 12.65 -1.74
C GLY A 385 3.51 13.05 -2.14
N VAL A 386 3.95 14.22 -1.65
CA VAL A 386 5.30 14.73 -1.89
C VAL A 386 6.03 14.87 -0.52
N ASP A 387 7.37 14.88 -0.52
CA ASP A 387 8.10 14.93 0.75
C ASP A 387 8.23 16.33 1.35
N THR A 388 8.42 17.36 0.52
CA THR A 388 8.66 18.69 1.10
C THR A 388 7.67 19.77 0.67
N VAL A 389 7.71 20.88 1.40
CA VAL A 389 6.84 22.01 1.10
C VAL A 389 7.16 22.65 -0.26
N GLU A 390 8.46 22.75 -0.54
CA GLU A 390 8.96 23.37 -1.76
C GLU A 390 8.45 22.56 -2.93
N GLU A 391 8.60 21.26 -2.75
CA GLU A 391 8.18 20.26 -3.69
C GLU A 391 6.67 20.32 -3.89
N LEU A 392 5.94 20.54 -2.78
CA LEU A 392 4.48 20.58 -2.80
C LEU A 392 3.99 21.73 -3.64
N ILE A 393 4.50 22.92 -3.32
CA ILE A 393 4.12 24.15 -4.01
C ILE A 393 4.54 24.06 -5.47
N ALA A 394 5.69 23.40 -5.69
CA ALA A 394 6.19 23.18 -7.02
C ALA A 394 5.08 22.59 -7.87
N LYS A 395 4.46 21.52 -7.35
CA LYS A 395 3.38 20.83 -8.04
C LYS A 395 2.12 21.67 -8.15
N LEU A 396 1.95 22.60 -7.22
CA LEU A 396 0.77 23.48 -7.19
C LEU A 396 0.82 24.56 -8.30
N ARG A 397 1.98 25.21 -8.44
CA ARG A 397 2.23 26.16 -9.54
C ARG A 397 2.26 25.49 -10.93
N SER A 398 2.91 24.33 -11.02
CA SER A 398 3.09 23.60 -12.29
C SER A 398 1.80 22.97 -12.82
N GLY A 399 0.78 22.90 -11.96
CA GLY A 399 -0.51 22.36 -12.35
C GLY A 399 -0.59 20.85 -12.28
N GLU A 400 0.48 20.19 -11.81
CA GLU A 400 0.42 18.76 -11.57
C GLU A 400 -0.64 18.49 -10.55
N ALA A 401 -0.71 19.37 -9.56
CA ALA A 401 -1.73 19.34 -8.53
C ALA A 401 -2.68 20.54 -8.62
N ASP A 402 -3.98 20.29 -8.44
CA ASP A 402 -4.97 21.35 -8.44
C ASP A 402 -5.09 22.10 -7.10
N MET A 403 -4.88 21.39 -5.98
CA MET A 403 -5.05 21.97 -4.65
C MET A 403 -4.15 21.31 -3.60
N ALA A 404 -3.90 22.05 -2.51
CA ALA A 404 -3.19 21.50 -1.36
C ALA A 404 -4.16 20.92 -0.35
N GLY A 405 -3.80 19.76 0.22
CA GLY A 405 -4.62 19.10 1.23
C GLY A 405 -4.57 19.80 2.56
N ALA A 406 -3.36 20.25 2.90
CA ALA A 406 -3.16 21.00 4.13
C ALA A 406 -1.92 21.86 4.06
N LEU A 407 -2.12 23.17 4.11
CA LEU A 407 -1.04 24.16 4.20
C LEU A 407 -1.31 25.13 5.36
N PHE A 408 -0.27 25.60 6.03
CA PHE A 408 -0.48 26.66 7.00
C PHE A 408 -0.86 27.94 6.27
N VAL A 409 -1.88 28.63 6.73
CA VAL A 409 -2.18 29.95 6.19
C VAL A 409 -0.94 30.84 6.33
N ASN A 410 -0.62 31.55 5.26
CA ASN A 410 0.68 32.24 5.13
C ASN A 410 0.58 33.57 4.37
N SER A 411 0.93 34.67 5.04
CA SER A 411 0.83 36.00 4.43
C SER A 411 1.74 36.20 3.23
N ALA A 412 2.89 35.53 3.26
CA ALA A 412 3.88 35.62 2.20
C ALA A 412 3.38 35.10 0.87
N ARG A 413 2.80 33.91 0.95
CA ARG A 413 2.34 33.17 -0.21
C ARG A 413 1.01 33.64 -0.80
N GLU A 414 0.29 34.49 -0.07
CA GLU A 414 -1.03 34.93 -0.53
C GLU A 414 -0.98 35.74 -1.83
N SER A 415 0.21 36.19 -2.22
CA SER A 415 0.44 36.75 -3.56
C SER A 415 0.11 35.74 -4.68
N PHE A 416 0.58 34.49 -4.55
CA PHE A 416 0.33 33.51 -5.61
C PHE A 416 -0.57 32.35 -5.18
N LEU A 417 -0.80 32.22 -3.87
CA LEU A 417 -1.65 31.15 -3.34
C LEU A 417 -2.91 31.72 -2.75
N SER A 418 -3.99 30.95 -2.84
CA SER A 418 -5.25 31.32 -2.23
C SER A 418 -5.57 30.25 -1.17
N PHE A 419 -5.98 30.67 0.03
CA PHE A 419 -6.29 29.72 1.10
C PHE A 419 -7.77 29.58 1.38
N SER A 420 -8.16 28.37 1.72
CA SER A 420 -9.52 28.07 2.12
C SER A 420 -9.85 28.59 3.53
N ARG A 421 -11.10 28.43 3.94
CA ARG A 421 -11.50 28.61 5.33
C ARG A 421 -10.69 27.60 6.11
N PRO A 422 -10.08 27.98 7.22
CA PRO A 422 -9.30 26.99 7.96
C PRO A 422 -10.20 25.88 8.54
N TYR A 423 -9.68 24.67 8.74
CA TYR A 423 -10.49 23.63 9.37
C TYR A 423 -9.78 23.07 10.59
N VAL A 424 -8.56 23.53 10.81
CA VAL A 424 -7.86 23.34 12.08
C VAL A 424 -7.31 24.68 12.45
N ARG A 425 -7.60 25.11 13.67
CA ARG A 425 -7.02 26.32 14.20
C ARG A 425 -6.38 25.93 15.53
N ASN A 426 -5.08 26.11 15.61
CA ASN A 426 -4.34 25.60 16.75
C ASN A 426 -3.14 26.47 17.16
N GLY A 427 -2.94 26.69 18.46
CA GLY A 427 -1.84 27.52 18.88
C GLY A 427 -0.51 26.78 18.86
N MET A 428 0.62 27.50 18.95
CA MET A 428 1.89 26.82 18.75
C MET A 428 2.76 26.67 19.98
N VAL A 429 3.66 25.70 19.93
CA VAL A 429 4.46 25.29 21.08
C VAL A 429 5.88 24.94 20.66
N ILE A 430 6.80 24.93 21.63
CA ILE A 430 8.15 24.47 21.35
C ILE A 430 8.43 23.13 22.00
N VAL A 431 9.00 22.22 21.22
CA VAL A 431 9.38 20.93 21.73
C VAL A 431 10.91 20.91 21.89
N THR A 432 11.36 20.52 23.08
CA THR A 432 12.79 20.41 23.36
C THR A 432 13.04 18.97 23.74
N ARG A 433 14.30 18.58 23.84
CA ARG A 433 14.58 17.27 24.39
C ARG A 433 14.27 17.25 25.88
N GLN A 434 14.40 16.07 26.47
CA GLN A 434 14.20 15.86 27.89
C GLN A 434 15.54 15.69 28.60
N ASP A 435 16.40 16.69 28.35
CA ASP A 435 17.65 16.92 29.07
C ASP A 435 17.40 17.97 30.12
N PRO A 436 18.30 18.10 31.10
CA PRO A 436 18.28 19.30 31.93
C PRO A 436 18.67 20.55 31.14
N ASP A 437 19.45 20.39 30.07
CA ASP A 437 19.94 21.53 29.28
C ASP A 437 18.83 22.21 28.51
N ALA A 438 17.79 21.46 28.20
CA ALA A 438 16.72 21.96 27.35
C ALA A 438 16.08 23.22 27.89
N PRO A 439 15.72 24.14 27.00
CA PRO A 439 15.01 25.37 27.36
C PRO A 439 13.75 25.09 28.19
N VAL A 440 13.61 25.81 29.29
CA VAL A 440 12.51 25.56 30.22
C VAL A 440 11.13 25.89 29.65
N ASP A 441 11.10 26.99 28.90
CA ASP A 441 9.92 27.51 28.23
C ASP A 441 10.37 28.45 27.13
N ALA A 442 9.44 29.00 26.37
CA ALA A 442 9.83 29.80 25.20
C ALA A 442 10.49 31.13 25.58
N ASP A 443 10.33 31.57 26.81
CA ASP A 443 10.95 32.83 27.22
C ASP A 443 12.44 32.64 27.49
N HIS A 444 12.85 31.38 27.58
CA HIS A 444 14.22 31.06 27.89
C HIS A 444 14.91 30.47 26.67
N LEU A 445 14.66 31.09 25.52
CA LEU A 445 15.26 30.65 24.25
C LEU A 445 16.45 31.52 23.87
N ASP A 446 16.78 32.50 24.71
CA ASP A 446 17.92 33.39 24.47
C ASP A 446 19.20 32.61 24.13
N GLY A 447 19.65 32.74 22.89
CA GLY A 447 20.87 32.12 22.44
C GLY A 447 20.72 30.64 22.13
N ARG A 448 19.50 30.15 22.18
CA ARG A 448 19.28 28.77 21.84
C ARG A 448 18.90 28.62 20.36
N THR A 449 19.18 27.45 19.79
CA THR A 449 18.75 27.16 18.42
C THR A 449 17.37 26.53 18.35
N VAL A 450 16.52 27.09 17.50
CA VAL A 450 15.15 26.62 17.33
C VAL A 450 14.89 26.23 15.90
N ALA A 451 14.53 24.96 15.68
CA ALA A 451 14.27 24.49 14.34
C ALA A 451 12.86 24.89 13.89
N LEU A 452 12.78 25.39 12.66
CA LEU A 452 11.52 25.66 12.00
C LEU A 452 11.64 25.11 10.61
N VAL A 453 10.53 25.09 9.87
CA VAL A 453 10.55 24.64 8.49
C VAL A 453 10.90 25.82 7.60
N ARG A 454 11.83 25.60 6.67
CA ARG A 454 12.31 26.61 5.71
C ARG A 454 11.16 27.31 5.02
N ASN A 455 11.22 28.64 5.03
CA ASN A 455 10.20 29.54 4.47
C ASN A 455 8.84 29.37 5.12
N SER A 456 8.84 28.97 6.39
CA SER A 456 7.59 28.86 7.14
C SER A 456 7.12 30.24 7.51
N ALA A 457 5.81 30.43 7.44
CA ALA A 457 5.20 31.70 7.84
C ALA A 457 5.55 32.02 9.28
N ALA A 458 5.85 30.97 10.06
CA ALA A 458 6.19 31.10 11.48
C ALA A 458 7.51 31.83 11.76
N ILE A 459 8.49 31.63 10.89
CA ILE A 459 9.82 32.12 11.19
C ILE A 459 9.86 33.61 11.51
N PRO A 460 9.39 34.50 10.60
CA PRO A 460 9.41 35.94 10.90
C PRO A 460 8.76 36.30 12.22
N LEU A 461 7.51 35.85 12.40
CA LEU A 461 6.74 36.15 13.60
C LEU A 461 7.48 35.76 14.87
N LEU A 462 8.20 34.64 14.81
CA LEU A 462 8.96 34.13 15.94
C LEU A 462 10.15 35.01 16.28
N GLN A 463 10.96 35.35 15.28
CA GLN A 463 12.14 36.15 15.57
C GLN A 463 11.76 37.62 15.83
N ARG A 464 10.51 37.98 15.54
CA ARG A 464 10.02 39.30 15.90
C ARG A 464 9.74 39.32 17.42
N ARG A 465 9.10 38.25 17.89
CA ARG A 465 8.73 38.07 19.29
C ARG A 465 9.87 37.55 20.16
N TYR A 466 10.69 36.70 19.57
CA TYR A 466 11.76 36.07 20.33
C TYR A 466 13.06 36.36 19.59
N PRO A 467 13.53 37.63 19.69
CA PRO A 467 14.60 38.12 18.82
C PRO A 467 15.97 37.52 19.13
N GLN A 468 16.26 37.18 20.38
CA GLN A 468 17.52 36.50 20.71
C GLN A 468 17.58 35.01 20.32
N ALA A 469 16.48 34.49 19.78
CA ALA A 469 16.39 33.09 19.43
C ALA A 469 17.02 32.85 18.06
N LYS A 470 17.78 31.77 17.96
CA LYS A 470 18.52 31.46 16.74
C LYS A 470 17.87 30.42 15.85
N VAL A 471 17.20 30.86 14.79
CA VAL A 471 16.52 29.95 13.87
C VAL A 471 17.48 29.08 13.03
N VAL A 472 17.17 27.80 12.90
CA VAL A 472 17.82 26.87 11.97
C VAL A 472 16.71 26.21 11.20
N THR A 473 16.89 25.92 9.91
CA THR A 473 15.73 25.40 9.16
C THR A 473 15.96 23.95 8.68
N ALA A 474 14.85 23.27 8.40
CA ALA A 474 14.85 21.95 7.79
C ALA A 474 13.75 21.87 6.72
N ASP A 475 13.79 20.83 5.90
CA ASP A 475 12.96 20.74 4.70
C ASP A 475 11.49 20.52 4.93
N ASN A 476 11.13 19.70 5.91
CA ASN A 476 9.73 19.36 6.19
C ASN A 476 9.50 19.28 7.71
N PRO A 477 8.22 19.22 8.17
CA PRO A 477 8.02 19.14 9.62
C PRO A 477 8.63 17.90 10.30
N SER A 478 8.66 16.75 9.65
CA SER A 478 9.24 15.59 10.32
C SER A 478 10.74 15.81 10.55
N GLU A 479 11.43 16.41 9.59
CA GLU A 479 12.87 16.69 9.68
C GLU A 479 13.20 17.73 10.71
N ALA A 480 12.34 18.73 10.79
CA ALA A 480 12.47 19.78 11.76
C ALA A 480 12.37 19.24 13.18
N MET A 481 11.55 18.24 13.37
CA MET A 481 11.36 17.77 14.71
C MET A 481 12.55 16.91 15.09
N LEU A 482 12.96 16.07 14.14
CA LEU A 482 14.07 15.14 14.34
C LEU A 482 15.37 15.90 14.65
N MET A 483 15.50 17.12 14.14
CA MET A 483 16.64 17.96 14.49
C MET A 483 16.79 18.07 16.01
N VAL A 484 15.68 18.24 16.73
CA VAL A 484 15.74 18.27 18.19
C VAL A 484 16.08 16.88 18.73
N ALA A 485 15.49 15.85 18.16
CA ALA A 485 15.76 14.51 18.61
C ALA A 485 17.25 14.16 18.45
N ASN A 486 17.84 14.60 17.34
CA ASN A 486 19.24 14.27 17.00
C ASN A 486 20.25 15.04 17.80
N GLY A 487 19.93 16.29 18.12
CA GLY A 487 20.83 17.16 18.85
C GLY A 487 21.21 18.38 18.02
N GLN A 488 20.62 18.50 16.83
CA GLN A 488 20.93 19.60 15.91
C GLN A 488 20.18 20.89 16.19
N ALA A 489 19.21 20.83 17.09
CA ALA A 489 18.46 22.00 17.46
C ALA A 489 18.08 21.87 18.93
N ASP A 490 17.89 23.00 19.61
CA ASP A 490 17.61 22.93 21.04
C ASP A 490 16.12 22.77 21.21
N ALA A 491 15.37 23.30 20.24
CA ALA A 491 13.93 23.23 20.25
C ALA A 491 13.39 23.30 18.81
N VAL A 492 12.13 22.92 18.65
CA VAL A 492 11.45 23.03 17.36
C VAL A 492 10.08 23.67 17.52
N VAL A 493 9.66 24.44 16.52
CA VAL A 493 8.31 25.01 16.51
C VAL A 493 7.29 24.06 15.88
N GLN A 494 6.18 23.83 16.59
CA GLN A 494 5.08 22.97 16.14
C GLN A 494 3.70 23.48 16.53
N THR A 495 2.68 23.03 15.82
CA THR A 495 1.33 23.21 16.31
C THR A 495 1.26 22.44 17.62
N GLN A 496 0.46 22.92 18.56
CA GLN A 496 0.33 22.19 19.81
C GLN A 496 -0.21 20.79 19.56
N ILE A 497 -1.20 20.67 18.68
CA ILE A 497 -1.74 19.34 18.32
C ILE A 497 -0.66 18.38 17.84
N SER A 498 0.06 18.78 16.80
CA SER A 498 1.05 17.88 16.23
C SER A 498 2.12 17.49 17.26
N ALA A 499 2.66 18.47 17.99
CA ALA A 499 3.65 18.22 19.03
C ALA A 499 3.16 17.23 20.09
N SER A 500 1.98 17.52 20.62
CA SER A 500 1.30 16.69 21.61
C SER A 500 1.21 15.23 21.18
N TYR A 501 0.80 15.02 19.92
CA TYR A 501 0.71 13.71 19.25
C TYR A 501 2.03 12.96 19.23
N TYR A 502 3.01 13.50 18.50
CA TYR A 502 4.33 12.85 18.36
C TYR A 502 4.98 12.55 19.72
N VAL A 503 5.02 13.53 20.62
CA VAL A 503 5.73 13.39 21.88
C VAL A 503 5.24 12.22 22.73
N ASN A 504 3.93 12.11 22.91
CA ASN A 504 3.37 11.06 23.78
C ASN A 504 3.17 9.74 23.10
N ARG A 505 3.07 9.78 21.77
CA ARG A 505 2.84 8.58 21.01
C ARG A 505 4.17 7.85 20.72
N TYR A 506 5.16 8.57 20.18
CA TYR A 506 6.37 7.91 19.67
C TYR A 506 7.69 8.23 20.40
N PHE A 507 7.73 9.35 21.14
CA PHE A 507 8.96 9.84 21.77
C PHE A 507 8.86 9.96 23.29
N ALA A 508 8.05 9.10 23.92
CA ALA A 508 7.93 9.05 25.39
C ALA A 508 9.29 9.02 26.07
N GLY A 509 9.50 9.92 27.02
CA GLY A 509 10.77 9.99 27.72
C GLY A 509 11.96 10.53 26.94
N LYS A 510 11.75 10.95 25.68
CA LYS A 510 12.81 11.61 24.91
C LYS A 510 12.52 13.10 24.58
N LEU A 511 11.30 13.40 24.13
CA LEU A 511 10.87 14.77 23.84
C LEU A 511 9.80 15.21 24.84
N ARG A 512 9.56 16.51 24.92
CA ARG A 512 8.53 17.06 25.79
C ARG A 512 8.08 18.39 25.22
N ILE A 513 6.89 18.85 25.58
CA ILE A 513 6.48 20.20 25.21
C ILE A 513 6.89 21.16 26.32
N ALA A 514 7.76 22.11 26.00
CA ALA A 514 8.26 23.09 26.98
C ALA A 514 7.21 24.12 27.41
N SER A 515 6.65 24.87 26.45
CA SER A 515 5.61 25.86 26.73
C SER A 515 4.95 26.28 25.43
N ALA A 516 3.84 27.04 25.54
CA ALA A 516 3.22 27.63 24.36
C ALA A 516 4.08 28.75 23.82
N LEU A 517 3.85 29.15 22.57
CA LEU A 517 4.52 30.33 22.04
C LEU A 517 3.52 31.51 22.01
N ASP A 518 4.02 32.70 22.32
CA ASP A 518 3.22 33.92 22.27
C ASP A 518 3.11 34.45 20.85
N LEU A 519 2.70 33.57 19.95
CA LEU A 519 2.43 33.89 18.56
C LEU A 519 0.94 33.72 18.34
N PRO A 520 0.42 34.20 17.20
CA PRO A 520 -0.96 33.88 16.81
C PRO A 520 -1.11 32.39 16.55
N PRO A 521 -2.34 31.85 16.64
CA PRO A 521 -2.55 30.43 16.37
C PRO A 521 -2.29 30.09 14.91
N ALA A 522 -1.79 28.89 14.66
CA ALA A 522 -1.59 28.43 13.31
C ALA A 522 -2.95 28.09 12.71
N GLU A 523 -3.08 28.24 11.40
CA GLU A 523 -4.33 27.87 10.74
C GLU A 523 -4.02 26.92 9.61
N ILE A 524 -4.69 25.78 9.59
CA ILE A 524 -4.49 24.85 8.50
C ILE A 524 -5.67 24.92 7.52
N ALA A 525 -5.33 25.02 6.24
CA ALA A 525 -6.38 25.21 5.25
C ALA A 525 -6.12 24.45 3.94
N LEU A 526 -7.15 24.34 3.12
CA LEU A 526 -6.94 23.93 1.74
C LEU A 526 -6.31 25.09 0.98
N ALA A 527 -5.52 24.79 -0.03
CA ALA A 527 -4.94 25.84 -0.83
C ALA A 527 -5.03 25.54 -2.31
N THR A 528 -5.25 26.58 -3.10
CA THR A 528 -5.14 26.51 -4.55
C THR A 528 -4.26 27.65 -4.99
N THR A 529 -3.83 27.63 -6.25
CA THR A 529 -3.21 28.82 -6.84
C THR A 529 -4.28 29.89 -6.92
N ARG A 530 -3.85 31.15 -6.86
CA ARG A 530 -4.78 32.27 -6.73
C ARG A 530 -5.77 32.32 -7.88
N GLY A 531 -5.39 31.74 -9.01
CA GLY A 531 -6.29 31.64 -10.16
C GLY A 531 -7.45 30.66 -10.05
N GLN A 532 -7.22 29.50 -9.46
CA GLN A 532 -8.23 28.45 -9.44
C GLN A 532 -9.43 28.91 -8.62
N THR A 533 -10.36 29.65 -9.22
CA THR A 533 -11.37 30.33 -8.38
C THR A 533 -12.60 29.49 -8.18
N GLU A 534 -13.03 28.78 -9.21
CA GLU A 534 -14.23 27.95 -9.08
C GLU A 534 -13.95 26.81 -8.13
N LEU A 535 -12.72 26.31 -8.17
CA LEU A 535 -12.35 25.23 -7.28
C LEU A 535 -12.48 25.72 -5.85
N MET A 536 -11.81 26.83 -5.54
CA MET A 536 -11.79 27.36 -4.17
C MET A 536 -13.21 27.69 -3.68
N SER A 537 -14.01 28.24 -4.58
CA SER A 537 -15.35 28.63 -4.23
C SER A 537 -16.18 27.45 -3.80
N ILE A 538 -15.98 26.33 -4.49
CA ILE A 538 -16.71 25.12 -4.19
C ILE A 538 -16.23 24.54 -2.87
N LEU A 539 -14.91 24.50 -2.69
CA LEU A 539 -14.35 23.96 -1.46
C LEU A 539 -14.85 24.73 -0.26
N ASN A 540 -14.86 26.06 -0.33
CA ASN A 540 -15.32 26.87 0.79
C ASN A 540 -16.79 26.67 1.10
N LYS A 541 -17.59 26.47 0.06
CA LYS A 541 -19.01 26.26 0.23
C LYS A 541 -19.18 24.96 0.99
N ALA A 542 -18.44 23.94 0.57
CA ALA A 542 -18.46 22.63 1.23
C ALA A 542 -17.99 22.73 2.68
N LEU A 543 -16.86 23.41 2.91
CA LEU A 543 -16.28 23.54 4.24
C LEU A 543 -17.17 24.26 5.24
N TYR A 544 -17.94 25.23 4.79
CA TYR A 544 -18.91 25.90 5.65
C TYR A 544 -20.03 24.97 6.06
N SER A 545 -20.42 24.06 5.18
CA SER A 545 -21.50 23.09 5.48
C SER A 545 -21.04 22.02 6.49
N ILE A 546 -19.73 21.94 6.73
CA ILE A 546 -19.18 21.04 7.72
C ILE A 546 -19.29 21.71 9.08
N SER A 547 -20.05 21.09 9.98
CA SER A 547 -20.28 21.71 11.28
C SER A 547 -19.00 21.71 12.05
N ASN A 548 -18.83 22.74 12.88
CA ASN A 548 -17.67 22.82 13.72
C ASN A 548 -17.61 21.64 14.72
N ASP A 549 -18.74 20.99 14.99
CA ASP A 549 -18.82 19.75 15.80
C ASP A 549 -18.17 18.52 15.15
N GLU A 550 -18.35 18.36 13.86
CA GLU A 550 -17.73 17.23 13.19
C GLU A 550 -16.23 17.45 13.09
N LEU A 551 -15.79 18.67 12.81
CA LEU A 551 -14.34 18.92 12.79
C LEU A 551 -13.71 18.57 14.16
N ALA A 552 -14.35 18.98 15.24
CA ALA A 552 -13.88 18.71 16.58
C ALA A 552 -13.82 17.23 16.83
N SER A 553 -14.81 16.49 16.36
CA SER A 553 -14.81 15.05 16.51
C SER A 553 -13.62 14.42 15.82
N ILE A 554 -13.34 14.84 14.58
CA ILE A 554 -12.17 14.40 13.82
C ILE A 554 -10.82 14.76 14.48
N ILE A 555 -10.67 16.00 14.89
CA ILE A 555 -9.41 16.39 15.52
C ILE A 555 -9.11 15.57 16.81
N SER A 556 -10.09 15.37 17.69
CA SER A 556 -9.87 14.71 18.97
C SER A 556 -9.52 13.28 18.80
N ARG A 557 -10.14 12.63 17.84
CA ARG A 557 -9.83 11.24 17.62
C ARG A 557 -8.47 11.12 16.92
N TRP A 558 -8.02 12.20 16.29
CA TRP A 558 -6.67 12.15 15.72
C TRP A 558 -5.57 12.47 16.73
N ARG A 559 -5.80 13.45 17.60
CA ARG A 559 -4.87 13.67 18.68
C ARG A 559 -4.80 12.39 19.54
N GLY A 560 -5.98 11.85 19.82
CA GLY A 560 -6.09 10.63 20.57
C GLY A 560 -5.62 10.88 21.97
N SER A 561 -5.30 9.82 22.71
CA SER A 561 -4.94 9.99 24.12
C SER A 561 -3.59 9.41 24.56
N ASP A 562 -3.11 9.94 25.69
CA ASP A 562 -1.79 9.63 26.23
C ASP A 562 -1.84 8.29 26.96
N GLY A 563 -1.21 7.29 26.36
CA GLY A 563 -1.15 5.96 26.94
C GLY A 563 0.19 5.67 27.58
N ASP A 564 0.60 4.41 27.49
CA ASP A 564 1.87 3.94 28.05
C ASP A 564 2.62 3.15 27.00
N PRO A 565 3.20 3.86 26.01
CA PRO A 565 3.89 3.23 24.87
C PRO A 565 5.16 2.51 25.27
N ARG A 566 5.75 2.88 26.39
CA ARG A 566 7.06 2.34 26.75
C ARG A 566 6.86 0.91 27.24
N THR A 567 5.70 0.63 27.85
CA THR A 567 5.34 -0.75 28.23
C THR A 567 5.25 -1.71 27.06
N TRP A 568 4.63 -1.26 25.99
CA TRP A 568 4.35 -2.12 24.87
C TRP A 568 5.50 -2.15 23.84
N TYR A 569 6.41 -1.20 23.96
CA TYR A 569 7.67 -1.27 23.25
C TYR A 569 8.42 -2.41 23.91
N ALA A 570 8.37 -2.40 25.25
CA ALA A 570 9.00 -3.39 26.13
C ALA A 570 8.54 -4.84 25.96
N TYR A 571 7.24 -5.06 25.81
CA TYR A 571 6.68 -6.41 25.58
C TYR A 571 7.02 -6.92 24.19
N ARG A 572 6.96 -6.01 23.21
CA ARG A 572 7.23 -6.37 21.82
C ARG A 572 8.69 -6.80 21.59
N ASN A 573 9.63 -6.14 22.25
CA ASN A 573 11.03 -6.50 22.12
C ASN A 573 11.37 -7.78 22.86
N GLU A 574 10.72 -7.99 24.01
CA GLU A 574 10.94 -9.20 24.78
C GLU A 574 10.42 -10.43 24.04
N ILE A 575 9.35 -10.26 23.26
CA ILE A 575 8.80 -11.34 22.43
C ILE A 575 9.74 -11.72 21.30
N TYR A 576 10.32 -10.71 20.65
CA TYR A 576 11.30 -10.97 19.59
C TYR A 576 12.67 -11.46 20.11
N LEU A 577 13.07 -11.08 21.33
CA LEU A 577 14.32 -11.59 21.89
C LEU A 577 14.28 -13.09 22.24
N GLU A 578 13.15 -13.60 22.73
CA GLU A 578 13.01 -15.06 22.94
C GLU A 578 12.30 -15.71 21.75
N SER B 66 -11.41 50.62 11.43
CA SER B 66 -12.75 50.13 11.09
C SER B 66 -12.79 49.30 9.79
N GLN B 67 -13.21 48.03 9.92
CA GLN B 67 -13.35 47.09 8.79
C GLN B 67 -14.77 46.49 8.65
N GLU B 68 -15.32 46.48 7.44
CA GLU B 68 -16.66 45.92 7.27
C GLU B 68 -16.61 44.46 6.87
N LEU B 69 -17.54 43.67 7.43
CA LEU B 69 -17.62 42.24 7.16
C LEU B 69 -19.05 41.90 6.81
N THR B 70 -19.23 40.81 6.08
CA THR B 70 -20.56 40.28 5.75
C THR B 70 -20.91 39.06 6.61
N LEU B 71 -22.08 39.08 7.21
CA LEU B 71 -22.48 38.04 8.13
C LEU B 71 -22.96 36.72 7.51
N VAL B 72 -22.18 35.67 7.70
CA VAL B 72 -22.68 34.33 7.47
C VAL B 72 -22.90 33.69 8.85
N GLY B 73 -24.12 33.35 9.20
CA GLY B 73 -24.33 32.62 10.45
C GLY B 73 -25.41 31.58 10.32
N LYS B 74 -24.97 30.34 10.13
CA LYS B 74 -25.85 29.20 9.80
C LYS B 74 -26.81 29.36 8.63
N ALA B 75 -26.95 28.28 7.87
CA ALA B 75 -27.88 28.22 6.75
C ALA B 75 -29.33 28.52 7.15
N ALA B 76 -29.96 27.59 7.86
CA ALA B 76 -31.34 27.77 8.27
C ALA B 76 -31.51 28.39 9.66
N VAL B 77 -31.84 29.67 9.68
CA VAL B 77 -32.08 30.43 10.90
C VAL B 77 -33.52 30.25 11.38
N PRO B 78 -33.72 29.86 12.65
CA PRO B 78 -35.04 29.57 13.24
C PRO B 78 -36.00 30.77 13.37
N ASP B 79 -37.31 30.51 13.34
CA ASP B 79 -38.29 31.57 13.59
C ASP B 79 -38.80 31.50 15.01
N VAL B 80 -38.59 32.58 15.76
CA VAL B 80 -39.11 32.68 17.11
C VAL B 80 -40.36 33.54 17.19
N GLU B 81 -41.24 33.25 18.14
CA GLU B 81 -42.45 34.03 18.25
C GLU B 81 -42.12 35.35 18.91
N VAL B 82 -42.16 36.44 18.16
CA VAL B 82 -41.76 37.71 18.74
C VAL B 82 -42.98 38.59 18.87
N ALA B 83 -43.12 39.22 20.04
CA ALA B 83 -44.23 40.10 20.36
C ALA B 83 -43.72 41.52 20.50
N LEU B 84 -44.10 42.39 19.58
CA LEU B 84 -43.71 43.78 19.69
C LEU B 84 -44.82 44.82 19.51
N ASP B 85 -44.56 45.97 20.12
CA ASP B 85 -45.38 47.15 20.00
C ASP B 85 -45.52 47.45 18.52
N GLY B 86 -46.72 47.77 18.04
CA GLY B 86 -46.89 48.13 16.65
C GLY B 86 -46.00 49.34 16.31
N ASP B 87 -45.76 50.19 17.31
CA ASP B 87 -44.79 51.29 17.19
C ASP B 87 -43.35 50.81 17.12
N ASP B 88 -43.05 49.70 17.77
CA ASP B 88 -41.71 49.16 17.69
C ASP B 88 -41.41 48.61 16.27
N TRP B 89 -42.39 47.92 15.71
CA TRP B 89 -42.27 47.33 14.39
C TRP B 89 -42.02 48.36 13.28
N ARG B 90 -42.71 49.48 13.34
CA ARG B 90 -42.56 50.52 12.33
C ARG B 90 -41.24 51.27 12.48
N TRP B 91 -40.77 51.39 13.72
CA TRP B 91 -39.46 51.94 13.96
C TRP B 91 -38.40 51.10 13.29
N LEU B 92 -38.48 49.79 13.50
CA LEU B 92 -37.56 48.82 12.90
C LEU B 92 -37.62 48.91 11.39
N ALA B 93 -38.84 48.99 10.88
CA ALA B 93 -39.10 49.05 9.45
C ALA B 93 -38.37 50.19 8.75
N ARG B 94 -38.38 51.37 9.37
CA ARG B 94 -37.65 52.52 8.82
C ARG B 94 -36.14 52.37 9.01
N LYS B 95 -35.73 51.72 10.10
CA LYS B 95 -34.30 51.65 10.42
C LYS B 95 -33.52 50.84 9.39
N ARG B 96 -34.19 49.83 8.81
CA ARG B 96 -33.64 49.08 7.69
C ARG B 96 -32.47 48.19 8.08
N VAL B 97 -31.45 48.82 8.63
CA VAL B 97 -30.19 48.17 8.89
C VAL B 97 -29.85 48.13 10.37
N LEU B 98 -29.59 46.93 10.86
CA LEU B 98 -29.12 46.72 12.21
C LEU B 98 -27.63 46.46 12.13
N THR B 99 -26.82 47.28 12.78
CA THR B 99 -25.36 47.16 12.66
C THR B 99 -24.65 46.64 13.92
N LEU B 100 -24.02 45.46 13.81
CA LEU B 100 -23.27 44.86 14.91
C LEU B 100 -21.81 45.23 14.80
N GLY B 101 -21.18 45.58 15.90
CA GLY B 101 -19.75 45.88 15.89
C GLY B 101 -18.97 44.84 16.64
N VAL B 102 -17.88 44.38 16.06
CA VAL B 102 -17.04 43.36 16.71
C VAL B 102 -15.57 43.77 16.73
N TYR B 103 -14.78 43.12 17.55
CA TYR B 103 -13.48 43.66 17.93
C TYR B 103 -12.30 42.70 18.00
N ALA B 104 -11.17 43.35 18.26
CA ALA B 104 -9.81 42.85 18.09
C ALA B 104 -9.56 41.37 18.22
N PRO B 105 -9.38 40.83 19.45
CA PRO B 105 -8.59 39.60 19.43
C PRO B 105 -9.14 38.49 18.53
N ASP B 106 -10.47 38.37 18.46
CA ASP B 106 -11.17 37.29 17.75
C ASP B 106 -11.07 36.07 18.65
N ILE B 107 -12.09 35.84 19.49
CA ILE B 107 -12.01 34.79 20.50
C ILE B 107 -13.05 33.66 20.26
N PRO B 108 -12.66 32.58 19.55
CA PRO B 108 -13.60 31.50 19.23
C PRO B 108 -14.07 30.75 20.50
N PRO B 109 -15.33 30.26 20.52
CA PRO B 109 -16.24 30.16 19.36
C PRO B 109 -17.18 31.34 19.09
N PHE B 110 -17.03 32.45 19.78
CA PHE B 110 -17.97 33.54 19.59
C PHE B 110 -17.69 34.27 18.28
N ASP B 111 -16.45 34.70 18.12
CA ASP B 111 -16.00 35.49 16.98
C ASP B 111 -15.07 34.64 16.13
N VAL B 112 -15.46 34.44 14.87
CA VAL B 112 -14.59 33.79 13.88
C VAL B 112 -14.51 34.60 12.59
N THR B 113 -13.29 34.96 12.18
CA THR B 113 -13.09 35.79 11.00
C THR B 113 -12.28 35.09 9.91
N TYR B 114 -12.87 35.05 8.73
CA TYR B 114 -12.19 34.55 7.55
C TYR B 114 -12.52 35.40 6.36
N GLY B 115 -11.48 36.07 5.86
CA GLY B 115 -11.63 36.93 4.71
C GLY B 115 -12.50 38.11 5.06
N GLU B 116 -13.56 38.27 4.25
CA GLU B 116 -14.51 39.34 4.43
C GLU B 116 -15.74 38.85 5.17
N ARG B 117 -15.66 37.63 5.67
CA ARG B 117 -16.82 36.99 6.30
C ARG B 117 -16.68 36.94 7.81
N TYR B 118 -17.82 37.22 8.47
CA TYR B 118 -17.97 37.11 9.93
C TYR B 118 -18.87 35.93 10.29
N GLU B 119 -18.39 35.07 11.16
CA GLU B 119 -19.19 33.94 11.61
C GLU B 119 -18.83 33.63 13.07
N GLY B 120 -19.58 32.74 13.70
CA GLY B 120 -19.36 32.37 15.09
C GLY B 120 -20.66 32.33 15.86
N LEU B 121 -20.58 32.00 17.14
CA LEU B 121 -21.75 31.96 18.00
C LEU B 121 -22.47 33.30 18.09
N THR B 122 -21.73 34.40 18.22
CA THR B 122 -22.36 35.73 18.25
C THR B 122 -22.96 36.00 16.89
N ALA B 123 -22.30 35.55 15.84
CA ALA B 123 -22.80 35.75 14.50
C ALA B 123 -24.18 35.15 14.37
N ASP B 124 -24.32 33.94 14.89
CA ASP B 124 -25.54 33.15 14.81
C ASP B 124 -26.74 33.78 15.52
N TYR B 125 -26.51 34.40 16.67
CA TYR B 125 -27.59 35.08 17.35
C TYR B 125 -27.89 36.38 16.67
N MET B 126 -26.85 37.04 16.15
CA MET B 126 -27.04 38.24 15.34
C MET B 126 -27.95 37.91 14.14
N ALA B 127 -27.68 36.75 13.54
CA ALA B 127 -28.48 36.21 12.46
C ALA B 127 -29.93 35.99 12.90
N ILE B 128 -30.11 35.47 14.10
CA ILE B 128 -31.46 35.20 14.57
C ILE B 128 -32.23 36.49 14.83
N ILE B 129 -31.55 37.48 15.38
CA ILE B 129 -32.16 38.80 15.62
C ILE B 129 -32.50 39.53 14.33
N ALA B 130 -31.54 39.61 13.42
CA ALA B 130 -31.78 40.23 12.12
C ALA B 130 -32.92 39.56 11.36
N HIS B 131 -32.94 38.23 11.33
CA HIS B 131 -33.98 37.53 10.59
C HIS B 131 -35.41 37.71 11.11
N ASN B 132 -35.61 37.56 12.42
CA ASN B 132 -36.93 37.65 13.03
C ASN B 132 -37.45 39.08 13.20
N LEU B 133 -36.61 40.07 12.92
CA LEU B 133 -37.05 41.45 12.97
C LEU B 133 -37.10 42.10 11.58
N GLY B 134 -36.96 41.30 10.52
CA GLY B 134 -37.03 41.80 9.15
C GLY B 134 -35.98 42.83 8.83
N MET B 135 -34.83 42.70 9.51
CA MET B 135 -33.76 43.68 9.40
C MET B 135 -32.62 43.17 8.57
N GLN B 136 -31.97 44.11 7.89
CA GLN B 136 -30.72 43.82 7.22
C GLN B 136 -29.54 43.94 8.18
N ALA B 137 -28.73 42.88 8.23
CA ALA B 137 -27.62 42.86 9.16
C ALA B 137 -26.40 43.40 8.46
N LYS B 138 -25.68 44.24 9.17
CA LYS B 138 -24.39 44.72 8.71
C LYS B 138 -23.37 44.52 9.81
N VAL B 139 -22.12 44.31 9.44
CA VAL B 139 -21.08 44.14 10.44
C VAL B 139 -19.85 44.99 10.15
N LEU B 140 -19.40 45.75 11.14
CA LEU B 140 -18.10 46.44 11.08
C LEU B 140 -17.18 45.87 12.15
N ARG B 141 -15.90 45.69 11.84
CA ARG B 141 -15.00 45.13 12.85
C ARG B 141 -13.89 46.07 13.31
N TYR B 142 -13.75 46.23 14.63
CA TYR B 142 -12.86 47.25 15.15
C TYR B 142 -11.57 46.66 15.73
N PRO B 143 -10.45 47.32 15.45
CA PRO B 143 -9.10 46.93 15.85
C PRO B 143 -8.91 46.69 17.35
N THR B 144 -9.68 47.34 18.23
CA THR B 144 -9.60 47.07 19.67
C THR B 144 -10.98 47.13 20.35
N ARG B 145 -11.10 46.48 21.50
CA ARG B 145 -12.32 46.53 22.29
C ARG B 145 -12.68 47.97 22.68
N GLU B 146 -11.68 48.81 22.97
CA GLU B 146 -11.95 50.17 23.45
C GLU B 146 -12.39 51.10 22.33
N GLN B 147 -11.90 50.83 21.12
CA GLN B 147 -12.37 51.53 19.93
C GLN B 147 -13.80 51.14 19.56
N ALA B 148 -14.13 49.86 19.80
CA ALA B 148 -15.48 49.32 19.57
C ALA B 148 -16.49 49.96 20.51
N LEU B 149 -16.09 50.13 21.76
CA LEU B 149 -16.90 50.81 22.76
C LEU B 149 -17.26 52.24 22.31
N SER B 150 -16.28 52.95 21.72
CA SER B 150 -16.50 54.30 21.18
C SER B 150 -17.35 54.29 19.91
N ALA B 151 -17.20 53.22 19.12
CA ALA B 151 -18.02 53.03 17.94
C ALA B 151 -19.49 52.91 18.31
N LEU B 152 -19.75 52.37 19.50
CA LEU B 152 -21.11 52.25 20.04
C LEU B 152 -21.72 53.61 20.42
N GLU B 153 -20.90 54.43 21.08
CA GLU B 153 -21.25 55.79 21.52
C GLU B 153 -21.58 56.75 20.36
N SER B 154 -20.99 56.54 19.19
CA SER B 154 -21.13 57.50 18.08
C SER B 154 -22.53 57.77 17.44
N GLY B 155 -23.49 56.86 17.36
CA GLY B 155 -23.32 55.42 17.43
C GLY B 155 -23.32 55.00 15.98
N GLN B 156 -22.13 54.68 15.51
CA GLN B 156 -21.89 54.22 14.16
C GLN B 156 -22.52 52.84 14.00
N ILE B 157 -22.48 52.07 15.10
CA ILE B 157 -23.06 50.74 15.22
C ILE B 157 -24.13 50.70 16.31
N ASP B 158 -25.19 49.92 16.10
CA ASP B 158 -26.28 49.81 17.07
C ASP B 158 -25.99 48.80 18.22
N LEU B 159 -25.31 47.70 17.90
CA LEU B 159 -25.02 46.66 18.87
C LEU B 159 -23.55 46.37 18.92
N ILE B 160 -23.06 46.03 20.10
CA ILE B 160 -21.70 45.49 20.24
C ILE B 160 -21.82 44.00 20.58
N GLY B 161 -20.96 43.18 19.98
CA GLY B 161 -21.05 41.73 20.16
C GLY B 161 -20.14 41.16 21.22
N THR B 162 -20.57 40.04 21.80
CA THR B 162 -19.78 39.22 22.72
C THR B 162 -19.33 39.93 24.01
N VAL B 163 -20.22 40.71 24.62
CA VAL B 163 -19.87 41.33 25.91
C VAL B 163 -20.60 40.70 27.08
N ASN B 164 -19.90 40.57 28.20
CA ASN B 164 -20.46 39.94 29.38
C ASN B 164 -20.71 40.97 30.49
N GLY B 165 -20.76 40.50 31.73
CA GLY B 165 -21.08 41.32 32.89
C GLY B 165 -20.05 42.35 33.31
N THR B 166 -18.81 42.14 32.89
CA THR B 166 -17.72 43.00 33.27
C THR B 166 -17.47 44.14 32.26
N ASP B 167 -18.36 44.29 31.30
CA ASP B 167 -18.26 45.42 30.37
C ASP B 167 -19.44 46.39 30.46
N GLY B 168 -20.36 46.13 31.37
CA GLY B 168 -21.44 47.06 31.62
C GLY B 168 -22.06 47.19 33.00
N ARG B 169 -21.36 47.29 34.14
CA ARG B 169 -19.92 47.54 34.35
C ARG B 169 -19.25 48.64 33.51
N GLN B 170 -20.05 49.63 33.11
CA GLN B 170 -19.56 50.75 32.32
C GLN B 170 -20.51 51.91 32.58
N GLN B 171 -21.78 51.56 32.74
CA GLN B 171 -22.90 52.47 33.02
C GLN B 171 -23.19 53.30 31.77
N SER B 172 -22.18 53.42 30.92
CA SER B 172 -22.29 54.01 29.61
C SER B 172 -22.96 53.00 28.68
N LEU B 173 -23.09 51.77 29.18
CA LEU B 173 -23.61 50.68 28.36
C LEU B 173 -24.48 49.68 29.13
N ARG B 174 -25.51 49.22 28.43
CA ARG B 174 -26.50 48.32 28.99
C ARG B 174 -26.53 46.97 28.24
N LEU B 175 -26.74 45.89 28.98
CA LEU B 175 -26.59 44.54 28.45
C LEU B 175 -27.91 43.88 28.10
N SER B 176 -27.95 43.18 26.96
CA SER B 176 -29.11 42.37 26.61
C SER B 176 -29.16 41.09 27.44
N VAL B 177 -30.29 40.40 27.48
CA VAL B 177 -30.29 39.09 28.15
C VAL B 177 -29.28 38.20 27.42
N PRO B 178 -28.50 37.42 28.18
CA PRO B 178 -27.43 36.64 27.55
C PRO B 178 -27.99 35.68 26.51
N TYR B 179 -27.37 35.67 25.33
CA TYR B 179 -27.80 34.79 24.26
C TYR B 179 -27.08 33.45 24.37
N ALA B 180 -26.06 33.43 25.21
CA ALA B 180 -25.27 32.24 25.45
C ALA B 180 -25.02 32.17 26.92
N ALA B 181 -25.49 31.09 27.54
CA ALA B 181 -25.22 30.88 28.96
C ALA B 181 -23.72 30.73 29.10
N ASP B 182 -23.13 31.46 30.04
CA ASP B 182 -21.69 31.38 30.18
C ASP B 182 -21.20 31.87 31.55
N HIS B 183 -20.37 31.04 32.20
CA HIS B 183 -19.83 31.33 33.52
C HIS B 183 -18.35 30.99 33.59
N PRO B 184 -17.58 31.62 34.48
CA PRO B 184 -16.17 31.23 34.50
C PRO B 184 -15.96 29.84 35.15
N VAL B 185 -14.97 29.09 34.69
CA VAL B 185 -14.65 27.78 35.25
C VAL B 185 -13.20 27.67 35.72
N ILE B 186 -12.92 26.71 36.58
CA ILE B 186 -11.58 26.50 37.11
C ILE B 186 -10.96 25.27 36.49
N VAL B 187 -9.78 25.42 35.90
CA VAL B 187 -9.10 24.31 35.23
C VAL B 187 -7.78 23.98 35.93
N MET B 188 -7.50 22.68 36.13
CA MET B 188 -6.25 22.21 36.75
C MET B 188 -5.73 21.03 35.94
N PRO B 189 -4.45 20.65 36.13
CA PRO B 189 -3.85 19.50 35.45
C PRO B 189 -4.57 18.21 35.78
N ILE B 190 -4.31 17.18 35.00
CA ILE B 190 -5.04 15.92 35.16
C ILE B 190 -4.89 15.34 36.56
N GLY B 191 -3.68 15.46 37.09
CA GLY B 191 -3.39 14.86 38.37
C GLY B 191 -4.06 15.54 39.54
N ALA B 192 -4.16 16.87 39.47
CA ALA B 192 -4.68 17.66 40.58
C ALA B 192 -6.02 17.11 41.07
N ARG B 193 -6.12 16.98 42.39
CA ARG B 193 -7.35 16.57 43.07
C ARG B 193 -8.02 17.75 43.75
N HIS B 194 -9.35 17.72 43.76
CA HIS B 194 -10.24 18.74 44.34
C HIS B 194 -9.87 20.19 44.04
N VAL B 195 -10.86 21.05 44.15
CA VAL B 195 -10.60 22.48 44.06
C VAL B 195 -9.77 22.90 45.27
N PRO B 196 -8.82 23.82 45.08
CA PRO B 196 -8.33 24.47 46.30
C PRO B 196 -9.46 25.35 46.82
N ALA B 197 -10.35 24.77 47.64
CA ALA B 197 -11.44 25.50 48.25
C ALA B 197 -10.87 26.61 49.16
N SER B 198 -9.59 26.49 49.50
CA SER B 198 -8.80 27.51 50.19
C SER B 198 -8.64 28.80 49.36
N ASN B 199 -9.54 28.97 48.38
CA ASN B 199 -9.55 30.07 47.43
C ASN B 199 -8.22 30.16 46.70
N LEU B 200 -7.80 29.02 46.16
CA LEU B 200 -6.63 28.92 45.29
C LEU B 200 -5.34 29.54 45.86
N ALA B 201 -5.17 29.47 47.18
CA ALA B 201 -4.02 30.07 47.86
C ALA B 201 -2.70 29.43 47.45
N GLY B 202 -1.69 30.27 47.21
CA GLY B 202 -0.35 29.80 46.89
C GLY B 202 -0.21 29.33 45.46
N GLN B 203 -1.30 29.47 44.71
CA GLN B 203 -1.38 29.02 43.33
C GLN B 203 -0.97 30.05 42.31
N ARG B 204 -0.45 29.57 41.19
CA ARG B 204 -0.21 30.45 40.06
C ARG B 204 -1.44 30.40 39.14
N LEU B 205 -2.24 31.47 39.18
CA LEU B 205 -3.51 31.51 38.45
C LEU B 205 -3.38 32.18 37.10
N ALA B 206 -3.50 31.41 36.03
CA ALA B 206 -3.36 31.98 34.69
C ALA B 206 -4.71 32.40 34.10
N VAL B 207 -4.76 33.57 33.46
CA VAL B 207 -6.01 34.06 32.87
C VAL B 207 -5.76 34.75 31.54
N ASP B 208 -6.77 34.73 30.68
CA ASP B 208 -6.81 35.60 29.52
C ASP B 208 -6.89 37.05 30.00
N ILE B 209 -5.94 37.86 29.56
CA ILE B 209 -5.97 39.30 29.84
C ILE B 209 -7.30 39.91 29.37
N ASN B 210 -7.93 39.31 28.35
CA ASN B 210 -9.18 39.84 27.79
C ASN B 210 -10.43 39.36 28.49
N TYR B 211 -10.31 38.30 29.30
CA TYR B 211 -11.48 37.71 29.93
C TYR B 211 -11.99 38.51 31.13
N LEU B 212 -11.27 38.46 32.25
CA LEU B 212 -11.73 39.17 33.44
C LEU B 212 -10.81 40.32 33.81
N PRO B 213 -11.42 41.40 34.34
CA PRO B 213 -10.72 42.57 34.85
C PRO B 213 -9.85 42.24 36.04
N LYS B 214 -8.60 42.70 35.97
CA LYS B 214 -7.56 42.30 36.91
C LYS B 214 -7.98 42.30 38.36
N GLU B 215 -8.85 43.22 38.74
CA GLU B 215 -9.24 43.31 40.15
C GLU B 215 -10.47 42.46 40.53
N THR B 216 -11.20 41.92 39.54
CA THR B 216 -12.28 40.98 39.85
C THR B 216 -11.65 39.72 40.38
N LEU B 217 -10.58 39.30 39.73
CA LEU B 217 -9.83 38.13 40.13
C LEU B 217 -9.22 38.38 41.50
N ALA B 218 -8.54 39.52 41.62
CA ALA B 218 -7.80 39.89 42.83
C ALA B 218 -8.69 39.97 44.07
N ARG B 219 -9.92 40.45 43.88
CA ARG B 219 -10.89 40.50 44.94
C ARG B 219 -11.38 39.09 45.27
N ALA B 220 -11.57 38.26 44.24
CA ALA B 220 -12.14 36.94 44.44
C ALA B 220 -11.10 35.89 44.84
N TYR B 221 -9.86 36.08 44.39
CA TYR B 221 -8.76 35.16 44.69
C TYR B 221 -7.51 35.92 45.15
N PRO B 222 -7.58 36.54 46.34
CA PRO B 222 -6.56 37.48 46.82
C PRO B 222 -5.25 36.81 47.21
N GLN B 223 -5.32 35.54 47.62
CA GLN B 223 -4.12 34.77 47.99
C GLN B 223 -3.56 33.95 46.81
N ALA B 224 -4.05 34.25 45.61
CA ALA B 224 -3.59 33.57 44.41
C ALA B 224 -2.70 34.54 43.63
N THR B 225 -1.69 33.98 42.96
CA THR B 225 -0.77 34.74 42.13
C THR B 225 -1.20 34.80 40.70
N LEU B 226 -1.66 35.97 40.28
CA LEU B 226 -2.22 36.13 38.96
C LEU B 226 -1.11 36.21 37.92
N HIS B 227 -1.36 35.63 36.76
CA HIS B 227 -0.46 35.67 35.61
C HIS B 227 -1.27 35.83 34.33
N TYR B 228 -1.17 36.96 33.65
CA TYR B 228 -2.05 37.24 32.51
C TYR B 228 -1.37 36.85 31.22
N PHE B 229 -2.15 36.35 30.26
CA PHE B 229 -1.66 35.93 28.95
C PHE B 229 -2.48 36.59 27.87
N PRO B 230 -1.88 36.76 26.69
CA PRO B 230 -2.55 37.31 25.50
C PRO B 230 -3.88 36.65 25.12
N SER B 231 -4.03 35.37 25.41
CA SER B 231 -5.19 34.62 24.97
C SER B 231 -5.62 33.54 25.96
N SER B 232 -6.86 33.07 25.83
CA SER B 232 -7.33 31.99 26.67
C SER B 232 -6.50 30.72 26.44
N GLU B 233 -6.08 30.46 25.21
CA GLU B 233 -5.29 29.26 24.93
C GLU B 233 -3.94 29.25 25.60
N GLN B 234 -3.28 30.40 25.57
CA GLN B 234 -1.96 30.57 26.20
C GLN B 234 -2.00 30.37 27.71
N ALA B 235 -3.06 30.88 28.35
CA ALA B 235 -3.25 30.74 29.78
C ALA B 235 -3.37 29.30 30.14
N LEU B 236 -4.18 28.61 29.35
CA LEU B 236 -4.48 27.19 29.51
C LEU B 236 -3.28 26.33 29.18
N ALA B 237 -2.52 26.74 28.17
CA ALA B 237 -1.29 26.04 27.83
C ALA B 237 -0.37 26.02 29.03
N ALA B 238 -0.33 27.13 29.77
CA ALA B 238 0.52 27.29 30.94
C ALA B 238 0.27 26.23 31.99
N VAL B 239 -1.00 25.92 32.23
CA VAL B 239 -1.37 24.93 33.21
C VAL B 239 -0.98 23.55 32.71
N ALA B 240 -1.12 23.36 31.40
CA ALA B 240 -0.75 22.09 30.82
C ALA B 240 0.76 21.83 30.92
N TYR B 241 1.57 22.87 30.72
CA TYR B 241 3.01 22.68 30.53
C TYR B 241 3.84 23.21 31.71
N GLY B 242 3.19 23.52 32.82
CA GLY B 242 3.88 23.68 34.09
C GLY B 242 4.27 25.07 34.51
N GLN B 243 3.81 26.08 33.78
CA GLN B 243 4.16 27.48 34.05
C GLN B 243 3.08 28.15 34.92
N ALA B 244 1.98 27.43 35.13
CA ALA B 244 0.91 27.92 35.98
C ALA B 244 0.31 26.72 36.71
N ASP B 245 -0.45 26.95 37.76
CA ASP B 245 -1.00 25.83 38.54
C ASP B 245 -2.47 25.64 38.21
N VAL B 246 -3.15 26.77 37.96
CA VAL B 246 -4.60 26.84 37.69
C VAL B 246 -4.94 27.80 36.54
N PHE B 247 -6.04 27.51 35.83
CA PHE B 247 -6.58 28.39 34.79
C PHE B 247 -8.00 28.83 35.17
N ILE B 248 -8.30 30.12 35.01
CA ILE B 248 -9.69 30.58 35.12
C ILE B 248 -10.00 31.14 33.75
N GLY B 249 -11.14 30.71 33.21
CA GLY B 249 -11.51 31.18 31.90
C GLY B 249 -12.95 30.95 31.59
N ASP B 250 -13.31 31.42 30.41
CA ASP B 250 -14.66 31.40 29.90
C ASP B 250 -15.09 29.96 29.59
N ALA B 251 -16.25 29.56 30.12
CA ALA B 251 -16.71 28.16 30.05
C ALA B 251 -16.81 27.64 28.65
N LEU B 252 -17.34 28.46 27.76
CA LEU B 252 -17.52 28.05 26.39
C LEU B 252 -16.17 27.87 25.69
N THR B 253 -15.31 28.88 25.77
CA THR B 253 -14.05 28.80 25.03
C THR B 253 -13.13 27.77 25.64
N THR B 254 -13.24 27.54 26.95
CA THR B 254 -12.46 26.51 27.61
C THR B 254 -12.87 25.15 27.11
N SER B 255 -14.17 24.97 26.98
CA SER B 255 -14.75 23.73 26.53
C SER B 255 -14.25 23.38 25.14
N HIS B 256 -14.14 24.40 24.30
CA HIS B 256 -13.65 24.21 22.97
C HIS B 256 -12.21 23.75 23.00
N LEU B 257 -11.36 24.55 23.61
CA LEU B 257 -9.93 24.30 23.75
C LEU B 257 -9.63 22.95 24.35
N VAL B 258 -10.30 22.62 25.47
CA VAL B 258 -10.01 21.33 26.11
C VAL B 258 -10.46 20.14 25.22
N SER B 259 -11.70 20.12 24.70
CA SER B 259 -12.21 18.99 23.91
C SER B 259 -11.42 18.71 22.67
N GLN B 260 -10.95 19.78 22.05
CA GLN B 260 -10.29 19.66 20.77
C GLN B 260 -8.97 18.94 20.84
N SER B 261 -8.12 19.33 21.78
CA SER B 261 -6.78 18.76 21.86
C SER B 261 -6.08 18.85 23.20
N TYR B 262 -6.72 19.39 24.24
CA TYR B 262 -5.99 19.47 25.51
C TYR B 262 -6.54 18.55 26.58
N PHE B 263 -7.54 17.73 26.26
CA PHE B 263 -8.21 16.88 27.25
C PHE B 263 -7.29 15.88 27.96
N ASN B 264 -6.09 15.68 27.42
CA ASN B 264 -5.09 14.84 28.06
C ASN B 264 -4.26 15.57 29.08
N ASP B 265 -4.34 16.89 29.06
CA ASP B 265 -3.40 17.68 29.83
C ASP B 265 -4.12 18.37 30.99
N VAL B 266 -5.33 18.85 30.76
CA VAL B 266 -6.07 19.51 31.85
C VAL B 266 -7.53 19.07 31.92
N ARG B 267 -8.22 19.49 32.98
CA ARG B 267 -9.62 19.16 33.17
C ARG B 267 -10.31 20.31 33.88
N VAL B 268 -11.57 20.52 33.54
CA VAL B 268 -12.35 21.53 34.24
C VAL B 268 -12.82 20.93 35.56
N VAL B 269 -12.49 21.59 36.68
CA VAL B 269 -12.64 21.01 38.02
C VAL B 269 -13.81 21.56 38.84
N ALA B 270 -14.20 22.81 38.60
CA ALA B 270 -15.34 23.42 39.29
C ALA B 270 -15.68 24.76 38.69
N PRO B 271 -16.86 25.28 39.02
CA PRO B 271 -17.07 26.68 38.66
C PRO B 271 -16.25 27.62 39.54
N ALA B 272 -15.93 28.81 39.03
CA ALA B 272 -15.24 29.83 39.83
C ALA B 272 -16.27 30.78 40.44
N HIS B 273 -16.06 31.22 41.69
CA HIS B 273 -17.06 32.05 42.37
C HIS B 273 -16.88 33.52 41.97
N ILE B 274 -16.79 33.72 40.66
CA ILE B 274 -16.84 35.04 40.04
C ILE B 274 -18.07 35.19 39.14
N ALA B 275 -18.87 36.22 39.36
CA ALA B 275 -20.09 36.39 38.57
C ALA B 275 -19.86 37.21 37.33
N THR B 276 -20.10 36.58 36.18
CA THR B 276 -20.11 37.27 34.91
C THR B 276 -21.47 36.96 34.36
N GLY B 277 -21.95 37.82 33.49
CA GLY B 277 -23.20 37.49 32.83
C GLY B 277 -22.88 36.45 31.80
N GLY B 278 -23.92 35.84 31.23
CA GLY B 278 -23.68 35.07 30.03
C GLY B 278 -23.17 36.04 28.96
N GLU B 279 -22.98 35.56 27.74
CA GLU B 279 -22.56 36.48 26.71
C GLU B 279 -23.77 37.19 26.14
N SER B 280 -23.63 38.50 25.96
CA SER B 280 -24.73 39.34 25.54
C SER B 280 -24.31 40.28 24.43
N PHE B 281 -25.28 40.94 23.82
CA PHE B 281 -25.00 42.10 23.02
C PHE B 281 -25.11 43.30 23.95
N GLY B 282 -24.32 44.33 23.72
CA GLY B 282 -24.45 45.55 24.48
C GLY B 282 -24.99 46.68 23.61
N VAL B 283 -25.87 47.48 24.19
CA VAL B 283 -26.47 48.57 23.45
C VAL B 283 -26.19 49.85 24.22
N ARG B 284 -26.02 50.98 23.54
CA ARG B 284 -25.65 52.22 24.23
C ARG B 284 -26.72 52.59 25.25
N ALA B 285 -26.28 53.08 26.42
CA ALA B 285 -27.13 53.19 27.62
C ALA B 285 -28.49 53.86 27.44
N ASP B 286 -28.54 54.96 26.68
CA ASP B 286 -29.78 55.66 26.41
C ASP B 286 -30.69 54.90 25.45
N ASN B 287 -30.13 53.95 24.71
CA ASN B 287 -30.91 53.34 23.66
C ASN B 287 -31.84 52.29 24.25
N THR B 288 -32.85 52.73 24.97
CA THR B 288 -33.70 51.80 25.69
C THR B 288 -34.65 51.04 24.76
N ARG B 289 -34.95 51.63 23.60
CA ARG B 289 -35.84 51.01 22.61
C ARG B 289 -35.21 49.78 21.94
N LEU B 290 -33.93 49.91 21.55
CA LEU B 290 -33.26 48.79 20.88
C LEU B 290 -33.10 47.62 21.83
N LEU B 291 -32.79 47.91 23.08
CA LEU B 291 -32.70 46.87 24.10
C LEU B 291 -34.01 46.09 24.22
N ARG B 292 -35.13 46.80 24.11
CA ARG B 292 -36.43 46.16 24.20
C ARG B 292 -36.61 45.13 23.10
N VAL B 293 -36.42 45.56 21.85
CA VAL B 293 -36.66 44.69 20.70
C VAL B 293 -35.64 43.56 20.54
N VAL B 294 -34.39 43.78 20.92
CA VAL B 294 -33.44 42.68 20.93
C VAL B 294 -33.84 41.63 21.97
N ASN B 295 -34.10 42.06 23.19
CA ASN B 295 -34.51 41.17 24.26
C ASN B 295 -35.82 40.48 23.91
N ALA B 296 -36.66 41.17 23.15
CA ALA B 296 -37.90 40.58 22.68
C ALA B 296 -37.61 39.28 21.97
N VAL B 297 -36.62 39.30 21.07
CA VAL B 297 -36.20 38.12 20.31
C VAL B 297 -35.49 37.06 21.16
N LEU B 298 -34.44 37.46 21.87
CA LEU B 298 -33.56 36.57 22.65
C LEU B 298 -34.32 35.71 23.67
N GLU B 299 -35.24 36.36 24.40
CA GLU B 299 -36.12 35.69 25.36
C GLU B 299 -36.99 34.61 24.67
N ALA B 300 -37.33 34.85 23.40
CA ALA B 300 -38.19 33.92 22.65
C ALA B 300 -37.46 32.72 22.11
N ILE B 301 -36.13 32.78 22.09
CA ILE B 301 -35.32 31.66 21.68
C ILE B 301 -35.49 30.57 22.73
N PRO B 302 -36.04 29.41 22.31
CA PRO B 302 -36.24 28.29 23.23
C PRO B 302 -34.92 27.66 23.69
N PRO B 303 -34.94 26.97 24.84
CA PRO B 303 -33.68 26.37 25.23
C PRO B 303 -33.15 25.32 24.24
N SER B 304 -34.03 24.62 23.52
CA SER B 304 -33.59 23.65 22.50
C SER B 304 -32.68 24.30 21.45
N GLU B 305 -33.00 25.52 21.04
CA GLU B 305 -32.15 26.26 20.11
C GLU B 305 -30.84 26.75 20.77
N HIS B 306 -30.89 27.18 22.04
CA HIS B 306 -29.67 27.55 22.78
C HIS B 306 -28.74 26.36 22.82
N ARG B 307 -29.30 25.21 23.16
CA ARG B 307 -28.55 23.94 23.21
C ARG B 307 -28.04 23.49 21.85
N SER B 308 -28.90 23.56 20.84
CA SER B 308 -28.56 23.06 19.52
C SER B 308 -27.34 23.77 19.01
N LEU B 309 -27.33 25.10 19.13
CA LEU B 309 -26.20 25.90 18.69
C LEU B 309 -24.92 25.56 19.46
N ILE B 310 -25.04 25.31 20.76
CA ILE B 310 -23.88 24.96 21.57
C ILE B 310 -23.27 23.65 21.09
N TYR B 311 -24.09 22.64 20.77
CA TYR B 311 -23.59 21.37 20.23
C TYR B 311 -22.86 21.57 18.91
N ARG B 312 -23.40 22.45 18.07
CA ARG B 312 -22.87 22.67 16.74
C ARG B 312 -21.46 23.23 16.77
N TRP B 313 -21.17 24.16 17.69
CA TRP B 313 -19.82 24.72 17.81
C TRP B 313 -18.88 23.78 18.61
N GLY B 314 -19.38 22.57 18.89
CA GLY B 314 -18.63 21.51 19.51
C GLY B 314 -18.46 21.67 21.02
N LEU B 315 -19.36 22.43 21.63
CA LEU B 315 -19.22 22.76 23.04
C LEU B 315 -20.12 21.87 23.88
N GLY B 316 -20.33 20.65 23.41
CA GLY B 316 -21.22 19.70 24.07
C GLY B 316 -20.72 19.34 25.44
N SER B 317 -19.42 19.50 25.64
CA SER B 317 -18.84 19.21 26.92
C SER B 317 -19.24 20.23 27.96
N SER B 318 -19.66 21.43 27.54
CA SER B 318 -19.95 22.52 28.49
C SER B 318 -21.38 22.57 29.01
N ILE B 319 -22.25 21.69 28.51
CA ILE B 319 -23.65 21.67 28.95
C ILE B 319 -23.69 21.23 30.41
N SER B 320 -22.87 20.21 30.68
CA SER B 320 -22.63 19.62 32.00
C SER B 320 -22.20 20.64 33.03
N LEU B 321 -21.67 21.76 32.55
CA LEU B 321 -21.11 22.80 33.41
C LEU B 321 -22.20 23.63 34.07
N ASP B 322 -23.43 23.46 33.63
CA ASP B 322 -24.52 23.76 34.51
C ASP B 322 -24.39 22.59 35.48
N PHE B 323 -23.60 22.82 36.51
CA PHE B 323 -22.70 21.79 37.03
C PHE B 323 -23.44 20.85 37.93
N ALA B 324 -23.56 21.20 39.21
CA ALA B 324 -24.28 20.34 40.11
C ALA B 324 -25.65 20.20 39.47
N HIS B 325 -26.02 18.97 39.18
CA HIS B 325 -27.32 18.69 38.61
C HIS B 325 -28.04 17.56 39.33
N PRO B 326 -27.34 16.43 39.58
CA PRO B 326 -28.05 15.36 40.30
C PRO B 326 -28.60 15.75 41.69
N ALA B 327 -29.89 15.50 41.89
CA ALA B 327 -30.54 15.73 43.16
C ALA B 327 -30.29 14.55 44.07
N TYR B 328 -29.75 14.81 45.25
CA TYR B 328 -29.36 13.70 46.13
C TYR B 328 -30.22 13.52 47.40
N SER B 329 -30.32 12.26 47.85
CA SER B 329 -31.15 11.89 48.99
C SER B 329 -30.65 12.45 50.27
N ALA B 330 -31.47 12.36 51.31
CA ALA B 330 -30.97 12.61 52.65
C ALA B 330 -29.91 11.56 52.92
N ARG B 331 -30.29 10.30 52.79
CA ARG B 331 -29.41 9.15 53.01
C ARG B 331 -28.15 9.16 52.13
N GLU B 332 -28.29 9.63 50.89
CA GLU B 332 -27.14 9.72 49.99
C GLU B 332 -26.14 10.85 50.35
N GLN B 333 -26.57 12.11 50.52
CA GLN B 333 -25.56 13.15 50.80
C GLN B 333 -24.95 13.11 52.22
N GLN B 334 -25.55 12.41 53.18
CA GLN B 334 -24.88 12.30 54.47
C GLN B 334 -23.86 11.18 54.42
N TRP B 335 -24.12 10.20 53.56
CA TRP B 335 -23.13 9.20 53.21
C TRP B 335 -21.90 9.90 52.60
N MET B 336 -22.15 10.85 51.69
CA MET B 336 -21.09 11.57 50.99
C MET B 336 -20.20 12.39 51.95
N ALA B 337 -20.81 12.94 53.00
CA ALA B 337 -20.05 13.62 54.04
C ALA B 337 -19.13 12.65 54.77
N ASP B 338 -19.71 11.50 55.17
CA ASP B 338 -19.03 10.50 55.98
C ASP B 338 -18.05 9.66 55.14
N HIS B 339 -18.13 9.74 53.82
CA HIS B 339 -17.14 9.10 52.93
C HIS B 339 -16.61 10.00 51.83
N PRO B 340 -15.92 11.11 52.17
CA PRO B 340 -15.50 12.05 51.13
C PRO B 340 -14.51 11.45 50.13
N VAL B 341 -13.80 10.39 50.55
CA VAL B 341 -12.85 9.72 49.66
C VAL B 341 -13.31 8.29 49.39
N VAL B 342 -13.44 7.97 48.10
CA VAL B 342 -13.90 6.66 47.67
C VAL B 342 -12.78 5.92 46.97
N LYS B 343 -12.55 4.68 47.38
CA LYS B 343 -11.43 3.91 46.88
C LYS B 343 -11.83 3.02 45.70
N VAL B 344 -11.18 3.24 44.56
CA VAL B 344 -11.50 2.56 43.32
C VAL B 344 -10.44 1.51 42.94
N ALA B 345 -10.88 0.28 42.68
CA ALA B 345 -9.94 -0.72 42.23
C ALA B 345 -9.97 -0.79 40.71
N VAL B 346 -8.80 -0.82 40.08
CA VAL B 346 -8.73 -0.94 38.63
C VAL B 346 -7.67 -1.96 38.18
N LEU B 347 -7.75 -2.46 36.95
CA LEU B 347 -6.67 -3.29 36.40
C LEU B 347 -5.47 -2.45 35.91
N ASN B 348 -4.26 -2.86 36.18
CA ASN B 348 -3.09 -2.07 35.80
C ASN B 348 -2.92 -1.99 34.27
N LEU B 349 -3.29 -3.04 33.54
CA LEU B 349 -3.10 -3.02 32.09
C LEU B 349 -4.38 -3.39 31.32
N PHE B 350 -5.42 -2.61 31.52
CA PHE B 350 -6.66 -2.85 30.81
C PHE B 350 -6.92 -1.69 29.88
N ALA B 351 -6.07 -1.52 28.87
CA ALA B 351 -6.17 -0.35 28.04
C ALA B 351 -7.18 -0.73 26.99
N PRO B 352 -7.89 0.24 26.41
CA PRO B 352 -7.86 1.66 26.79
C PRO B 352 -8.86 2.02 27.87
N PHE B 353 -9.25 1.06 28.70
CA PHE B 353 -10.29 1.35 29.68
C PHE B 353 -9.73 1.84 31.02
N THR B 354 -8.90 1.04 31.69
CA THR B 354 -8.17 1.54 32.85
C THR B 354 -6.69 1.25 32.64
N LEU B 355 -5.86 2.27 32.81
CA LEU B 355 -4.43 2.06 32.73
C LEU B 355 -3.69 3.14 33.53
N PHE B 356 -2.37 3.05 33.56
CA PHE B 356 -1.52 4.12 34.10
C PHE B 356 -0.56 4.62 33.02
N ARG B 357 -0.45 5.93 32.83
CA ARG B 357 0.30 6.44 31.70
C ARG B 357 1.80 6.45 31.95
N THR B 358 2.53 7.05 31.02
CA THR B 358 3.95 7.27 31.19
C THR B 358 4.18 8.18 32.42
N ASP B 359 3.16 8.99 32.75
CA ASP B 359 3.13 9.90 33.92
C ASP B 359 3.06 9.24 35.30
N GLU B 360 2.81 7.92 35.34
CA GLU B 360 2.33 7.17 36.52
C GLU B 360 0.91 7.65 36.88
N GLN B 361 0.28 8.31 35.93
CA GLN B 361 -1.01 8.89 36.19
C GLN B 361 -2.13 7.94 35.74
N PHE B 362 -3.26 7.93 36.46
CA PHE B 362 -4.40 7.09 36.09
C PHE B 362 -5.03 7.61 34.79
N GLY B 363 -5.27 6.72 33.84
CA GLY B 363 -5.78 7.11 32.54
C GLY B 363 -6.64 6.09 31.82
N GLY B 364 -7.38 6.53 30.79
CA GLY B 364 -8.28 5.65 30.06
C GLY B 364 -9.75 6.07 30.12
N ILE B 365 -10.57 5.42 29.29
CA ILE B 365 -11.98 5.75 29.24
C ILE B 365 -12.56 5.87 30.64
N SER B 366 -12.21 4.93 31.51
CA SER B 366 -12.74 4.90 32.88
C SER B 366 -12.27 6.09 33.68
N ALA B 367 -10.98 6.40 33.55
CA ALA B 367 -10.38 7.49 34.28
C ALA B 367 -11.04 8.79 33.86
N ALA B 368 -11.37 8.87 32.59
CA ALA B 368 -12.09 10.03 32.08
C ALA B 368 -13.49 10.10 32.68
N VAL B 369 -14.18 8.97 32.76
CA VAL B 369 -15.54 8.98 33.28
C VAL B 369 -15.54 9.19 34.78
N LEU B 370 -14.57 8.60 35.47
CA LEU B 370 -14.52 8.77 36.91
C LEU B 370 -14.30 10.24 37.22
N GLN B 371 -13.50 10.92 36.41
CA GLN B 371 -13.27 12.34 36.59
C GLN B 371 -14.59 13.08 36.47
N LEU B 372 -15.41 12.73 35.48
CA LEU B 372 -16.70 13.41 35.38
C LEU B 372 -17.61 13.13 36.60
N LEU B 373 -17.60 11.89 37.08
CA LEU B 373 -18.38 11.50 38.24
C LEU B 373 -17.96 12.36 39.42
N GLN B 374 -16.66 12.60 39.52
CA GLN B 374 -16.11 13.49 40.52
C GLN B 374 -16.72 14.90 40.35
N LEU B 375 -16.78 15.40 39.13
CA LEU B 375 -17.44 16.70 38.89
C LEU B 375 -18.92 16.75 39.33
N ARG B 376 -19.63 15.65 39.11
CA ARG B 376 -21.06 15.56 39.39
C ARG B 376 -21.44 15.31 40.84
N THR B 377 -20.55 14.64 41.60
CA THR B 377 -20.84 14.25 42.97
C THR B 377 -19.96 14.99 43.97
N GLY B 378 -18.82 15.49 43.49
CA GLY B 378 -17.86 16.18 44.34
C GLY B 378 -17.07 15.26 45.25
N LEU B 379 -17.26 13.95 45.08
CA LEU B 379 -16.49 12.94 45.80
C LEU B 379 -15.02 13.01 45.35
N ASP B 380 -14.08 12.56 46.18
CA ASP B 380 -12.69 12.49 45.73
C ASP B 380 -12.35 11.02 45.51
N PHE B 381 -12.09 10.63 44.27
CA PHE B 381 -11.74 9.24 44.00
C PHE B 381 -10.26 9.06 44.12
N GLU B 382 -9.90 8.01 44.84
CA GLU B 382 -8.53 7.55 44.98
C GLU B 382 -8.41 6.14 44.35
N ILE B 383 -7.44 5.95 43.46
CA ILE B 383 -7.37 4.75 42.65
C ILE B 383 -6.33 3.74 43.08
N ILE B 384 -6.76 2.49 43.24
CA ILE B 384 -5.86 1.40 43.61
C ILE B 384 -5.72 0.43 42.46
N GLY B 385 -4.51 0.26 41.93
CA GLY B 385 -4.30 -0.63 40.82
C GLY B 385 -3.76 -2.00 41.14
N VAL B 386 -4.47 -3.01 40.65
CA VAL B 386 -4.05 -4.39 40.84
C VAL B 386 -3.77 -5.08 39.50
N ASP B 387 -2.98 -6.15 39.54
CA ASP B 387 -2.62 -6.85 38.31
C ASP B 387 -3.66 -7.78 37.75
N THR B 388 -4.40 -8.50 38.59
CA THR B 388 -5.30 -9.51 38.08
C THR B 388 -6.74 -9.25 38.42
N VAL B 389 -7.64 -9.89 37.69
CA VAL B 389 -9.06 -9.73 37.94
C VAL B 389 -9.45 -10.35 39.27
N GLU B 390 -8.85 -11.50 39.60
CA GLU B 390 -9.24 -12.20 40.82
C GLU B 390 -8.94 -11.27 42.04
N GLU B 391 -7.79 -10.61 42.00
CA GLU B 391 -7.38 -9.62 43.01
C GLU B 391 -8.32 -8.42 43.11
N LEU B 392 -8.81 -7.95 41.97
CA LEU B 392 -9.70 -6.79 41.92
C LEU B 392 -10.95 -7.10 42.70
N ILE B 393 -11.56 -8.26 42.45
CA ILE B 393 -12.75 -8.65 43.20
C ILE B 393 -12.42 -8.83 44.69
N ALA B 394 -11.27 -9.44 44.98
CA ALA B 394 -10.84 -9.63 46.37
C ALA B 394 -10.88 -8.32 47.18
N LYS B 395 -10.31 -7.27 46.62
CA LYS B 395 -10.25 -5.98 47.30
C LYS B 395 -11.66 -5.38 47.41
N LEU B 396 -12.54 -5.81 46.53
CA LEU B 396 -13.93 -5.32 46.53
C LEU B 396 -14.77 -5.93 47.68
N ARG B 397 -14.62 -7.25 47.87
CA ARG B 397 -15.27 -7.98 48.96
C ARG B 397 -14.82 -7.51 50.34
N SER B 398 -13.51 -7.38 50.50
CA SER B 398 -12.96 -7.05 51.80
C SER B 398 -13.19 -5.60 52.19
N GLY B 399 -13.53 -4.74 51.24
CA GLY B 399 -13.74 -3.34 51.57
C GLY B 399 -12.46 -2.51 51.51
N GLU B 400 -11.38 -3.16 51.08
CA GLU B 400 -10.13 -2.45 50.78
C GLU B 400 -10.43 -1.42 49.71
N ALA B 401 -11.27 -1.84 48.76
CA ALA B 401 -11.79 -1.00 47.71
C ALA B 401 -13.31 -0.83 47.84
N ASP B 402 -13.79 0.39 47.68
CA ASP B 402 -15.21 0.63 47.79
C ASP B 402 -15.96 0.24 46.51
N MET B 403 -15.28 0.38 45.37
CA MET B 403 -15.88 0.17 44.05
C MET B 403 -14.88 -0.27 42.97
N ALA B 404 -15.40 -0.91 41.93
CA ALA B 404 -14.59 -1.23 40.76
C ALA B 404 -14.71 -0.15 39.70
N GLY B 405 -13.59 0.27 39.13
CA GLY B 405 -13.63 1.29 38.10
C GLY B 405 -14.18 0.77 36.77
N ALA B 406 -13.79 -0.45 36.38
CA ALA B 406 -14.28 -1.01 35.12
C ALA B 406 -14.29 -2.55 35.13
N LEU B 407 -15.50 -3.10 35.11
CA LEU B 407 -15.68 -4.53 35.07
C LEU B 407 -16.65 -4.81 33.97
N PHE B 408 -16.50 -5.93 33.32
CA PHE B 408 -17.51 -6.33 32.38
C PHE B 408 -18.72 -6.73 33.23
N VAL B 409 -19.91 -6.29 32.83
CA VAL B 409 -21.13 -6.78 33.46
C VAL B 409 -21.14 -8.28 33.31
N ASN B 410 -21.40 -9.00 34.41
CA ASN B 410 -21.25 -10.46 34.44
C ASN B 410 -22.33 -11.01 35.31
N SER B 411 -23.23 -11.81 34.73
CA SER B 411 -24.37 -12.35 35.50
C SER B 411 -23.94 -13.30 36.62
N ALA B 412 -22.82 -13.99 36.41
CA ALA B 412 -22.27 -14.91 37.40
C ALA B 412 -21.93 -14.19 38.69
N ARG B 413 -21.23 -13.05 38.57
CA ARG B 413 -20.82 -12.25 39.72
C ARG B 413 -21.96 -11.39 40.27
N GLU B 414 -23.07 -11.34 39.53
CA GLU B 414 -24.24 -10.62 39.99
C GLU B 414 -24.78 -11.27 41.29
N SER B 415 -24.31 -12.50 41.57
CA SER B 415 -24.56 -13.20 42.84
C SER B 415 -24.14 -12.31 44.01
N PHE B 416 -22.94 -11.76 43.92
CA PHE B 416 -22.42 -10.91 44.98
C PHE B 416 -22.14 -9.47 44.58
N LEU B 417 -22.16 -9.16 43.28
CA LEU B 417 -21.86 -7.79 42.85
C LEU B 417 -23.06 -7.04 42.25
N SER B 418 -23.02 -5.72 42.37
CA SER B 418 -23.94 -4.83 41.67
C SER B 418 -23.17 -3.98 40.66
N PHE B 419 -23.70 -3.89 39.44
CA PHE B 419 -23.06 -3.14 38.37
C PHE B 419 -23.78 -1.82 38.13
N SER B 420 -23.04 -0.77 37.78
CA SER B 420 -23.66 0.52 37.47
C SER B 420 -24.38 0.47 36.11
N ARG B 421 -25.01 1.57 35.72
CA ARG B 421 -25.45 1.67 34.35
C ARG B 421 -24.19 1.54 33.54
N PRO B 422 -24.20 0.67 32.52
CA PRO B 422 -22.94 0.53 31.78
C PRO B 422 -22.62 1.84 31.06
N TYR B 423 -21.34 2.12 30.85
CA TYR B 423 -20.97 3.34 30.17
C TYR B 423 -20.17 3.00 28.91
N VAL B 424 -19.92 1.71 28.69
CA VAL B 424 -19.43 1.24 27.40
C VAL B 424 -20.15 -0.01 26.93
N ARG B 425 -20.69 0.03 25.71
CA ARG B 425 -21.26 -1.16 25.11
C ARG B 425 -20.53 -1.36 23.80
N ASN B 426 -19.85 -2.49 23.67
CA ASN B 426 -18.98 -2.75 22.54
C ASN B 426 -18.94 -4.21 22.17
N GLY B 427 -18.89 -4.52 20.87
CA GLY B 427 -18.88 -5.90 20.41
C GLY B 427 -17.52 -6.60 20.52
N MET B 428 -17.47 -7.91 20.32
CA MET B 428 -16.20 -8.59 20.52
C MET B 428 -15.58 -9.24 19.29
N VAL B 429 -14.26 -9.48 19.34
CA VAL B 429 -13.55 -10.00 18.18
C VAL B 429 -12.45 -10.99 18.62
N ILE B 430 -12.00 -11.84 17.71
CA ILE B 430 -10.84 -12.65 18.02
C ILE B 430 -9.63 -12.12 17.31
N VAL B 431 -8.55 -11.96 18.06
CA VAL B 431 -7.32 -11.45 17.51
C VAL B 431 -6.32 -12.57 17.38
N THR B 432 -5.70 -12.67 16.21
CA THR B 432 -4.72 -13.68 15.93
C THR B 432 -3.40 -13.01 15.53
N ARG B 433 -2.33 -13.81 15.40
CA ARG B 433 -1.08 -13.31 14.84
C ARG B 433 -1.31 -13.03 13.37
N GLN B 434 -0.33 -12.45 12.69
CA GLN B 434 -0.47 -12.25 11.25
C GLN B 434 0.41 -13.25 10.53
N ASP B 435 0.24 -14.53 10.86
CA ASP B 435 0.89 -15.61 10.11
C ASP B 435 -0.09 -16.14 9.08
N PRO B 436 0.44 -16.85 8.08
CA PRO B 436 -0.45 -17.57 7.17
C PRO B 436 -1.29 -18.63 7.88
N ASP B 437 -0.72 -19.21 8.92
CA ASP B 437 -1.40 -20.25 9.65
C ASP B 437 -2.53 -19.74 10.56
N ALA B 438 -2.54 -18.46 10.89
CA ALA B 438 -3.54 -17.88 11.83
C ALA B 438 -4.99 -18.19 11.43
N PRO B 439 -5.89 -18.47 12.41
CA PRO B 439 -7.29 -18.75 12.10
C PRO B 439 -7.82 -17.62 11.26
N VAL B 440 -8.44 -17.96 10.13
CA VAL B 440 -8.78 -16.94 9.17
C VAL B 440 -9.90 -16.07 9.75
N ASP B 441 -10.87 -16.69 10.43
CA ASP B 441 -11.93 -15.96 11.12
C ASP B 441 -12.58 -16.84 12.17
N ALA B 442 -13.57 -16.31 12.89
CA ALA B 442 -14.14 -17.00 14.05
C ALA B 442 -14.96 -18.24 13.72
N ASP B 443 -15.42 -18.35 12.47
CA ASP B 443 -16.18 -19.53 12.11
C ASP B 443 -15.22 -20.71 11.87
N HIS B 444 -13.94 -20.42 11.72
CA HIS B 444 -12.90 -21.45 11.47
C HIS B 444 -11.99 -21.64 12.68
N LEU B 445 -12.61 -21.73 13.86
CA LEU B 445 -11.86 -21.83 15.11
C LEU B 445 -11.65 -23.26 15.55
N ASP B 446 -12.15 -24.19 14.75
CA ASP B 446 -12.08 -25.63 15.02
C ASP B 446 -10.66 -26.11 15.35
N GLY B 447 -10.49 -26.50 16.62
CA GLY B 447 -9.26 -27.07 17.15
C GLY B 447 -8.13 -26.11 17.47
N ARG B 448 -8.42 -24.81 17.37
CA ARG B 448 -7.44 -23.75 17.68
C ARG B 448 -7.55 -23.29 19.13
N THR B 449 -6.43 -22.87 19.70
CA THR B 449 -6.43 -22.41 21.08
C THR B 449 -6.84 -20.95 21.16
N VAL B 450 -7.84 -20.65 21.99
CA VAL B 450 -8.41 -19.32 22.11
C VAL B 450 -8.29 -18.75 23.54
N ALA B 451 -7.59 -17.62 23.68
CA ALA B 451 -7.35 -17.02 24.99
C ALA B 451 -8.51 -16.18 25.51
N LEU B 452 -8.89 -16.41 26.76
CA LEU B 452 -9.86 -15.58 27.46
C LEU B 452 -9.37 -15.29 28.87
N VAL B 453 -10.04 -14.35 29.56
CA VAL B 453 -9.67 -14.03 30.94
C VAL B 453 -10.36 -15.02 31.86
N ARG B 454 -9.61 -15.59 32.81
CA ARG B 454 -10.14 -16.58 33.75
C ARG B 454 -11.46 -16.10 34.36
N ASN B 455 -12.45 -16.99 34.37
CA ASN B 455 -13.80 -16.71 34.86
C ASN B 455 -14.52 -15.55 34.15
N SER B 456 -14.30 -15.42 32.84
CA SER B 456 -15.02 -14.43 32.03
C SER B 456 -16.45 -14.89 31.68
N ALA B 457 -17.42 -13.96 31.67
CA ALA B 457 -18.81 -14.26 31.28
C ALA B 457 -18.88 -14.85 29.86
N ALA B 458 -17.86 -14.51 29.07
CA ALA B 458 -17.69 -14.95 27.69
C ALA B 458 -17.36 -16.42 27.56
N ILE B 459 -16.57 -16.96 28.49
CA ILE B 459 -16.05 -18.33 28.39
C ILE B 459 -17.15 -19.42 28.24
N PRO B 460 -18.17 -19.47 29.14
CA PRO B 460 -19.25 -20.43 28.88
C PRO B 460 -19.90 -20.24 27.49
N LEU B 461 -20.30 -19.01 27.20
CA LEU B 461 -20.91 -18.62 25.93
C LEU B 461 -20.11 -18.97 24.65
N LEU B 462 -18.79 -18.83 24.74
CA LEU B 462 -17.91 -19.07 23.61
C LEU B 462 -17.86 -20.54 23.25
N GLN B 463 -17.59 -21.41 24.23
CA GLN B 463 -17.50 -22.85 23.95
C GLN B 463 -18.89 -23.47 23.69
N ARG B 464 -19.93 -22.69 23.97
CA ARG B 464 -21.29 -23.06 23.59
C ARG B 464 -21.48 -22.83 22.09
N ARG B 465 -21.06 -21.65 21.63
CA ARG B 465 -21.23 -21.24 20.23
C ARG B 465 -20.22 -21.88 19.29
N TYR B 466 -18.98 -22.02 19.75
CA TYR B 466 -17.85 -22.53 18.96
C TYR B 466 -17.17 -23.70 19.69
N PRO B 467 -17.84 -24.87 19.75
CA PRO B 467 -17.43 -25.92 20.69
C PRO B 467 -16.10 -26.61 20.36
N GLN B 468 -15.74 -26.68 19.09
CA GLN B 468 -14.45 -27.25 18.70
C GLN B 468 -13.28 -26.30 19.03
N ALA B 469 -13.58 -25.12 19.54
CA ALA B 469 -12.54 -24.17 19.88
C ALA B 469 -11.96 -24.52 21.24
N LYS B 470 -10.64 -24.48 21.35
CA LYS B 470 -9.97 -24.86 22.58
C LYS B 470 -9.66 -23.69 23.49
N VAL B 471 -10.49 -23.47 24.51
CA VAL B 471 -10.28 -22.37 25.46
C VAL B 471 -9.08 -22.56 26.40
N VAL B 472 -8.24 -21.55 26.52
CA VAL B 472 -7.18 -21.54 27.53
C VAL B 472 -7.25 -20.18 28.24
N THR B 473 -7.01 -20.16 29.55
CA THR B 473 -7.25 -18.95 30.30
C THR B 473 -6.00 -18.28 30.83
N ALA B 474 -6.12 -16.97 31.04
CA ALA B 474 -5.07 -16.17 31.64
C ALA B 474 -5.70 -15.21 32.66
N ASP B 475 -4.83 -14.68 33.51
CA ASP B 475 -5.26 -13.93 34.68
C ASP B 475 -5.85 -12.55 34.39
N ASN B 476 -5.26 -11.85 33.43
CA ASN B 476 -5.72 -10.49 33.07
C ASN B 476 -5.75 -10.35 31.56
N PRO B 477 -6.39 -9.28 31.02
CA PRO B 477 -6.51 -9.08 29.57
C PRO B 477 -5.19 -8.94 28.82
N SER B 478 -4.19 -8.36 29.45
CA SER B 478 -2.88 -8.15 28.84
C SER B 478 -2.13 -9.46 28.58
N GLU B 479 -2.21 -10.39 29.51
CA GLU B 479 -1.51 -11.66 29.33
C GLU B 479 -2.21 -12.50 28.28
N ALA B 480 -3.55 -12.41 28.24
CA ALA B 480 -4.31 -13.13 27.24
C ALA B 480 -3.86 -12.74 25.84
N MET B 481 -3.55 -11.46 25.65
CA MET B 481 -3.14 -11.03 24.33
C MET B 481 -1.69 -11.41 24.06
N LEU B 482 -0.83 -11.28 25.08
CA LEU B 482 0.57 -11.63 24.89
C LEU B 482 0.76 -13.13 24.53
N MET B 483 -0.16 -13.98 25.00
CA MET B 483 -0.20 -15.39 24.60
C MET B 483 -0.26 -15.59 23.10
N VAL B 484 -1.09 -14.78 22.45
CA VAL B 484 -1.18 -14.80 21.00
C VAL B 484 0.10 -14.24 20.39
N ALA B 485 0.60 -13.14 20.94
CA ALA B 485 1.85 -12.59 20.41
C ALA B 485 3.03 -13.59 20.53
N ASN B 486 3.08 -14.38 21.62
CA ASN B 486 4.14 -15.39 21.86
C ASN B 486 4.09 -16.67 21.09
N GLY B 487 2.90 -17.16 20.83
CA GLY B 487 2.74 -18.41 20.11
C GLY B 487 2.05 -19.44 20.97
N GLN B 488 1.66 -19.03 22.16
CA GLN B 488 1.02 -19.94 23.08
C GLN B 488 -0.48 -20.01 22.81
N ALA B 489 -0.99 -19.13 21.95
CA ALA B 489 -2.40 -19.21 21.57
C ALA B 489 -2.64 -18.74 20.13
N ASP B 490 -3.75 -19.24 19.57
CA ASP B 490 -4.14 -18.94 18.19
C ASP B 490 -5.04 -17.71 18.12
N ALA B 491 -5.76 -17.45 19.18
CA ALA B 491 -6.60 -16.29 19.18
C ALA B 491 -6.77 -15.78 20.60
N VAL B 492 -7.21 -14.53 20.73
CA VAL B 492 -7.59 -14.00 22.03
C VAL B 492 -8.92 -13.26 21.85
N VAL B 493 -9.83 -13.40 22.82
CA VAL B 493 -11.09 -12.66 22.76
C VAL B 493 -10.92 -11.30 23.43
N GLN B 494 -11.34 -10.24 22.73
CA GLN B 494 -11.23 -8.88 23.25
C GLN B 494 -12.47 -8.12 22.78
N THR B 495 -12.79 -7.03 23.48
CA THR B 495 -13.71 -6.05 22.93
C THR B 495 -13.11 -5.47 21.65
N GLN B 496 -13.96 -5.01 20.73
CA GLN B 496 -13.48 -4.39 19.49
C GLN B 496 -12.69 -3.14 19.76
N ILE B 497 -13.16 -2.32 20.71
CA ILE B 497 -12.43 -1.13 21.14
C ILE B 497 -11.01 -1.49 21.60
N SER B 498 -10.89 -2.42 22.54
CA SER B 498 -9.59 -2.84 23.04
C SER B 498 -8.71 -3.45 21.93
N ALA B 499 -9.24 -4.43 21.20
CA ALA B 499 -8.49 -5.09 20.13
C ALA B 499 -8.03 -4.11 19.07
N SER B 500 -8.97 -3.30 18.56
CA SER B 500 -8.69 -2.28 17.56
C SER B 500 -7.54 -1.41 17.96
N TYR B 501 -7.60 -0.97 19.21
CA TYR B 501 -6.59 -0.15 19.89
C TYR B 501 -5.23 -0.81 19.83
N TYR B 502 -5.08 -1.97 20.49
CA TYR B 502 -3.79 -2.67 20.57
C TYR B 502 -3.18 -3.00 19.17
N VAL B 503 -3.99 -3.57 18.28
CA VAL B 503 -3.48 -4.04 16.99
C VAL B 503 -2.78 -2.95 16.20
N ASN B 504 -3.42 -1.79 16.08
CA ASN B 504 -2.86 -0.73 15.25
C ASN B 504 -1.84 0.13 16.00
N ARG B 505 -1.95 0.19 17.33
CA ARG B 505 -1.11 1.08 18.10
C ARG B 505 0.26 0.46 18.30
N TYR B 506 0.31 -0.76 18.83
CA TYR B 506 1.59 -1.33 19.27
C TYR B 506 2.01 -2.56 18.45
N PHE B 507 1.06 -3.21 17.84
CA PHE B 507 1.35 -4.46 17.13
C PHE B 507 1.09 -4.41 15.62
N ALA B 508 1.28 -3.22 15.04
CA ALA B 508 1.19 -3.06 13.60
C ALA B 508 2.03 -4.14 12.94
N GLY B 509 1.43 -4.89 12.03
CA GLY B 509 2.15 -5.95 11.34
C GLY B 509 2.54 -7.20 12.11
N LYS B 510 2.11 -7.32 13.37
CA LYS B 510 2.26 -8.56 14.15
C LYS B 510 0.92 -9.24 14.45
N LEU B 511 -0.06 -8.44 14.90
CA LEU B 511 -1.39 -8.97 15.19
C LEU B 511 -2.44 -8.47 14.20
N ARG B 512 -3.60 -9.12 14.20
CA ARG B 512 -4.69 -8.72 13.33
C ARG B 512 -6.03 -9.10 13.96
N ILE B 513 -7.08 -8.35 13.62
CA ILE B 513 -8.42 -8.70 14.01
C ILE B 513 -8.95 -9.63 12.94
N ALA B 514 -9.20 -10.88 13.27
CA ALA B 514 -9.73 -11.77 12.26
C ALA B 514 -11.20 -11.46 11.99
N SER B 515 -12.02 -11.52 13.02
CA SER B 515 -13.44 -11.26 12.84
C SER B 515 -14.18 -11.01 14.13
N ALA B 516 -15.43 -10.60 14.01
CA ALA B 516 -16.28 -10.45 15.16
C ALA B 516 -16.58 -11.82 15.69
N LEU B 517 -17.08 -11.87 16.93
CA LEU B 517 -17.62 -13.09 17.50
C LEU B 517 -19.12 -12.89 17.53
N ASP B 518 -19.84 -14.01 17.32
CA ASP B 518 -21.31 -14.06 17.42
C ASP B 518 -21.75 -14.17 18.88
N LEU B 519 -21.25 -13.25 19.69
CA LEU B 519 -21.67 -13.16 21.08
C LEU B 519 -22.42 -11.85 21.28
N PRO B 520 -23.21 -11.75 22.35
CA PRO B 520 -23.84 -10.47 22.64
C PRO B 520 -22.77 -9.43 23.00
N PRO B 521 -23.12 -8.14 22.91
CA PRO B 521 -22.09 -7.13 23.18
C PRO B 521 -21.63 -7.14 24.65
N ALA B 522 -20.36 -6.86 24.89
CA ALA B 522 -19.86 -6.71 26.25
C ALA B 522 -20.32 -5.37 26.81
N GLU B 523 -20.49 -5.28 28.12
CA GLU B 523 -20.84 -4.00 28.76
C GLU B 523 -19.85 -3.70 29.86
N ILE B 524 -19.24 -2.51 29.84
CA ILE B 524 -18.29 -2.15 30.89
C ILE B 524 -18.93 -1.20 31.88
N ALA B 525 -18.80 -1.48 33.18
CA ALA B 525 -19.46 -0.68 34.21
C ALA B 525 -18.64 -0.46 35.45
N LEU B 526 -19.12 0.46 36.29
CA LEU B 526 -18.64 0.54 37.68
C LEU B 526 -19.26 -0.62 38.45
N ALA B 527 -18.56 -1.10 39.48
CA ALA B 527 -19.10 -2.18 40.32
C ALA B 527 -18.85 -1.96 41.80
N THR B 528 -19.86 -2.31 42.59
CA THR B 528 -19.72 -2.38 44.03
C THR B 528 -20.28 -3.71 44.53
N THR B 529 -19.96 -4.03 45.77
CA THR B 529 -20.60 -5.12 46.50
C THR B 529 -22.07 -4.77 46.70
N ARG B 530 -22.94 -5.78 46.76
CA ARG B 530 -24.38 -5.52 46.79
C ARG B 530 -24.88 -4.69 47.98
N GLY B 531 -24.18 -4.78 49.10
CA GLY B 531 -24.58 -4.03 50.28
C GLY B 531 -24.44 -2.55 50.04
N GLN B 532 -23.39 -2.17 49.30
CA GLN B 532 -23.06 -0.78 49.06
C GLN B 532 -24.19 -0.12 48.26
N THR B 533 -25.20 0.35 48.98
CA THR B 533 -26.44 0.77 48.36
C THR B 533 -26.45 2.25 48.10
N GLU B 534 -25.92 3.01 49.05
CA GLU B 534 -25.92 4.48 48.95
C GLU B 534 -24.93 4.93 47.87
N LEU B 535 -23.81 4.24 47.75
CA LEU B 535 -22.82 4.57 46.72
C LEU B 535 -23.39 4.38 45.31
N MET B 536 -23.89 3.17 45.05
CA MET B 536 -24.37 2.79 43.73
C MET B 536 -25.47 3.72 43.23
N SER B 537 -26.41 4.10 44.09
CA SER B 537 -27.47 5.03 43.69
C SER B 537 -26.86 6.41 43.38
N ILE B 538 -25.79 6.77 44.09
CA ILE B 538 -25.07 8.03 43.82
C ILE B 538 -24.33 7.97 42.49
N LEU B 539 -23.64 6.87 42.24
CA LEU B 539 -22.96 6.69 40.96
C LEU B 539 -23.96 6.69 39.81
N ASN B 540 -25.02 5.87 39.92
CA ASN B 540 -26.03 5.80 38.86
C ASN B 540 -26.72 7.12 38.64
N LYS B 541 -26.92 7.90 39.71
CA LYS B 541 -27.55 9.18 39.51
C LYS B 541 -26.66 10.03 38.64
N ALA B 542 -25.37 10.07 38.98
CA ALA B 542 -24.37 10.82 38.23
C ALA B 542 -24.23 10.32 36.79
N LEU B 543 -24.16 9.00 36.62
CA LEU B 543 -23.98 8.37 35.30
C LEU B 543 -25.14 8.71 34.38
N TYR B 544 -26.34 8.82 34.94
CA TYR B 544 -27.48 9.24 34.15
C TYR B 544 -27.35 10.70 33.69
N SER B 545 -26.71 11.54 34.49
CA SER B 545 -26.51 12.95 34.14
C SER B 545 -25.48 13.14 33.04
N ILE B 546 -24.70 12.10 32.79
CA ILE B 546 -23.70 12.07 31.71
C ILE B 546 -24.27 11.57 30.36
N SER B 547 -24.34 12.46 29.36
CA SER B 547 -24.94 12.17 28.06
C SER B 547 -24.07 11.23 27.25
N ASN B 548 -24.67 10.44 26.36
CA ASN B 548 -23.88 9.57 25.48
C ASN B 548 -22.96 10.32 24.54
N ASP B 549 -23.21 11.61 24.31
CA ASP B 549 -22.25 12.38 23.55
C ASP B 549 -20.92 12.58 24.32
N GLU B 550 -20.98 12.82 25.62
CA GLU B 550 -19.72 12.96 26.34
C GLU B 550 -18.99 11.61 26.38
N LEU B 551 -19.73 10.53 26.61
CA LEU B 551 -19.14 9.20 26.58
C LEU B 551 -18.52 8.89 25.20
N ALA B 552 -19.24 9.20 24.12
CA ALA B 552 -18.74 8.93 22.77
C ALA B 552 -17.47 9.73 22.47
N SER B 553 -17.46 11.00 22.92
CA SER B 553 -16.32 11.89 22.73
C SER B 553 -15.09 11.35 23.41
N ILE B 554 -15.31 10.91 24.66
CA ILE B 554 -14.29 10.26 25.49
C ILE B 554 -13.82 8.96 24.88
N ILE B 555 -14.74 8.08 24.50
CA ILE B 555 -14.36 6.80 23.93
C ILE B 555 -13.61 6.97 22.62
N SER B 556 -14.14 7.76 21.70
CA SER B 556 -13.54 7.78 20.38
C SER B 556 -12.14 8.38 20.47
N ARG B 557 -11.96 9.35 21.35
CA ARG B 557 -10.65 9.96 21.50
C ARG B 557 -9.70 9.02 22.24
N TRP B 558 -10.21 8.01 22.96
CA TRP B 558 -9.30 6.98 23.48
C TRP B 558 -8.98 5.93 22.42
N ARG B 559 -9.96 5.47 21.66
CA ARG B 559 -9.67 4.58 20.52
C ARG B 559 -8.65 5.21 19.55
N GLY B 560 -8.83 6.49 19.26
CA GLY B 560 -7.95 7.26 18.40
C GLY B 560 -7.95 6.83 16.94
N SER B 561 -6.93 7.23 16.20
CA SER B 561 -6.86 6.95 14.77
C SER B 561 -5.60 6.19 14.44
N ASP B 562 -5.63 5.46 13.32
CA ASP B 562 -4.53 4.56 12.98
C ASP B 562 -3.47 5.27 12.15
N GLY B 563 -2.31 5.52 12.74
CA GLY B 563 -1.29 6.26 12.05
C GLY B 563 -0.26 5.33 11.51
N ASP B 564 0.99 5.75 11.57
CA ASP B 564 2.07 4.98 11.00
C ASP B 564 3.20 4.80 12.02
N PRO B 565 2.97 3.96 13.04
CA PRO B 565 3.93 3.82 14.13
C PRO B 565 5.25 3.18 13.67
N ARG B 566 5.22 2.49 12.55
CA ARG B 566 6.41 1.74 12.17
C ARG B 566 7.49 2.67 11.60
N THR B 567 7.07 3.70 10.88
CA THR B 567 7.99 4.73 10.39
C THR B 567 8.68 5.42 11.58
N TRP B 568 7.93 5.65 12.64
CA TRP B 568 8.44 6.34 13.81
C TRP B 568 9.08 5.40 14.86
N TYR B 569 8.81 4.11 14.78
CA TYR B 569 9.62 3.21 15.57
C TYR B 569 11.00 3.28 14.94
N ALA B 570 11.00 3.26 13.61
CA ALA B 570 12.21 3.32 12.80
C ALA B 570 13.08 4.54 13.10
N TYR B 571 12.48 5.70 13.25
CA TYR B 571 13.24 6.91 13.54
C TYR B 571 13.79 6.90 14.96
N ARG B 572 13.00 6.44 15.93
CA ARG B 572 13.50 6.38 17.31
C ARG B 572 14.69 5.41 17.37
N ASN B 573 14.62 4.35 16.59
CA ASN B 573 15.70 3.37 16.57
C ASN B 573 17.00 3.85 15.91
N GLU B 574 16.92 4.63 14.83
CA GLU B 574 18.15 5.13 14.22
C GLU B 574 18.85 6.10 15.13
N ILE B 575 18.07 6.90 15.85
CA ILE B 575 18.60 7.89 16.78
C ILE B 575 19.29 7.24 17.98
N TYR B 576 18.78 6.07 18.40
CA TYR B 576 19.37 5.34 19.53
C TYR B 576 20.78 4.77 19.19
N LEU B 577 21.03 4.51 17.91
CA LEU B 577 22.35 4.04 17.47
C LEU B 577 23.46 5.07 17.65
N GLU B 578 23.13 6.34 17.42
CA GLU B 578 24.06 7.40 17.74
C GLU B 578 23.71 8.00 19.12
N SER C 66 51.98 -1.81 -26.66
CA SER C 66 51.32 -2.44 -27.80
C SER C 66 51.27 -3.98 -27.74
N GLN C 67 50.06 -4.53 -27.77
CA GLN C 67 49.83 -5.98 -27.81
C GLN C 67 49.00 -6.41 -29.03
N GLU C 68 49.44 -7.46 -29.73
CA GLU C 68 48.73 -7.93 -30.92
C GLU C 68 47.71 -9.01 -30.53
N LEU C 69 46.51 -8.92 -31.10
CA LEU C 69 45.42 -9.85 -30.80
C LEU C 69 44.72 -10.39 -32.04
N THR C 70 44.08 -11.54 -31.92
CA THR C 70 43.26 -12.08 -33.01
C THR C 70 41.79 -11.79 -32.78
N LEU C 71 41.15 -11.23 -33.81
CA LEU C 71 39.77 -10.83 -33.77
C LEU C 71 38.78 -11.99 -33.90
N VAL C 72 37.91 -12.16 -32.91
CA VAL C 72 36.84 -13.12 -33.07
C VAL C 72 35.49 -12.47 -32.79
N GLY C 73 34.62 -12.46 -33.80
CA GLY C 73 33.26 -12.01 -33.62
C GLY C 73 32.28 -12.73 -34.54
N LYS C 74 31.60 -13.73 -33.96
CA LYS C 74 30.74 -14.72 -34.63
C LYS C 74 31.46 -15.43 -35.80
N ALA C 75 31.18 -16.72 -35.95
CA ALA C 75 31.74 -17.49 -37.06
C ALA C 75 30.78 -17.55 -38.26
N ALA C 76 30.09 -16.45 -38.53
CA ALA C 76 29.22 -16.37 -39.69
C ALA C 76 28.82 -14.90 -39.81
N VAL C 77 29.62 -14.15 -40.59
CA VAL C 77 29.37 -12.72 -40.85
C VAL C 77 28.41 -12.46 -42.05
N PRO C 78 27.35 -11.69 -41.77
CA PRO C 78 26.29 -11.38 -42.73
C PRO C 78 26.83 -10.59 -43.93
N ASP C 79 26.13 -10.69 -45.06
CA ASP C 79 26.49 -9.87 -46.22
C ASP C 79 25.59 -8.67 -46.29
N VAL C 80 26.18 -7.49 -46.17
CA VAL C 80 25.38 -6.30 -46.37
C VAL C 80 25.71 -5.73 -47.75
N GLU C 81 24.73 -5.12 -48.40
CA GLU C 81 25.01 -4.58 -49.73
C GLU C 81 25.61 -3.19 -49.73
N VAL C 82 26.90 -3.18 -50.08
CA VAL C 82 27.74 -2.01 -50.00
C VAL C 82 28.03 -1.48 -51.39
N ALA C 83 27.91 -0.17 -51.54
CA ALA C 83 28.19 0.49 -52.79
C ALA C 83 29.43 1.38 -52.66
N LEU C 84 30.48 1.08 -53.43
CA LEU C 84 31.67 1.93 -53.43
C LEU C 84 32.06 2.29 -54.87
N ASP C 85 32.82 3.37 -55.03
CA ASP C 85 33.25 3.83 -56.35
C ASP C 85 33.90 2.73 -57.17
N GLY C 86 35.12 2.41 -56.77
CA GLY C 86 35.92 1.41 -57.42
C GLY C 86 37.33 1.86 -57.17
N ASP C 87 37.49 3.17 -57.03
CA ASP C 87 38.76 3.73 -56.60
C ASP C 87 38.86 3.36 -55.13
N ASP C 88 37.70 3.36 -54.49
CA ASP C 88 37.61 3.01 -53.11
C ASP C 88 37.84 1.52 -52.94
N TRP C 89 37.22 0.72 -53.81
CA TRP C 89 37.35 -0.74 -53.74
C TRP C 89 38.80 -1.11 -53.91
N ARG C 90 39.43 -0.40 -54.84
CA ARG C 90 40.81 -0.61 -55.19
C ARG C 90 41.78 -0.02 -54.16
N TRP C 91 41.39 1.08 -53.53
CA TRP C 91 42.18 1.61 -52.43
C TRP C 91 42.27 0.57 -51.32
N LEU C 92 41.11 0.00 -50.99
CA LEU C 92 41.01 -1.06 -50.00
C LEU C 92 41.84 -2.28 -50.38
N ALA C 93 41.73 -2.69 -51.63
CA ALA C 93 42.42 -3.88 -52.14
C ALA C 93 43.93 -3.85 -51.93
N ARG C 94 44.57 -2.71 -52.22
CA ARG C 94 46.02 -2.57 -52.01
C ARG C 94 46.39 -2.50 -50.52
N LYS C 95 45.52 -1.87 -49.74
CA LYS C 95 45.78 -1.68 -48.31
C LYS C 95 45.80 -3.04 -47.64
N ARG C 96 44.97 -3.96 -48.16
CA ARG C 96 44.98 -5.38 -47.78
C ARG C 96 44.52 -5.59 -46.33
N VAL C 97 45.16 -4.86 -45.43
CA VAL C 97 45.02 -5.06 -44.01
C VAL C 97 44.39 -3.86 -43.30
N LEU C 98 43.32 -4.15 -42.57
CA LEU C 98 42.66 -3.17 -41.76
C LEU C 98 42.96 -3.35 -40.27
N THR C 99 43.47 -2.31 -39.62
CA THR C 99 43.84 -2.42 -38.19
C THR C 99 42.95 -1.66 -37.21
N LEU C 100 42.31 -2.40 -36.32
CA LEU C 100 41.49 -1.81 -35.28
C LEU C 100 42.31 -1.64 -34.01
N GLY C 101 42.16 -0.50 -33.35
CA GLY C 101 42.86 -0.30 -32.09
C GLY C 101 41.89 -0.28 -30.93
N VAL C 102 42.20 -1.06 -29.89
CA VAL C 102 41.35 -1.13 -28.70
C VAL C 102 42.18 -0.96 -27.44
N TYR C 103 41.54 -0.61 -26.33
CA TYR C 103 42.30 -0.11 -25.21
C TYR C 103 41.74 -0.45 -23.84
N ALA C 104 42.62 -0.33 -22.84
CA ALA C 104 42.26 0.15 -21.49
C ALA C 104 41.28 -0.80 -20.73
N PRO C 105 40.37 -0.30 -19.83
CA PRO C 105 39.80 -1.34 -18.94
C PRO C 105 39.09 -2.59 -19.50
N ASP C 106 38.58 -2.63 -20.74
CA ASP C 106 37.72 -3.73 -21.23
C ASP C 106 36.32 -3.45 -20.76
N ILE C 107 35.48 -2.93 -21.63
CA ILE C 107 34.17 -2.51 -21.17
C ILE C 107 33.16 -3.52 -21.72
N PRO C 108 32.90 -4.60 -20.95
CA PRO C 108 31.96 -5.59 -21.50
C PRO C 108 30.57 -4.99 -21.60
N PRO C 109 29.85 -5.28 -22.70
CA PRO C 109 30.08 -6.26 -23.76
C PRO C 109 30.82 -5.79 -25.01
N PHE C 110 31.41 -4.61 -24.99
CA PHE C 110 32.10 -4.10 -26.17
C PHE C 110 33.48 -4.72 -26.34
N ASP C 111 34.27 -4.70 -25.28
CA ASP C 111 35.61 -5.20 -25.32
C ASP C 111 35.67 -6.42 -24.41
N VAL C 112 35.97 -7.58 -24.98
CA VAL C 112 36.23 -8.77 -24.16
C VAL C 112 37.52 -9.47 -24.59
N THR C 113 38.43 -9.65 -23.63
CA THR C 113 39.77 -10.20 -23.89
C THR C 113 40.09 -11.50 -23.17
N TYR C 114 40.53 -12.50 -23.92
CA TYR C 114 41.06 -13.71 -23.33
C TYR C 114 42.29 -14.18 -24.08
N GLY C 115 43.46 -14.06 -23.44
CA GLY C 115 44.68 -14.51 -24.08
C GLY C 115 45.06 -13.71 -25.30
N GLU C 116 45.12 -14.40 -26.44
CA GLU C 116 45.48 -13.76 -27.69
C GLU C 116 44.24 -13.37 -28.48
N ARG C 117 43.06 -13.50 -27.86
CA ARG C 117 41.78 -13.26 -28.55
C ARG C 117 41.02 -11.98 -28.16
N TYR C 118 40.51 -11.29 -29.17
CA TYR C 118 39.65 -10.11 -28.99
C TYR C 118 38.19 -10.42 -29.42
N GLU C 119 37.24 -10.13 -28.54
CA GLU C 119 35.84 -10.32 -28.89
C GLU C 119 34.94 -9.28 -28.19
N GLY C 120 33.66 -9.23 -28.57
CA GLY C 120 32.73 -8.28 -27.99
C GLY C 120 31.95 -7.60 -29.10
N LEU C 121 31.03 -6.69 -28.74
CA LEU C 121 30.25 -5.97 -29.73
C LEU C 121 31.11 -5.20 -30.72
N THR C 122 32.15 -4.56 -30.23
CA THR C 122 33.04 -3.81 -31.09
C THR C 122 33.74 -4.75 -32.04
N ALA C 123 34.13 -5.90 -31.52
CA ALA C 123 34.79 -6.90 -32.33
C ALA C 123 33.91 -7.31 -33.47
N ASP C 124 32.65 -7.59 -33.15
CA ASP C 124 31.72 -8.17 -34.10
C ASP C 124 31.48 -7.26 -35.31
N TYR C 125 31.36 -5.96 -35.06
CA TYR C 125 31.15 -5.01 -36.16
C TYR C 125 32.44 -4.83 -36.92
N MET C 126 33.57 -4.86 -36.22
CA MET C 126 34.87 -4.87 -36.90
C MET C 126 34.96 -6.04 -37.88
N ALA C 127 34.47 -7.19 -37.46
CA ALA C 127 34.38 -8.35 -38.33
C ALA C 127 33.49 -8.08 -39.56
N ILE C 128 32.36 -7.41 -39.33
CA ILE C 128 31.40 -7.09 -40.41
C ILE C 128 31.96 -6.11 -41.43
N ILE C 129 32.70 -5.12 -40.93
CA ILE C 129 33.33 -4.17 -41.83
C ILE C 129 34.41 -4.86 -42.66
N ALA C 130 35.31 -5.58 -42.01
CA ALA C 130 36.36 -6.30 -42.73
C ALA C 130 35.85 -7.34 -43.74
N HIS C 131 34.91 -8.18 -43.34
CA HIS C 131 34.40 -9.24 -44.21
C HIS C 131 33.72 -8.69 -45.46
N ASN C 132 32.97 -7.60 -45.30
CA ASN C 132 32.25 -6.99 -46.41
C ASN C 132 33.09 -6.08 -47.31
N LEU C 133 34.32 -5.77 -46.87
CA LEU C 133 35.24 -4.93 -47.65
C LEU C 133 36.46 -5.68 -48.22
N GLY C 134 36.44 -7.01 -48.16
CA GLY C 134 37.52 -7.85 -48.69
C GLY C 134 38.84 -7.62 -47.99
N MET C 135 38.77 -7.29 -46.70
CA MET C 135 39.95 -6.92 -45.93
C MET C 135 40.39 -7.97 -44.94
N GLN C 136 41.70 -7.98 -44.70
CA GLN C 136 42.26 -8.74 -43.59
C GLN C 136 42.21 -7.84 -42.37
N ALA C 137 41.64 -8.33 -41.28
CA ALA C 137 41.57 -7.56 -40.05
C ALA C 137 42.67 -7.97 -39.08
N LYS C 138 43.34 -7.02 -38.46
CA LYS C 138 44.20 -7.32 -37.30
C LYS C 138 43.89 -6.28 -36.22
N VAL C 139 44.14 -6.65 -34.97
CA VAL C 139 43.84 -5.80 -33.81
C VAL C 139 45.01 -5.57 -32.84
N LEU C 140 45.24 -4.30 -32.48
CA LEU C 140 46.23 -3.95 -31.46
C LEU C 140 45.56 -3.40 -30.21
N ARG C 141 46.05 -3.81 -29.04
CA ARG C 141 45.47 -3.37 -27.77
C ARG C 141 46.46 -2.54 -26.94
N TYR C 142 45.99 -1.38 -26.48
CA TYR C 142 46.83 -0.37 -25.83
C TYR C 142 46.47 -0.17 -24.35
N PRO C 143 47.48 0.07 -23.50
CA PRO C 143 47.34 0.23 -22.05
C PRO C 143 46.33 1.29 -21.57
N THR C 144 46.18 2.37 -22.32
CA THR C 144 45.18 3.39 -21.99
C THR C 144 44.60 3.92 -23.29
N ARG C 145 43.43 4.54 -23.19
CA ARG C 145 42.77 5.13 -24.34
C ARG C 145 43.68 6.09 -25.08
N GLU C 146 44.44 6.89 -24.33
CA GLU C 146 45.23 7.97 -24.92
C GLU C 146 46.45 7.39 -25.64
N GLN C 147 46.88 6.23 -25.17
CA GLN C 147 47.97 5.54 -25.82
C GLN C 147 47.53 5.18 -27.24
N ALA C 148 46.25 4.80 -27.32
CA ALA C 148 45.62 4.45 -28.58
C ALA C 148 45.36 5.63 -29.54
N LEU C 149 44.85 6.75 -29.05
CA LEU C 149 44.63 7.94 -29.90
C LEU C 149 45.89 8.45 -30.60
N SER C 150 47.01 8.46 -29.87
CA SER C 150 48.27 8.88 -30.47
C SER C 150 48.71 7.82 -31.47
N ALA C 151 48.38 6.56 -31.18
CA ALA C 151 48.59 5.48 -32.13
C ALA C 151 47.71 5.69 -33.36
N LEU C 152 46.55 6.30 -33.14
CA LEU C 152 45.59 6.67 -34.20
C LEU C 152 46.13 7.77 -35.10
N GLU C 153 46.69 8.80 -34.48
CA GLU C 153 47.28 9.93 -35.20
C GLU C 153 48.48 9.49 -36.04
N SER C 154 49.28 8.56 -35.52
CA SER C 154 50.48 8.08 -36.19
C SER C 154 50.11 7.38 -37.49
N GLY C 155 48.93 6.77 -37.46
CA GLY C 155 48.45 5.84 -38.46
C GLY C 155 49.08 4.48 -38.27
N GLN C 156 49.29 4.12 -37.00
CA GLN C 156 49.71 2.77 -36.65
C GLN C 156 48.49 1.90 -36.84
N ILE C 157 47.36 2.49 -36.44
CA ILE C 157 46.06 1.87 -36.54
C ILE C 157 45.14 2.74 -37.38
N ASP C 158 44.28 2.07 -38.15
CA ASP C 158 43.32 2.72 -39.04
C ASP C 158 42.02 3.16 -38.31
N LEU C 159 41.53 2.34 -37.37
CA LEU C 159 40.33 2.66 -36.59
C LEU C 159 40.52 2.52 -35.10
N ILE C 160 39.82 3.35 -34.34
CA ILE C 160 39.72 3.12 -32.90
C ILE C 160 38.28 2.67 -32.51
N GLY C 161 38.22 1.70 -31.59
CA GLY C 161 36.98 1.07 -31.20
C GLY C 161 36.29 1.63 -29.97
N THR C 162 34.98 1.39 -29.88
CA THR C 162 34.18 1.64 -28.69
C THR C 162 34.23 3.11 -28.26
N VAL C 163 34.13 4.01 -29.23
CA VAL C 163 34.14 5.46 -28.98
C VAL C 163 32.76 6.16 -29.16
N ASN C 164 32.42 7.14 -28.31
CA ASN C 164 31.14 7.84 -28.47
C ASN C 164 31.33 9.31 -28.78
N GLY C 165 30.23 10.06 -28.74
CA GLY C 165 30.22 11.46 -29.09
C GLY C 165 30.94 12.39 -28.14
N THR C 166 31.11 11.99 -26.89
CA THR C 166 31.73 12.86 -25.89
C THR C 166 33.23 12.66 -25.82
N ASP C 167 33.76 11.85 -26.72
CA ASP C 167 35.19 11.71 -26.81
C ASP C 167 35.69 12.20 -28.17
N GLY C 168 34.79 12.76 -28.97
CA GLY C 168 35.19 13.35 -30.24
C GLY C 168 34.24 14.28 -30.98
N ARG C 169 33.60 15.30 -30.39
CA ARG C 169 33.99 16.05 -29.18
C ARG C 169 35.49 16.34 -29.08
N GLN C 170 36.14 16.46 -30.23
CA GLN C 170 37.57 16.72 -30.28
C GLN C 170 38.03 17.31 -31.59
N GLN C 171 37.41 16.84 -32.67
CA GLN C 171 37.71 17.24 -34.04
C GLN C 171 39.07 16.66 -34.44
N SER C 172 39.88 16.28 -33.45
CA SER C 172 41.15 15.59 -33.69
C SER C 172 40.91 14.16 -34.16
N LEU C 173 39.66 13.72 -34.02
CA LEU C 173 39.23 12.39 -34.43
C LEU C 173 37.80 12.55 -34.91
N ARG C 174 37.46 11.84 -35.98
CA ARG C 174 36.15 11.94 -36.61
C ARG C 174 35.40 10.66 -36.37
N LEU C 175 34.11 10.76 -36.15
CA LEU C 175 33.36 9.59 -35.72
C LEU C 175 32.58 8.92 -36.84
N SER C 176 32.59 7.59 -36.86
CA SER C 176 31.75 6.85 -37.80
C SER C 176 30.33 6.93 -37.31
N VAL C 177 29.38 6.57 -38.16
CA VAL C 177 28.02 6.42 -37.72
C VAL C 177 28.00 5.36 -36.62
N PRO C 178 27.17 5.54 -35.59
CA PRO C 178 27.13 4.55 -34.50
C PRO C 178 26.69 3.14 -34.97
N TYR C 179 27.44 2.13 -34.58
CA TYR C 179 27.12 0.74 -34.96
C TYR C 179 26.23 0.11 -33.90
N ALA C 180 26.18 0.76 -32.75
CA ALA C 180 25.42 0.33 -31.61
C ALA C 180 24.78 1.54 -30.96
N ALA C 181 23.45 1.62 -30.98
CA ALA C 181 22.76 2.69 -30.29
C ALA C 181 23.07 2.55 -28.80
N ASP C 182 23.42 3.66 -28.17
CA ASP C 182 23.79 3.65 -26.76
C ASP C 182 23.58 5.07 -26.24
N HIS C 183 22.78 5.21 -25.19
CA HIS C 183 22.46 6.49 -24.56
C HIS C 183 22.49 6.36 -23.05
N PRO C 184 22.74 7.47 -22.34
CA PRO C 184 22.80 7.26 -20.88
C PRO C 184 21.43 6.96 -20.24
N VAL C 185 21.40 6.11 -19.22
CA VAL C 185 20.16 5.79 -18.51
C VAL C 185 20.30 6.14 -17.04
N ILE C 186 19.18 6.33 -16.37
CA ILE C 186 19.19 6.70 -14.97
C ILE C 186 18.73 5.52 -14.18
N VAL C 187 19.52 5.08 -13.21
CA VAL C 187 19.18 3.90 -12.41
C VAL C 187 18.96 4.26 -10.93
N MET C 188 17.92 3.68 -10.32
CA MET C 188 17.65 3.92 -8.91
C MET C 188 17.31 2.62 -8.20
N PRO C 189 17.28 2.64 -6.85
CA PRO C 189 16.86 1.47 -6.09
C PRO C 189 15.45 0.97 -6.42
N ILE C 190 15.14 -0.28 -6.12
CA ILE C 190 13.86 -0.87 -6.47
C ILE C 190 12.73 -0.13 -5.80
N GLY C 191 12.98 0.35 -4.59
CA GLY C 191 11.95 1.01 -3.82
C GLY C 191 11.50 2.35 -4.37
N ALA C 192 12.44 3.11 -4.90
CA ALA C 192 12.19 4.47 -5.38
C ALA C 192 11.02 4.57 -6.38
N ARG C 193 10.18 5.59 -6.19
CA ARG C 193 9.16 5.91 -7.18
C ARG C 193 9.60 7.18 -7.92
N HIS C 194 9.39 7.17 -9.23
CA HIS C 194 9.72 8.26 -10.16
C HIS C 194 11.13 8.85 -10.09
N VAL C 195 11.57 9.39 -11.22
CA VAL C 195 12.81 10.16 -11.35
C VAL C 195 12.74 11.50 -10.60
N PRO C 196 13.84 11.91 -9.95
CA PRO C 196 13.89 13.33 -9.54
C PRO C 196 14.07 14.28 -10.75
N ALA C 197 12.99 14.61 -11.46
CA ALA C 197 13.00 15.60 -12.56
C ALA C 197 13.29 17.03 -12.08
N SER C 198 14.26 17.19 -11.19
CA SER C 198 14.80 18.48 -10.72
C SER C 198 15.78 19.28 -11.62
N ASN C 199 16.72 18.63 -12.32
CA ASN C 199 16.89 17.19 -12.30
C ASN C 199 17.92 16.75 -11.30
N LEU C 200 17.61 15.63 -10.65
CA LEU C 200 18.54 14.96 -9.76
C LEU C 200 19.16 15.88 -8.72
N ALA C 201 18.42 16.91 -8.34
CA ALA C 201 18.89 17.86 -7.34
C ALA C 201 19.00 17.18 -5.97
N GLY C 202 20.14 17.39 -5.31
CA GLY C 202 20.33 16.89 -3.96
C GLY C 202 20.62 15.40 -3.86
N GLN C 203 20.71 14.76 -5.02
CA GLN C 203 20.97 13.35 -5.06
C GLN C 203 22.47 13.06 -5.13
N ARG C 204 22.89 11.89 -4.63
CA ARG C 204 24.27 11.44 -4.82
C ARG C 204 24.38 10.60 -6.08
N LEU C 205 24.99 11.17 -7.11
CA LEU C 205 25.02 10.53 -8.40
C LEU C 205 26.32 9.74 -8.61
N ALA C 206 26.20 8.42 -8.73
CA ALA C 206 27.38 7.60 -8.98
C ALA C 206 27.53 7.40 -10.47
N VAL C 207 28.74 7.52 -10.98
CA VAL C 207 29.02 7.31 -12.38
C VAL C 207 30.35 6.59 -12.55
N ASP C 208 30.44 5.85 -13.65
CA ASP C 208 31.71 5.35 -14.14
C ASP C 208 32.61 6.51 -14.58
N ILE C 209 33.80 6.61 -13.97
CA ILE C 209 34.79 7.65 -14.31
C ILE C 209 35.11 7.73 -15.83
N ASN C 210 35.06 6.60 -16.50
CA ASN C 210 35.35 6.50 -17.93
C ASN C 210 34.14 6.80 -18.78
N TYR C 211 32.97 6.90 -18.16
CA TYR C 211 31.75 7.04 -18.94
C TYR C 211 31.66 8.43 -19.53
N LEU C 212 31.41 9.43 -18.68
CA LEU C 212 31.25 10.80 -19.16
C LEU C 212 32.36 11.76 -18.68
N PRO C 213 32.71 12.78 -19.50
CA PRO C 213 33.64 13.85 -19.07
C PRO C 213 33.00 14.62 -17.91
N LYS C 214 33.76 14.90 -16.85
CA LYS C 214 33.18 15.45 -15.62
C LYS C 214 32.22 16.63 -15.79
N GLU C 215 32.52 17.55 -16.71
CA GLU C 215 31.66 18.72 -16.84
C GLU C 215 30.55 18.60 -17.87
N THR C 216 30.43 17.43 -18.50
CA THR C 216 29.21 17.14 -19.25
C THR C 216 28.09 16.84 -18.25
N LEU C 217 28.42 16.04 -17.24
CA LEU C 217 27.46 15.71 -16.17
C LEU C 217 27.11 16.95 -15.37
N ALA C 218 28.13 17.69 -14.92
CA ALA C 218 27.97 18.87 -14.08
C ALA C 218 27.13 19.97 -14.73
N ARG C 219 27.26 20.12 -16.05
CA ARG C 219 26.43 21.07 -16.79
C ARG C 219 24.94 20.59 -16.77
N ALA C 220 24.71 19.30 -16.91
CA ALA C 220 23.35 18.76 -16.98
C ALA C 220 22.73 18.52 -15.60
N TYR C 221 23.56 18.20 -14.62
CA TYR C 221 23.07 17.94 -13.27
C TYR C 221 23.87 18.73 -12.24
N PRO C 222 23.73 20.07 -12.27
CA PRO C 222 24.55 21.00 -11.48
C PRO C 222 24.14 20.92 -10.01
N GLN C 223 22.91 20.47 -9.80
CA GLN C 223 22.29 20.38 -8.50
C GLN C 223 22.56 19.04 -7.78
N ALA C 224 23.42 18.23 -8.39
CA ALA C 224 23.74 16.89 -7.89
C ALA C 224 25.16 16.73 -7.37
N THR C 225 25.34 15.83 -6.42
CA THR C 225 26.68 15.51 -5.95
C THR C 225 27.32 14.37 -6.70
N LEU C 226 28.30 14.69 -7.51
CA LEU C 226 28.93 13.67 -8.32
C LEU C 226 29.88 12.89 -7.46
N HIS C 227 29.89 11.58 -7.69
CA HIS C 227 30.82 10.69 -7.02
C HIS C 227 31.30 9.68 -8.06
N TYR C 228 32.58 9.72 -8.40
CA TYR C 228 33.06 8.92 -9.50
C TYR C 228 33.59 7.60 -9.01
N PHE C 229 33.46 6.57 -9.83
CA PHE C 229 33.93 5.22 -9.49
C PHE C 229 34.83 4.63 -10.57
N PRO C 230 35.73 3.73 -10.15
CA PRO C 230 36.63 3.03 -11.08
C PRO C 230 35.93 2.33 -12.23
N SER C 231 34.70 1.82 -12.02
CA SER C 231 33.99 1.04 -13.06
C SER C 231 32.48 1.34 -13.03
N SER C 232 31.75 1.05 -14.11
CA SER C 232 30.30 1.25 -14.04
C SER C 232 29.73 0.28 -12.99
N GLU C 233 30.30 -0.92 -12.88
CA GLU C 233 29.81 -1.85 -11.87
C GLU C 233 29.98 -1.34 -10.45
N GLN C 234 31.11 -0.70 -10.15
CA GLN C 234 31.27 -0.18 -8.79
C GLN C 234 30.26 0.91 -8.48
N ALA C 235 29.98 1.75 -9.48
CA ALA C 235 29.00 2.85 -9.38
C ALA C 235 27.59 2.32 -9.15
N LEU C 236 27.23 1.29 -9.90
CA LEU C 236 25.90 0.74 -9.82
C LEU C 236 25.71 0.09 -8.48
N ALA C 237 26.73 -0.64 -8.07
CA ALA C 237 26.72 -1.31 -6.78
C ALA C 237 26.51 -0.27 -5.69
N ALA C 238 27.08 0.91 -5.87
CA ALA C 238 26.96 2.02 -4.92
C ALA C 238 25.51 2.39 -4.70
N VAL C 239 24.71 2.40 -5.77
CA VAL C 239 23.27 2.71 -5.70
C VAL C 239 22.47 1.57 -5.06
N ALA C 240 22.90 0.34 -5.33
CA ALA C 240 22.28 -0.82 -4.71
C ALA C 240 22.49 -0.88 -3.19
N TYR C 241 23.69 -0.56 -2.71
CA TYR C 241 24.10 -0.87 -1.34
C TYR C 241 24.24 0.34 -0.39
N GLY C 242 23.70 1.48 -0.82
CA GLY C 242 23.45 2.65 0.03
C GLY C 242 24.39 3.85 0.05
N GLN C 243 25.35 3.88 -0.85
CA GLN C 243 26.33 4.97 -0.92
C GLN C 243 26.01 6.01 -1.98
N ALA C 244 25.02 5.70 -2.82
CA ALA C 244 24.59 6.63 -3.85
C ALA C 244 23.09 6.55 -3.99
N ASP C 245 22.51 7.56 -4.59
CA ASP C 245 21.06 7.61 -4.71
C ASP C 245 20.61 7.30 -6.11
N VAL C 246 21.41 7.72 -7.08
CA VAL C 246 21.06 7.58 -8.49
C VAL C 246 22.31 7.09 -9.25
N PHE C 247 22.11 6.32 -10.31
CA PHE C 247 23.23 5.89 -11.15
C PHE C 247 23.06 6.41 -12.56
N ILE C 248 24.16 6.81 -13.20
CA ILE C 248 24.16 7.05 -14.64
C ILE C 248 25.22 6.18 -15.32
N GLY C 249 24.83 5.50 -16.39
CA GLY C 249 25.75 4.71 -17.17
C GLY C 249 25.08 4.46 -18.50
N ASP C 250 25.78 3.86 -19.46
CA ASP C 250 25.17 3.64 -20.76
C ASP C 250 24.23 2.45 -20.74
N ALA C 251 23.19 2.47 -21.59
CA ALA C 251 22.17 1.43 -21.59
C ALA C 251 22.74 0.02 -21.78
N LEU C 252 23.69 -0.13 -22.69
CA LEU C 252 24.25 -1.44 -23.02
C LEU C 252 25.03 -2.08 -21.86
N THR C 253 26.03 -1.40 -21.30
CA THR C 253 26.76 -2.10 -20.25
C THR C 253 25.85 -2.18 -19.02
N THR C 254 24.91 -1.24 -18.87
CA THR C 254 23.98 -1.27 -17.74
C THR C 254 23.03 -2.45 -17.77
N SER C 255 22.47 -2.75 -18.92
CA SER C 255 21.55 -3.88 -18.99
C SER C 255 22.30 -5.19 -18.70
N HIS C 256 23.54 -5.31 -19.15
CA HIS C 256 24.29 -6.49 -18.83
C HIS C 256 24.37 -6.64 -17.30
N LEU C 257 24.83 -5.58 -16.63
CA LEU C 257 24.98 -5.57 -15.18
C LEU C 257 23.69 -5.88 -14.44
N VAL C 258 22.62 -5.15 -14.78
CA VAL C 258 21.36 -5.32 -14.06
C VAL C 258 20.69 -6.67 -14.31
N SER C 259 20.45 -7.00 -15.58
CA SER C 259 19.72 -8.24 -15.90
C SER C 259 20.46 -9.50 -15.42
N GLN C 260 21.79 -9.45 -15.35
CA GLN C 260 22.60 -10.58 -14.90
C GLN C 260 22.50 -10.91 -13.42
N SER C 261 22.60 -9.92 -12.54
CA SER C 261 22.59 -10.20 -11.10
C SER C 261 22.17 -9.07 -10.19
N TYR C 262 21.79 -7.91 -10.77
CA TYR C 262 21.35 -6.75 -9.95
C TYR C 262 19.85 -6.37 -10.04
N PHE C 263 19.06 -7.15 -10.76
CA PHE C 263 17.64 -6.85 -11.01
C PHE C 263 16.76 -6.84 -9.78
N ASN C 264 17.27 -7.33 -8.65
CA ASN C 264 16.55 -7.31 -7.39
C ASN C 264 16.79 -6.01 -6.60
N ASP C 265 17.78 -5.25 -7.04
CA ASP C 265 18.32 -4.15 -6.27
C ASP C 265 18.04 -2.78 -6.87
N VAL C 266 18.17 -2.72 -8.19
CA VAL C 266 18.01 -1.48 -8.91
C VAL C 266 17.21 -1.71 -10.15
N ARG C 267 16.82 -0.62 -10.78
CA ARG C 267 16.08 -0.69 -12.03
C ARG C 267 16.39 0.57 -12.82
N VAL C 268 16.41 0.44 -14.14
CA VAL C 268 16.57 1.59 -15.00
C VAL C 268 15.26 2.37 -15.06
N VAL C 269 15.31 3.65 -14.71
CA VAL C 269 14.10 4.43 -14.46
C VAL C 269 13.78 5.38 -15.61
N ALA C 270 14.82 5.87 -16.29
CA ALA C 270 14.61 6.80 -17.40
C ALA C 270 15.89 7.03 -18.16
N PRO C 271 15.79 7.55 -19.41
CA PRO C 271 17.01 8.03 -20.05
C PRO C 271 17.47 9.30 -19.36
N ALA C 272 18.75 9.60 -19.40
CA ALA C 272 19.28 10.84 -18.85
C ALA C 272 19.42 11.87 -19.96
N HIS C 273 19.13 13.13 -19.64
CA HIS C 273 19.12 14.13 -20.70
C HIS C 273 20.57 14.60 -21.02
N ILE C 274 21.46 13.63 -21.19
CA ILE C 274 22.79 13.88 -21.66
C ILE C 274 22.96 13.21 -23.00
N ALA C 275 23.40 13.99 -23.98
CA ALA C 275 23.53 13.48 -25.33
C ALA C 275 24.89 12.87 -25.61
N THR C 276 24.89 11.58 -25.90
CA THR C 276 26.06 10.95 -26.48
C THR C 276 25.54 10.27 -27.72
N GLY C 277 26.39 10.12 -28.71
CA GLY C 277 26.00 9.35 -29.86
C GLY C 277 26.10 7.93 -29.36
N GLY C 278 25.59 6.98 -30.15
CA GLY C 278 25.87 5.59 -29.86
C GLY C 278 27.37 5.26 -29.93
N GLU C 279 27.70 3.98 -29.82
CA GLU C 279 29.09 3.56 -29.92
C GLU C 279 29.52 3.51 -31.38
N SER C 280 30.73 4.01 -31.63
CA SER C 280 31.25 4.16 -32.98
C SER C 280 32.67 3.65 -33.14
N PHE C 281 33.15 3.59 -34.38
CA PHE C 281 34.58 3.56 -34.64
C PHE C 281 35.06 4.99 -34.84
N GLY C 282 36.28 5.28 -34.46
CA GLY C 282 36.88 6.58 -34.73
C GLY C 282 38.02 6.50 -35.73
N VAL C 283 38.08 7.50 -36.61
CA VAL C 283 39.11 7.52 -37.63
C VAL C 283 39.86 8.85 -37.57
N ARG C 284 41.13 8.85 -37.93
CA ARG C 284 41.97 10.06 -37.92
C ARG C 284 41.30 11.13 -38.75
N ALA C 285 41.30 12.37 -38.26
CA ALA C 285 40.49 13.42 -38.85
C ALA C 285 40.69 13.65 -40.36
N ASP C 286 41.94 13.53 -40.83
CA ASP C 286 42.25 13.69 -42.26
C ASP C 286 41.70 12.56 -43.13
N ASN C 287 41.46 11.42 -42.51
CA ASN C 287 41.22 10.18 -43.24
C ASN C 287 39.78 10.06 -43.70
N THR C 288 39.42 10.86 -44.70
CA THR C 288 38.04 10.90 -45.13
C THR C 288 37.72 9.69 -45.94
N ARG C 289 38.72 9.12 -46.58
CA ARG C 289 38.48 7.99 -47.47
C ARG C 289 38.03 6.78 -46.65
N LEU C 290 38.71 6.54 -45.54
CA LEU C 290 38.35 5.42 -44.69
C LEU C 290 36.99 5.60 -44.04
N LEU C 291 36.71 6.82 -43.58
CA LEU C 291 35.42 7.13 -42.97
C LEU C 291 34.29 6.82 -43.92
N ARG C 292 34.48 7.11 -45.21
CA ARG C 292 33.49 6.82 -46.25
C ARG C 292 33.19 5.32 -46.33
N VAL C 293 34.23 4.51 -46.58
CA VAL C 293 34.05 3.07 -46.79
C VAL C 293 33.59 2.34 -45.52
N VAL C 294 33.97 2.81 -44.33
CA VAL C 294 33.43 2.28 -43.08
C VAL C 294 31.94 2.56 -42.90
N ASN C 295 31.57 3.83 -43.06
CA ASN C 295 30.17 4.21 -42.91
C ASN C 295 29.35 3.53 -43.99
N ALA C 296 29.96 3.32 -45.15
CA ALA C 296 29.29 2.63 -46.25
C ALA C 296 28.75 1.27 -45.81
N VAL C 297 29.58 0.52 -45.10
CA VAL C 297 29.24 -0.80 -44.56
C VAL C 297 28.17 -0.72 -43.46
N LEU C 298 28.46 0.09 -42.45
CA LEU C 298 27.60 0.20 -41.27
C LEU C 298 26.18 0.61 -41.65
N GLU C 299 26.08 1.61 -42.51
CA GLU C 299 24.76 2.06 -42.97
C GLU C 299 24.00 0.92 -43.67
N ALA C 300 24.72 0.04 -44.35
CA ALA C 300 24.03 -1.03 -45.04
C ALA C 300 23.62 -2.13 -44.07
N ILE C 301 24.17 -2.09 -42.85
CA ILE C 301 23.77 -3.07 -41.85
C ILE C 301 22.35 -2.75 -41.42
N PRO C 302 21.40 -3.69 -41.70
CA PRO C 302 19.98 -3.58 -41.38
C PRO C 302 19.73 -3.61 -39.88
N PRO C 303 18.58 -3.08 -39.44
CA PRO C 303 18.26 -3.13 -38.02
C PRO C 303 18.09 -4.56 -37.51
N SER C 304 17.67 -5.50 -38.36
CA SER C 304 17.53 -6.93 -38.02
C SER C 304 18.81 -7.48 -37.41
N GLU C 305 19.93 -7.13 -38.04
CA GLU C 305 21.27 -7.49 -37.57
C GLU C 305 21.74 -6.68 -36.33
N HIS C 306 21.41 -5.39 -36.23
CA HIS C 306 21.73 -4.63 -35.01
C HIS C 306 21.09 -5.28 -33.80
N ARG C 307 19.83 -5.64 -33.96
CA ARG C 307 19.09 -6.34 -32.92
C ARG C 307 19.65 -7.72 -32.56
N SER C 308 20.02 -8.51 -33.56
CA SER C 308 20.51 -9.88 -33.29
C SER C 308 21.80 -9.88 -32.49
N LEU C 309 22.72 -9.02 -32.87
CA LEU C 309 23.98 -8.90 -32.17
C LEU C 309 23.64 -8.46 -30.75
N ILE C 310 22.68 -7.56 -30.58
CA ILE C 310 22.27 -7.14 -29.25
C ILE C 310 21.67 -8.28 -28.41
N TYR C 311 20.85 -9.14 -29.02
CA TYR C 311 20.32 -10.30 -28.29
C TYR C 311 21.40 -11.32 -27.93
N ARG C 312 22.34 -11.57 -28.84
CA ARG C 312 23.39 -12.56 -28.59
C ARG C 312 24.27 -12.17 -27.38
N TRP C 313 24.59 -10.88 -27.22
CA TRP C 313 25.41 -10.47 -26.07
C TRP C 313 24.58 -10.30 -24.80
N GLY C 314 23.34 -10.75 -24.82
CA GLY C 314 22.50 -10.73 -23.62
C GLY C 314 21.93 -9.37 -23.25
N LEU C 315 21.83 -8.48 -24.23
CA LEU C 315 21.38 -7.13 -23.92
C LEU C 315 19.94 -6.84 -24.35
N GLY C 316 19.08 -7.85 -24.33
CA GLY C 316 17.73 -7.64 -24.81
C GLY C 316 16.98 -6.65 -23.95
N SER C 317 17.39 -6.56 -22.69
CA SER C 317 16.70 -5.68 -21.75
C SER C 317 16.88 -4.23 -22.15
N SER C 318 17.86 -3.95 -23.02
CA SER C 318 18.14 -2.59 -23.43
C SER C 318 17.36 -2.16 -24.66
N ILE C 319 16.67 -3.10 -25.33
CA ILE C 319 15.95 -2.74 -26.56
C ILE C 319 14.73 -1.88 -26.28
N SER C 320 13.99 -2.27 -25.26
CA SER C 320 12.83 -1.50 -24.78
C SER C 320 13.22 -0.04 -24.42
N LEU C 321 14.51 0.14 -24.14
CA LEU C 321 15.12 1.39 -23.70
C LEU C 321 15.43 2.40 -24.81
N ASP C 322 16.29 1.97 -25.74
CA ASP C 322 16.71 2.76 -26.91
C ASP C 322 15.60 3.10 -27.89
N PHE C 323 14.52 2.33 -27.84
CA PHE C 323 13.51 2.39 -28.88
C PHE C 323 12.13 2.36 -28.21
N ALA C 324 11.98 3.08 -27.08
CA ALA C 324 10.73 3.10 -26.32
C ALA C 324 9.57 3.50 -27.21
N HIS C 325 8.50 2.71 -27.20
CA HIS C 325 7.45 2.92 -28.18
C HIS C 325 6.18 3.66 -27.77
N PRO C 326 5.21 2.93 -27.18
CA PRO C 326 3.83 3.11 -27.66
C PRO C 326 3.34 4.55 -27.64
N ALA C 327 2.73 4.95 -28.74
CA ALA C 327 2.10 6.25 -28.88
C ALA C 327 0.70 6.17 -28.31
N TYR C 328 0.33 7.13 -27.47
CA TYR C 328 -0.95 7.04 -26.77
C TYR C 328 -2.01 8.00 -27.33
N SER C 329 -3.26 7.57 -27.20
CA SER C 329 -4.46 8.30 -27.62
C SER C 329 -4.48 9.77 -27.25
N ALA C 330 -5.42 10.50 -27.87
CA ALA C 330 -5.76 11.82 -27.37
C ALA C 330 -6.37 11.65 -25.98
N ARG C 331 -7.39 10.80 -25.92
CA ARG C 331 -8.10 10.51 -24.68
C ARG C 331 -7.20 9.88 -23.60
N GLU C 332 -6.31 8.97 -24.00
CA GLU C 332 -5.42 8.28 -23.06
C GLU C 332 -4.38 9.18 -22.41
N GLN C 333 -3.71 10.01 -23.19
CA GLN C 333 -2.69 10.88 -22.64
C GLN C 333 -3.33 11.90 -21.72
N GLN C 334 -4.63 12.10 -21.89
CA GLN C 334 -5.33 13.04 -21.04
C GLN C 334 -5.75 12.32 -19.75
N TRP C 335 -6.11 11.05 -19.85
CA TRP C 335 -6.39 10.22 -18.68
C TRP C 335 -5.19 10.12 -17.73
N MET C 336 -4.02 9.86 -18.33
CA MET C 336 -2.78 9.69 -17.59
C MET C 336 -2.45 10.96 -16.83
N ALA C 337 -2.79 12.09 -17.42
CA ALA C 337 -2.65 13.36 -16.71
C ALA C 337 -3.59 13.44 -15.50
N ASP C 338 -4.88 13.15 -15.73
CA ASP C 338 -5.90 13.34 -14.69
C ASP C 338 -5.80 12.26 -13.63
N HIS C 339 -5.04 11.21 -13.92
CA HIS C 339 -4.87 10.10 -12.95
C HIS C 339 -3.41 9.73 -12.76
N PRO C 340 -2.63 10.62 -12.14
CA PRO C 340 -1.19 10.38 -12.00
C PRO C 340 -0.88 9.17 -11.12
N VAL C 341 -1.80 8.86 -10.20
CA VAL C 341 -1.60 7.72 -9.31
C VAL C 341 -2.64 6.64 -9.53
N VAL C 342 -2.12 5.45 -9.83
CA VAL C 342 -2.94 4.29 -10.13
C VAL C 342 -2.74 3.24 -9.04
N LYS C 343 -3.83 2.79 -8.42
CA LYS C 343 -3.69 1.87 -7.31
C LYS C 343 -3.87 0.40 -7.73
N VAL C 344 -2.85 -0.39 -7.46
CA VAL C 344 -2.85 -1.76 -7.89
C VAL C 344 -3.11 -2.66 -6.69
N ALA C 345 -4.12 -3.51 -6.82
CA ALA C 345 -4.46 -4.45 -5.76
C ALA C 345 -3.86 -5.82 -6.04
N VAL C 346 -3.24 -6.43 -5.05
CA VAL C 346 -2.67 -7.75 -5.23
C VAL C 346 -2.99 -8.67 -4.05
N LEU C 347 -2.95 -9.98 -4.29
CA LEU C 347 -3.10 -10.92 -3.20
C LEU C 347 -1.83 -10.85 -2.37
N ASN C 348 -1.97 -10.90 -1.04
CA ASN C 348 -0.81 -10.75 -0.18
C ASN C 348 0.11 -11.93 -0.31
N LEU C 349 -0.45 -13.09 -0.58
CA LEU C 349 0.37 -14.31 -0.58
C LEU C 349 0.18 -15.19 -1.81
N PHE C 350 0.49 -14.62 -2.96
CA PHE C 350 0.35 -15.28 -4.23
C PHE C 350 1.74 -15.44 -4.87
N ALA C 351 2.62 -16.23 -4.27
CA ALA C 351 4.00 -16.24 -4.76
C ALA C 351 4.12 -17.30 -5.85
N PRO C 352 5.09 -17.16 -6.78
CA PRO C 352 6.00 -16.03 -6.93
C PRO C 352 5.46 -14.88 -7.78
N PHE C 353 4.13 -14.68 -7.84
CA PHE C 353 3.53 -13.67 -8.72
C PHE C 353 3.36 -12.33 -8.02
N THR C 354 2.58 -12.27 -6.94
CA THR C 354 2.57 -11.06 -6.11
C THR C 354 2.83 -11.46 -4.67
N LEU C 355 3.79 -10.79 -4.07
CA LEU C 355 4.12 -11.02 -2.68
C LEU C 355 4.69 -9.72 -2.14
N PHE C 356 4.98 -9.68 -0.84
CA PHE C 356 5.76 -8.58 -0.30
C PHE C 356 7.03 -9.16 0.34
N ARG C 357 8.18 -8.62 -0.04
CA ARG C 357 9.44 -9.25 0.32
C ARG C 357 9.78 -8.91 1.73
N THR C 358 11.03 -9.23 2.06
CA THR C 358 11.64 -8.87 3.32
C THR C 358 11.74 -7.34 3.53
N ASP C 359 11.87 -6.57 2.44
CA ASP C 359 11.94 -5.10 2.50
C ASP C 359 10.64 -4.45 2.97
N GLU C 360 9.58 -5.23 3.10
CA GLU C 360 8.19 -4.74 3.16
C GLU C 360 7.82 -4.17 1.79
N GLN C 361 8.62 -4.50 0.79
CA GLN C 361 8.49 -3.97 -0.56
C GLN C 361 7.72 -4.93 -1.50
N PHE C 362 6.96 -4.40 -2.45
CA PHE C 362 6.21 -5.24 -3.38
C PHE C 362 7.18 -6.04 -4.28
N GLY C 363 6.92 -7.34 -4.45
CA GLY C 363 7.84 -8.22 -5.15
C GLY C 363 7.09 -9.27 -5.92
N GLY C 364 7.76 -10.00 -6.81
CA GLY C 364 7.12 -11.04 -7.61
C GLY C 364 7.12 -10.76 -9.11
N ILE C 365 6.79 -11.77 -9.90
CA ILE C 365 6.69 -11.62 -11.34
C ILE C 365 5.88 -10.35 -11.69
N SER C 366 4.79 -10.11 -10.96
CA SER C 366 3.92 -8.96 -11.19
C SER C 366 4.62 -7.67 -10.89
N ALA C 367 5.39 -7.66 -9.81
CA ALA C 367 6.09 -6.44 -9.44
C ALA C 367 7.09 -6.05 -10.53
N ALA C 368 7.75 -7.02 -11.14
CA ALA C 368 8.69 -6.73 -12.22
C ALA C 368 7.97 -6.18 -13.43
N VAL C 369 6.83 -6.80 -13.75
CA VAL C 369 6.06 -6.43 -14.93
C VAL C 369 5.39 -5.07 -14.73
N LEU C 370 4.89 -4.80 -13.52
CA LEU C 370 4.31 -3.48 -13.27
C LEU C 370 5.40 -2.42 -13.43
N GLN C 371 6.60 -2.74 -12.99
CA GLN C 371 7.75 -1.86 -13.16
C GLN C 371 8.03 -1.54 -14.64
N LEU C 372 7.97 -2.56 -15.50
CA LEU C 372 8.12 -2.31 -16.93
C LEU C 372 7.00 -1.47 -17.47
N LEU C 373 5.79 -1.74 -16.98
CA LEU C 373 4.62 -0.98 -17.35
C LEU C 373 4.76 0.48 -16.95
N GLN C 374 5.31 0.72 -15.76
CA GLN C 374 5.56 2.09 -15.33
C GLN C 374 6.47 2.80 -16.32
N LEU C 375 7.57 2.15 -16.68
CA LEU C 375 8.54 2.69 -17.63
C LEU C 375 7.92 3.07 -18.98
N ARG C 376 7.00 2.25 -19.46
CA ARG C 376 6.38 2.50 -20.75
C ARG C 376 5.25 3.53 -20.67
N THR C 377 4.60 3.64 -19.51
CA THR C 377 3.40 4.48 -19.44
C THR C 377 3.62 5.73 -18.64
N GLY C 378 4.64 5.68 -17.80
CA GLY C 378 4.98 6.79 -16.93
C GLY C 378 4.04 6.99 -15.77
N LEU C 379 3.06 6.11 -15.66
CA LEU C 379 2.10 6.12 -14.56
C LEU C 379 2.81 5.79 -13.26
N ASP C 380 2.24 6.18 -12.14
CA ASP C 380 2.78 5.71 -10.88
C ASP C 380 1.83 4.70 -10.28
N PHE C 381 2.31 3.47 -10.20
CA PHE C 381 1.50 2.45 -9.61
C PHE C 381 1.79 2.50 -8.11
N GLU C 382 0.71 2.44 -7.33
CA GLU C 382 0.72 2.31 -5.87
C GLU C 382 0.10 0.97 -5.51
N ILE C 383 0.73 0.21 -4.61
CA ILE C 383 0.28 -1.17 -4.34
C ILE C 383 -0.52 -1.39 -3.05
N ILE C 384 -1.67 -2.03 -3.19
CA ILE C 384 -2.52 -2.46 -2.09
C ILE C 384 -2.60 -3.98 -2.01
N GLY C 385 -2.21 -4.53 -0.87
CA GLY C 385 -2.24 -5.97 -0.68
C GLY C 385 -3.52 -6.36 0.05
N VAL C 386 -4.25 -7.33 -0.49
CA VAL C 386 -5.44 -7.84 0.19
C VAL C 386 -5.26 -9.33 0.47
N ASP C 387 -6.05 -9.87 1.39
CA ASP C 387 -5.87 -11.26 1.81
C ASP C 387 -6.54 -12.26 0.87
N THR C 388 -7.72 -11.92 0.34
CA THR C 388 -8.47 -12.82 -0.54
C THR C 388 -8.77 -12.19 -1.88
N VAL C 389 -9.10 -13.04 -2.85
CA VAL C 389 -9.49 -12.55 -4.18
C VAL C 389 -10.78 -11.71 -4.06
N GLU C 390 -11.69 -12.16 -3.19
CA GLU C 390 -12.97 -11.49 -3.01
C GLU C 390 -12.74 -10.08 -2.48
N GLU C 391 -11.83 -9.95 -1.54
CA GLU C 391 -11.52 -8.64 -1.03
C GLU C 391 -10.95 -7.79 -2.15
N LEU C 392 -10.13 -8.44 -2.98
CA LEU C 392 -9.45 -7.76 -4.08
C LEU C 392 -10.45 -7.19 -5.06
N ILE C 393 -11.39 -8.03 -5.48
CA ILE C 393 -12.41 -7.61 -6.44
C ILE C 393 -13.32 -6.53 -5.82
N ALA C 394 -13.61 -6.69 -4.54
CA ALA C 394 -14.41 -5.72 -3.75
C ALA C 394 -13.85 -4.30 -3.86
N LYS C 395 -12.53 -4.21 -3.71
CA LYS C 395 -11.80 -2.94 -3.75
C LYS C 395 -11.77 -2.37 -5.16
N LEU C 396 -11.90 -3.24 -6.16
CA LEU C 396 -11.90 -2.77 -7.55
C LEU C 396 -13.23 -2.10 -7.88
N ARG C 397 -14.31 -2.76 -7.45
CA ARG C 397 -15.67 -2.27 -7.54
C ARG C 397 -15.88 -1.00 -6.70
N SER C 398 -15.28 -0.93 -5.50
CA SER C 398 -15.46 0.21 -4.60
C SER C 398 -14.68 1.41 -5.05
N GLY C 399 -13.69 1.17 -5.90
CA GLY C 399 -12.82 2.23 -6.37
C GLY C 399 -11.57 2.53 -5.54
N GLU C 400 -11.30 1.75 -4.48
CA GLU C 400 -10.01 1.87 -3.80
C GLU C 400 -8.94 1.49 -4.79
N ALA C 401 -9.22 0.49 -5.61
CA ALA C 401 -8.25 0.05 -6.62
C ALA C 401 -8.70 0.32 -8.05
N ASP C 402 -7.76 0.81 -8.85
CA ASP C 402 -8.00 1.09 -10.27
C ASP C 402 -7.91 -0.17 -11.10
N MET C 403 -6.99 -1.04 -10.68
CA MET C 403 -6.69 -2.28 -11.40
C MET C 403 -6.19 -3.41 -10.48
N ALA C 404 -6.37 -4.63 -10.94
CA ALA C 404 -5.79 -5.74 -10.23
C ALA C 404 -4.40 -6.05 -10.83
N GLY C 405 -3.41 -6.29 -9.98
CA GLY C 405 -2.07 -6.62 -10.43
C GLY C 405 -1.86 -8.00 -11.06
N ALA C 406 -2.52 -9.01 -10.52
CA ALA C 406 -2.42 -10.37 -11.07
C ALA C 406 -3.64 -11.16 -10.72
N LEU C 407 -4.43 -11.54 -11.72
CA LEU C 407 -5.57 -12.41 -11.50
C LEU C 407 -5.59 -13.47 -12.56
N PHE C 408 -6.10 -14.64 -12.21
CA PHE C 408 -6.32 -15.64 -13.23
C PHE C 408 -7.43 -15.18 -14.13
N VAL C 409 -7.19 -15.29 -15.43
CA VAL C 409 -8.21 -15.04 -16.42
C VAL C 409 -9.37 -16.00 -16.16
N ASN C 410 -10.58 -15.45 -16.16
CA ASN C 410 -11.76 -16.23 -15.80
C ASN C 410 -12.99 -15.69 -16.54
N SER C 411 -13.59 -16.52 -17.38
CA SER C 411 -14.78 -16.16 -18.16
C SER C 411 -15.98 -15.88 -17.25
N ALA C 412 -15.93 -16.48 -16.06
CA ALA C 412 -16.94 -16.25 -15.03
C ALA C 412 -16.92 -14.79 -14.58
N ARG C 413 -15.72 -14.27 -14.33
CA ARG C 413 -15.54 -12.92 -13.80
C ARG C 413 -15.77 -11.80 -14.85
N GLU C 414 -15.78 -12.18 -16.14
CA GLU C 414 -15.93 -11.24 -17.26
C GLU C 414 -17.27 -10.49 -17.28
N SER C 415 -18.22 -10.92 -16.43
CA SER C 415 -19.43 -10.13 -16.17
C SER C 415 -19.08 -8.73 -15.64
N PHE C 416 -18.18 -8.65 -14.66
CA PHE C 416 -17.80 -7.36 -14.08
C PHE C 416 -16.37 -7.01 -14.37
N LEU C 417 -15.59 -7.97 -14.82
CA LEU C 417 -14.18 -7.73 -15.02
C LEU C 417 -13.68 -7.79 -16.46
N SER C 418 -12.65 -7.01 -16.71
CA SER C 418 -11.94 -7.06 -17.96
C SER C 418 -10.53 -7.55 -17.68
N PHE C 419 -10.03 -8.47 -18.48
CA PHE C 419 -8.66 -8.93 -18.28
C PHE C 419 -7.75 -8.37 -19.36
N SER C 420 -6.54 -8.02 -18.96
CA SER C 420 -5.54 -7.53 -19.90
C SER C 420 -5.04 -8.70 -20.72
N ARG C 421 -4.13 -8.40 -21.64
CA ARG C 421 -3.40 -9.44 -22.32
C ARG C 421 -2.63 -10.17 -21.22
N PRO C 422 -2.66 -11.50 -21.24
CA PRO C 422 -1.99 -12.29 -20.19
C PRO C 422 -0.48 -12.08 -20.25
N TYR C 423 0.19 -12.15 -19.11
CA TYR C 423 1.63 -11.99 -19.09
C TYR C 423 2.29 -13.22 -18.47
N VAL C 424 1.48 -14.16 -18.00
CA VAL C 424 1.97 -15.50 -17.66
C VAL C 424 1.01 -16.54 -18.23
N ARG C 425 1.53 -17.51 -18.97
CA ARG C 425 0.71 -18.63 -19.38
C ARG C 425 1.45 -19.83 -18.92
N ASN C 426 0.82 -20.64 -18.11
CA ASN C 426 1.52 -21.75 -17.51
C ASN C 426 0.61 -22.93 -17.22
N GLY C 427 1.10 -24.15 -17.38
CA GLY C 427 0.25 -25.30 -17.14
C GLY C 427 0.09 -25.52 -15.65
N MET C 428 -0.80 -26.43 -15.25
CA MET C 428 -0.99 -26.66 -13.83
C MET C 428 -0.62 -28.07 -13.33
N VAL C 429 -0.40 -28.17 -12.02
CA VAL C 429 0.04 -29.41 -11.37
C VAL C 429 -0.63 -29.63 -10.00
N ILE C 430 -0.59 -30.87 -9.48
CA ILE C 430 -1.05 -31.14 -8.10
C ILE C 430 0.14 -31.42 -7.18
N VAL C 431 0.14 -30.78 -6.03
CA VAL C 431 1.22 -30.95 -5.06
C VAL C 431 0.73 -31.82 -3.93
N THR C 432 1.48 -32.84 -3.58
CA THR C 432 1.08 -33.68 -2.46
C THR C 432 2.14 -33.55 -1.40
N ARG C 433 1.87 -34.09 -0.22
CA ARG C 433 2.90 -34.26 0.79
C ARG C 433 3.88 -35.34 0.32
N GLN C 434 4.94 -35.59 1.08
CA GLN C 434 5.88 -36.63 0.71
C GLN C 434 5.71 -37.83 1.63
N ASP C 435 4.48 -38.35 1.71
CA ASP C 435 4.18 -39.61 2.37
C ASP C 435 4.21 -40.69 1.30
N PRO C 436 4.34 -41.97 1.70
CA PRO C 436 4.08 -43.06 0.75
C PRO C 436 2.58 -43.12 0.38
N ASP C 437 1.73 -42.64 1.29
CA ASP C 437 0.27 -42.65 1.16
C ASP C 437 -0.24 -41.67 0.09
N ALA C 438 0.53 -40.61 -0.17
CA ALA C 438 0.17 -39.52 -1.08
C ALA C 438 -0.14 -39.95 -2.49
N PRO C 439 -1.12 -39.28 -3.13
CA PRO C 439 -1.44 -39.64 -4.50
C PRO C 439 -0.19 -39.61 -5.35
N VAL C 440 0.03 -40.69 -6.08
CA VAL C 440 1.23 -40.84 -6.89
C VAL C 440 1.24 -39.87 -8.09
N ASP C 441 0.09 -39.62 -8.70
CA ASP C 441 -0.07 -38.63 -9.77
C ASP C 441 -1.53 -38.23 -9.93
N ALA C 442 -1.82 -37.38 -10.91
CA ALA C 442 -3.17 -36.83 -11.05
C ALA C 442 -4.17 -37.88 -11.47
N ASP C 443 -3.69 -38.99 -12.03
CA ASP C 443 -4.56 -40.09 -12.43
C ASP C 443 -4.99 -40.99 -11.25
N HIS C 444 -4.34 -40.86 -10.10
CA HIS C 444 -4.67 -41.70 -8.95
C HIS C 444 -5.31 -40.88 -7.84
N LEU C 445 -6.22 -40.01 -8.23
CA LEU C 445 -6.84 -39.10 -7.30
C LEU C 445 -8.16 -39.66 -6.78
N ASP C 446 -8.47 -40.89 -7.21
CA ASP C 446 -9.70 -41.62 -6.80
C ASP C 446 -9.90 -41.58 -5.27
N GLY C 447 -10.88 -40.81 -4.82
CA GLY C 447 -11.23 -40.68 -3.42
C GLY C 447 -10.35 -39.77 -2.58
N ARG C 448 -9.42 -39.06 -3.21
CA ARG C 448 -8.50 -38.20 -2.48
C ARG C 448 -9.09 -36.81 -2.43
N THR C 449 -8.76 -36.03 -1.39
CA THR C 449 -9.23 -34.65 -1.32
C THR C 449 -8.23 -33.75 -2.02
N VAL C 450 -8.72 -32.87 -2.89
CA VAL C 450 -7.86 -31.96 -3.67
C VAL C 450 -8.22 -30.50 -3.36
N ALA C 451 -7.28 -29.71 -2.86
CA ALA C 451 -7.57 -28.31 -2.47
C ALA C 451 -7.55 -27.29 -3.64
N LEU C 452 -8.55 -26.41 -3.70
CA LEU C 452 -8.55 -25.32 -4.66
C LEU C 452 -8.97 -24.01 -3.98
N VAL C 453 -8.84 -22.88 -4.66
CA VAL C 453 -9.27 -21.63 -4.05
C VAL C 453 -10.78 -21.47 -4.30
N ARG C 454 -11.53 -21.10 -3.27
CA ARG C 454 -12.98 -20.93 -3.41
C ARG C 454 -13.30 -20.08 -4.62
N ASN C 455 -14.29 -20.52 -5.41
CA ASN C 455 -14.69 -19.91 -6.68
C ASN C 455 -13.57 -19.93 -7.74
N SER C 456 -12.68 -20.90 -7.69
CA SER C 456 -11.70 -21.01 -8.74
C SER C 456 -12.36 -21.55 -10.00
N ALA C 457 -12.00 -20.98 -11.14
CA ALA C 457 -12.47 -21.49 -12.42
C ALA C 457 -11.95 -22.94 -12.64
N ALA C 458 -10.91 -23.33 -11.90
CA ALA C 458 -10.38 -24.70 -12.00
C ALA C 458 -11.39 -25.70 -11.45
N ILE C 459 -12.15 -25.30 -10.43
CA ILE C 459 -13.06 -26.23 -9.72
C ILE C 459 -14.00 -26.99 -10.66
N PRO C 460 -14.83 -26.31 -11.47
CA PRO C 460 -15.59 -27.13 -12.41
C PRO C 460 -14.71 -27.99 -13.35
N LEU C 461 -13.73 -27.37 -14.02
CA LEU C 461 -12.87 -28.08 -14.96
C LEU C 461 -12.24 -29.33 -14.37
N LEU C 462 -11.84 -29.23 -13.10
CA LEU C 462 -11.25 -30.34 -12.39
C LEU C 462 -12.27 -31.43 -12.16
N GLN C 463 -13.46 -31.10 -11.65
CA GLN C 463 -14.44 -32.14 -11.35
C GLN C 463 -15.01 -32.83 -12.59
N ARG C 464 -14.81 -32.26 -13.76
CA ARG C 464 -15.28 -32.87 -15.01
C ARG C 464 -14.35 -34.02 -15.36
N ARG C 465 -13.06 -33.72 -15.29
CA ARG C 465 -11.98 -34.64 -15.64
C ARG C 465 -11.64 -35.58 -14.50
N TYR C 466 -11.77 -35.13 -13.26
CA TYR C 466 -11.42 -36.01 -12.14
C TYR C 466 -12.58 -36.08 -11.11
N PRO C 467 -13.70 -36.73 -11.48
CA PRO C 467 -14.95 -36.68 -10.72
C PRO C 467 -14.85 -37.44 -9.42
N GLN C 468 -14.00 -38.46 -9.44
CA GLN C 468 -13.75 -39.29 -8.26
C GLN C 468 -13.01 -38.54 -7.18
N ALA C 469 -12.54 -37.35 -7.51
CA ALA C 469 -11.79 -36.57 -6.56
C ALA C 469 -12.73 -35.78 -5.68
N LYS C 470 -12.40 -35.69 -4.40
CA LYS C 470 -13.24 -34.95 -3.49
C LYS C 470 -12.67 -33.55 -3.34
N VAL C 471 -13.29 -32.58 -4.02
CA VAL C 471 -12.83 -31.19 -3.97
C VAL C 471 -13.06 -30.55 -2.59
N VAL C 472 -12.04 -29.90 -2.05
CA VAL C 472 -12.19 -29.09 -0.83
C VAL C 472 -11.63 -27.69 -1.10
N THR C 473 -12.27 -26.66 -0.60
CA THR C 473 -11.85 -25.30 -0.97
C THR C 473 -11.28 -24.45 0.18
N ALA C 474 -10.50 -23.44 -0.21
CA ALA C 474 -9.90 -22.46 0.70
C ALA C 474 -10.04 -21.04 0.17
N ASP C 475 -9.76 -20.08 1.04
CA ASP C 475 -9.99 -18.66 0.78
C ASP C 475 -8.98 -18.01 -0.19
N ASN C 476 -7.73 -18.42 -0.10
CA ASN C 476 -6.64 -17.90 -0.92
C ASN C 476 -5.61 -18.98 -1.31
N PRO C 477 -4.66 -18.66 -2.23
CA PRO C 477 -3.69 -19.69 -2.62
C PRO C 477 -2.82 -20.16 -1.47
N SER C 478 -2.47 -19.26 -0.55
CA SER C 478 -1.60 -19.64 0.55
C SER C 478 -2.30 -20.66 1.47
N GLU C 479 -3.57 -20.47 1.77
CA GLU C 479 -4.24 -21.45 2.63
C GLU C 479 -4.55 -22.78 1.87
N ALA C 480 -4.84 -22.67 0.57
CA ALA C 480 -5.11 -23.84 -0.24
C ALA C 480 -3.92 -24.79 -0.19
N MET C 481 -2.71 -24.24 -0.07
CA MET C 481 -1.50 -25.04 -0.01
C MET C 481 -1.27 -25.62 1.36
N LEU C 482 -1.51 -24.80 2.37
CA LEU C 482 -1.30 -25.18 3.75
C LEU C 482 -2.17 -26.37 4.14
N MET C 483 -3.35 -26.48 3.52
CA MET C 483 -4.20 -27.64 3.73
C MET C 483 -3.46 -28.94 3.47
N VAL C 484 -2.64 -29.00 2.43
CA VAL C 484 -1.87 -30.20 2.22
C VAL C 484 -0.77 -30.31 3.28
N ALA C 485 -0.12 -29.20 3.55
CA ALA C 485 0.98 -29.12 4.53
C ALA C 485 0.59 -29.52 5.97
N ASN C 486 -0.59 -29.09 6.38
CA ASN C 486 -1.14 -29.37 7.70
C ASN C 486 -1.73 -30.78 7.81
N GLY C 487 -2.25 -31.29 6.71
CA GLY C 487 -2.81 -32.64 6.70
C GLY C 487 -4.30 -32.75 6.40
N GLN C 488 -4.97 -31.63 6.12
CA GLN C 488 -6.40 -31.63 5.84
C GLN C 488 -6.70 -31.98 4.37
N ALA C 489 -5.67 -32.11 3.55
CA ALA C 489 -5.92 -32.47 2.16
C ALA C 489 -4.78 -33.29 1.57
N ASP C 490 -5.10 -34.06 0.53
CA ASP C 490 -4.16 -34.97 -0.09
C ASP C 490 -3.37 -34.30 -1.20
N ALA C 491 -3.95 -33.32 -1.84
CA ALA C 491 -3.25 -32.63 -2.90
C ALA C 491 -3.80 -31.20 -3.04
N VAL C 492 -3.03 -30.32 -3.67
CA VAL C 492 -3.50 -28.97 -3.94
C VAL C 492 -3.25 -28.66 -5.41
N VAL C 493 -4.15 -27.91 -6.04
CA VAL C 493 -3.94 -27.50 -7.43
C VAL C 493 -3.21 -26.16 -7.48
N GLN C 494 -2.11 -26.14 -8.23
CA GLN C 494 -1.32 -24.94 -8.37
C GLN C 494 -0.75 -24.81 -9.78
N THR C 495 -0.42 -23.58 -10.16
CA THR C 495 0.38 -23.40 -11.34
C THR C 495 1.71 -24.08 -11.11
N GLN C 496 2.26 -24.65 -12.18
CA GLN C 496 3.55 -25.31 -12.10
C GLN C 496 4.65 -24.34 -11.63
N ILE C 497 4.59 -23.09 -12.09
CA ILE C 497 5.52 -22.07 -11.61
C ILE C 497 5.45 -21.93 -10.10
N SER C 498 4.24 -21.72 -9.58
CA SER C 498 4.05 -21.53 -8.15
C SER C 498 4.45 -22.80 -7.38
N ALA C 499 3.98 -23.94 -7.85
CA ALA C 499 4.30 -25.20 -7.18
C ALA C 499 5.80 -25.41 -7.11
N SER C 500 6.50 -25.29 -8.25
CA SER C 500 7.98 -25.39 -8.33
C SER C 500 8.67 -24.46 -7.36
N TYR C 501 8.22 -23.21 -7.32
CA TYR C 501 8.76 -22.21 -6.41
C TYR C 501 8.65 -22.72 -4.99
N TYR C 502 7.42 -22.89 -4.49
CA TYR C 502 7.22 -23.30 -3.12
C TYR C 502 7.96 -24.59 -2.75
N VAL C 503 7.82 -25.65 -3.56
CA VAL C 503 8.39 -26.95 -3.22
C VAL C 503 9.91 -26.91 -3.00
N ASN C 504 10.66 -26.28 -3.90
CA ASN C 504 12.12 -26.22 -3.78
C ASN C 504 12.65 -25.10 -2.88
N ARG C 505 11.85 -24.09 -2.67
CA ARG C 505 12.29 -22.97 -1.89
C ARG C 505 12.09 -23.23 -0.40
N TYR C 506 10.87 -23.58 0.01
CA TYR C 506 10.50 -23.64 1.42
C TYR C 506 10.06 -25.00 1.93
N PHE C 507 9.71 -25.91 1.05
CA PHE C 507 9.16 -27.19 1.50
C PHE C 507 9.95 -28.39 1.02
N ALA C 508 11.26 -28.23 0.85
CA ALA C 508 12.11 -29.35 0.47
C ALA C 508 11.84 -30.57 1.36
N GLY C 509 11.57 -31.71 0.73
CA GLY C 509 11.32 -32.93 1.48
C GLY C 509 10.02 -33.00 2.26
N LYS C 510 9.17 -31.98 2.18
CA LYS C 510 7.82 -32.06 2.77
C LYS C 510 6.71 -32.01 1.70
N LEU C 511 6.83 -31.16 0.67
CA LEU C 511 5.88 -31.20 -0.46
C LEU C 511 6.59 -31.71 -1.69
N ARG C 512 5.82 -32.11 -2.69
CA ARG C 512 6.40 -32.50 -3.97
C ARG C 512 5.39 -32.32 -5.11
N ILE C 513 5.88 -32.12 -6.32
CA ILE C 513 4.99 -32.05 -7.46
C ILE C 513 4.84 -33.49 -7.95
N ALA C 514 3.61 -34.00 -7.85
CA ALA C 514 3.28 -35.35 -8.29
C ALA C 514 3.23 -35.48 -9.83
N SER C 515 2.40 -34.68 -10.47
CA SER C 515 2.29 -34.70 -11.93
C SER C 515 1.54 -33.49 -12.42
N ALA C 516 1.55 -33.29 -13.73
CA ALA C 516 0.71 -32.25 -14.33
C ALA C 516 -0.79 -32.61 -14.26
N LEU C 517 -1.66 -31.62 -14.40
CA LEU C 517 -3.10 -31.86 -14.49
C LEU C 517 -3.53 -31.78 -15.95
N ASP C 518 -4.49 -32.61 -16.35
CA ASP C 518 -5.09 -32.52 -17.69
C ASP C 518 -6.19 -31.43 -17.70
N LEU C 519 -5.86 -30.23 -17.25
CA LEU C 519 -6.73 -29.07 -17.33
C LEU C 519 -6.03 -28.15 -18.29
N PRO C 520 -6.73 -27.16 -18.87
CA PRO C 520 -6.04 -26.14 -19.68
C PRO C 520 -5.13 -25.30 -18.82
N PRO C 521 -4.09 -24.69 -19.41
CA PRO C 521 -3.10 -23.89 -18.71
C PRO C 521 -3.71 -22.65 -18.10
N ALA C 522 -3.15 -22.21 -16.98
CA ALA C 522 -3.55 -20.95 -16.35
C ALA C 522 -3.08 -19.72 -17.11
N GLU C 523 -3.81 -18.64 -17.01
CA GLU C 523 -3.33 -17.37 -17.53
C GLU C 523 -3.43 -16.28 -16.48
N ILE C 524 -2.34 -15.59 -16.20
CA ILE C 524 -2.40 -14.49 -15.27
C ILE C 524 -2.40 -13.18 -16.03
N ALA C 525 -3.31 -12.28 -15.67
CA ALA C 525 -3.44 -11.01 -16.39
C ALA C 525 -3.63 -9.89 -15.39
N LEU C 526 -3.51 -8.65 -15.85
CA LEU C 526 -3.98 -7.51 -15.09
C LEU C 526 -5.51 -7.46 -15.21
N ALA C 527 -6.19 -6.81 -14.29
CA ALA C 527 -7.65 -6.70 -14.45
C ALA C 527 -8.14 -5.33 -14.07
N THR C 528 -9.16 -4.84 -14.78
CA THR C 528 -9.83 -3.64 -14.32
C THR C 528 -11.31 -3.92 -14.29
N THR C 529 -12.07 -3.00 -13.73
CA THR C 529 -13.51 -3.01 -13.88
C THR C 529 -13.79 -2.77 -15.33
N ARG C 530 -14.90 -3.32 -15.83
CA ARG C 530 -15.22 -3.26 -17.25
C ARG C 530 -15.45 -1.80 -17.69
N GLY C 531 -15.85 -0.95 -16.75
CA GLY C 531 -16.01 0.45 -17.06
C GLY C 531 -14.70 1.15 -17.38
N GLN C 532 -13.64 0.78 -16.68
CA GLN C 532 -12.32 1.43 -16.85
C GLN C 532 -11.67 1.18 -18.21
N THR C 533 -11.99 1.96 -19.23
CA THR C 533 -11.57 1.59 -20.58
C THR C 533 -10.26 2.22 -20.94
N GLU C 534 -10.03 3.45 -20.50
CA GLU C 534 -8.80 4.17 -20.85
C GLU C 534 -7.57 3.54 -20.19
N LEU C 535 -7.71 3.13 -18.93
CA LEU C 535 -6.62 2.48 -18.24
C LEU C 535 -6.34 1.16 -18.93
N MET C 536 -7.37 0.35 -19.14
CA MET C 536 -7.15 -0.97 -19.75
C MET C 536 -6.46 -0.90 -21.12
N SER C 537 -6.85 0.02 -21.98
CA SER C 537 -6.17 0.09 -23.27
C SER C 537 -4.72 0.52 -23.06
N ILE C 538 -4.47 1.37 -22.07
CA ILE C 538 -3.11 1.78 -21.80
C ILE C 538 -2.29 0.60 -21.31
N LEU C 539 -2.87 -0.19 -20.41
CA LEU C 539 -2.18 -1.36 -19.90
C LEU C 539 -1.87 -2.29 -21.06
N ASN C 540 -2.85 -2.57 -21.91
CA ASN C 540 -2.62 -3.45 -23.05
C ASN C 540 -1.63 -2.88 -24.09
N LYS C 541 -1.66 -1.57 -24.34
CA LYS C 541 -0.71 -1.01 -25.31
C LYS C 541 0.70 -1.23 -24.80
N ALA C 542 0.87 -0.94 -23.52
CA ALA C 542 2.14 -1.13 -22.85
C ALA C 542 2.52 -2.60 -22.87
N LEU C 543 1.58 -3.47 -22.53
CA LEU C 543 1.85 -4.90 -22.50
C LEU C 543 2.26 -5.47 -23.87
N TYR C 544 1.70 -4.95 -24.96
CA TYR C 544 2.15 -5.41 -26.28
C TYR C 544 3.61 -4.99 -26.54
N SER C 545 4.04 -3.86 -25.99
CA SER C 545 5.41 -3.38 -26.19
C SER C 545 6.45 -4.19 -25.41
N ILE C 546 6.01 -4.97 -24.43
CA ILE C 546 6.91 -5.87 -23.70
C ILE C 546 7.05 -7.24 -24.39
N SER C 547 8.27 -7.57 -24.78
CA SER C 547 8.55 -8.82 -25.49
C SER C 547 8.42 -10.04 -24.57
N ASN C 548 8.08 -11.17 -25.14
CA ASN C 548 8.07 -12.40 -24.37
C ASN C 548 9.47 -12.74 -23.88
N ASP C 549 10.50 -12.20 -24.52
CA ASP C 549 11.86 -12.43 -24.04
C ASP C 549 12.01 -11.74 -22.66
N GLU C 550 11.45 -10.53 -22.52
CA GLU C 550 11.49 -9.89 -21.22
C GLU C 550 10.59 -10.62 -20.23
N LEU C 551 9.39 -11.03 -20.63
CA LEU C 551 8.52 -11.75 -19.71
C LEU C 551 9.14 -13.07 -19.24
N ALA C 552 9.68 -13.83 -20.18
CA ALA C 552 10.31 -15.10 -19.84
C ALA C 552 11.51 -14.88 -18.92
N SER C 553 12.32 -13.85 -19.17
CA SER C 553 13.48 -13.58 -18.31
C SER C 553 13.08 -13.32 -16.86
N ILE C 554 12.03 -12.51 -16.67
CA ILE C 554 11.44 -12.21 -15.36
C ILE C 554 10.90 -13.48 -14.72
N ILE C 555 10.09 -14.21 -15.47
CA ILE C 555 9.48 -15.43 -14.94
C ILE C 555 10.54 -16.44 -14.47
N SER C 556 11.58 -16.67 -15.27
CA SER C 556 12.58 -17.69 -14.95
C SER C 556 13.46 -17.30 -13.75
N ARG C 557 13.78 -16.03 -13.59
CA ARG C 557 14.59 -15.62 -12.45
C ARG C 557 13.74 -15.58 -11.21
N TRP C 558 12.42 -15.51 -11.39
CA TRP C 558 11.57 -15.60 -10.22
C TRP C 558 11.29 -17.03 -9.74
N ARG C 559 11.01 -17.94 -10.67
CA ARG C 559 10.86 -19.34 -10.29
C ARG C 559 12.21 -19.73 -9.68
N GLY C 560 13.24 -19.18 -10.30
CA GLY C 560 14.59 -19.36 -9.82
C GLY C 560 15.03 -20.78 -9.95
N SER C 561 16.03 -21.12 -9.14
CA SER C 561 16.64 -22.43 -9.17
C SER C 561 16.57 -23.07 -7.79
N ASP C 562 16.78 -24.38 -7.78
CA ASP C 562 16.49 -25.20 -6.63
C ASP C 562 17.56 -25.06 -5.52
N GLY C 563 18.61 -25.85 -5.61
CA GLY C 563 19.67 -25.77 -4.63
C GLY C 563 19.42 -26.58 -3.38
N ASP C 564 20.04 -26.16 -2.29
CA ASP C 564 20.03 -26.96 -1.07
C ASP C 564 19.66 -26.12 0.14
N PRO C 565 18.36 -25.85 0.29
CA PRO C 565 17.88 -25.00 1.38
C PRO C 565 18.03 -25.67 2.74
N ARG C 566 18.07 -26.99 2.79
CA ARG C 566 18.07 -27.67 4.09
C ARG C 566 19.47 -27.65 4.76
N THR C 567 20.54 -27.65 3.97
CA THR C 567 21.90 -27.49 4.50
C THR C 567 22.02 -26.16 5.23
N TRP C 568 21.41 -25.14 4.65
CA TRP C 568 21.50 -23.78 5.18
C TRP C 568 20.41 -23.48 6.23
N TYR C 569 19.40 -24.33 6.30
CA TYR C 569 18.53 -24.34 7.48
C TYR C 569 19.33 -24.92 8.63
N ALA C 570 20.00 -26.03 8.34
CA ALA C 570 20.83 -26.75 9.32
C ALA C 570 21.91 -25.84 9.90
N TYR C 571 22.51 -25.03 9.03
CA TYR C 571 23.49 -24.04 9.44
C TYR C 571 22.93 -22.82 10.18
N ARG C 572 21.76 -22.33 9.78
CA ARG C 572 21.20 -21.15 10.44
C ARG C 572 20.82 -21.36 11.91
N ASN C 573 20.22 -22.49 12.25
CA ASN C 573 19.89 -22.78 13.66
C ASN C 573 21.07 -23.24 14.52
N GLU C 574 22.03 -23.94 13.91
CA GLU C 574 23.24 -24.39 14.61
C GLU C 574 24.05 -23.15 15.03
N ILE C 575 23.95 -22.09 14.23
CA ILE C 575 24.46 -20.76 14.56
C ILE C 575 23.66 -20.08 15.68
N TYR C 576 22.34 -20.26 15.66
CA TYR C 576 21.49 -19.66 16.70
C TYR C 576 21.67 -20.37 18.05
N LEU C 577 22.02 -21.67 18.02
CA LEU C 577 22.32 -22.46 19.23
C LEU C 577 23.64 -22.12 19.94
N GLU C 578 24.71 -21.87 19.18
CA GLU C 578 25.98 -21.37 19.73
C GLU C 578 26.12 -19.86 19.61
N SER D 66 -16.71 -17.37 -39.00
CA SER D 66 -15.48 -16.60 -39.22
C SER D 66 -15.52 -15.20 -38.59
N GLN D 67 -14.54 -14.89 -37.73
CA GLN D 67 -14.42 -13.58 -37.07
C GLN D 67 -13.12 -12.88 -37.47
N GLU D 68 -13.23 -11.59 -37.79
CA GLU D 68 -12.14 -10.77 -38.29
C GLU D 68 -11.32 -10.25 -37.14
N LEU D 69 -10.01 -10.21 -37.36
CA LEU D 69 -9.08 -9.79 -36.33
C LEU D 69 -8.18 -8.66 -36.84
N THR D 70 -7.64 -7.88 -35.92
CA THR D 70 -6.70 -6.83 -36.28
C THR D 70 -5.30 -7.36 -36.02
N LEU D 71 -4.43 -7.24 -37.02
CA LEU D 71 -3.07 -7.71 -36.86
C LEU D 71 -2.35 -6.66 -35.99
N VAL D 72 -1.92 -7.02 -34.77
CA VAL D 72 -1.29 -6.04 -33.87
C VAL D 72 0.03 -5.52 -34.42
N GLY D 73 0.09 -4.20 -34.67
CA GLY D 73 1.27 -3.53 -35.18
C GLY D 73 2.47 -3.40 -34.26
N LYS D 74 3.55 -4.13 -34.58
CA LYS D 74 4.70 -4.20 -33.68
C LYS D 74 6.00 -3.62 -34.21
N ALA D 75 6.74 -2.97 -33.31
CA ALA D 75 8.08 -2.45 -33.56
C ALA D 75 8.25 -1.74 -34.90
N ALA D 76 9.31 -2.12 -35.59
CA ALA D 76 9.61 -1.61 -36.91
C ALA D 76 9.66 -2.81 -37.83
N VAL D 77 8.62 -2.93 -38.66
CA VAL D 77 8.51 -4.04 -39.59
C VAL D 77 9.55 -3.87 -40.68
N PRO D 78 10.37 -4.91 -40.88
CA PRO D 78 11.54 -4.88 -41.75
C PRO D 78 11.24 -4.65 -43.23
N ASP D 79 12.20 -4.09 -43.95
CA ASP D 79 12.12 -3.96 -45.41
C ASP D 79 13.04 -5.02 -46.01
N VAL D 80 12.53 -5.96 -46.80
CA VAL D 80 13.41 -6.88 -47.51
C VAL D 80 13.51 -6.48 -48.96
N GLU D 81 14.63 -6.79 -49.60
CA GLU D 81 14.77 -6.40 -50.98
C GLU D 81 14.09 -7.45 -51.82
N VAL D 82 12.93 -7.11 -52.39
CA VAL D 82 12.10 -8.07 -53.13
C VAL D 82 12.12 -7.76 -54.60
N ALA D 83 12.39 -8.78 -55.40
CA ALA D 83 12.43 -8.58 -56.83
C ALA D 83 11.23 -9.27 -57.42
N LEU D 84 10.32 -8.46 -57.95
CA LEU D 84 9.17 -9.02 -58.61
C LEU D 84 8.96 -8.46 -59.99
N ASP D 85 8.31 -9.28 -60.80
CA ASP D 85 7.93 -9.01 -62.17
C ASP D 85 7.07 -7.75 -62.23
N GLY D 86 7.36 -6.86 -63.18
CA GLY D 86 6.59 -5.64 -63.35
C GLY D 86 5.07 -5.84 -63.47
N ASP D 87 4.65 -6.99 -64.01
CA ASP D 87 3.23 -7.37 -63.97
C ASP D 87 2.73 -7.84 -62.60
N ASP D 88 3.58 -8.53 -61.85
CA ASP D 88 3.17 -9.01 -60.53
C ASP D 88 2.95 -7.81 -59.62
N TRP D 89 3.84 -6.82 -59.70
CA TRP D 89 3.71 -5.62 -58.89
C TRP D 89 2.42 -4.88 -59.17
N ARG D 90 2.02 -4.76 -60.44
CA ARG D 90 0.82 -4.00 -60.77
C ARG D 90 -0.39 -4.84 -60.37
N TRP D 91 -0.27 -6.17 -60.48
CA TRP D 91 -1.31 -7.09 -60.02
C TRP D 91 -1.62 -6.89 -58.54
N LEU D 92 -0.55 -6.78 -57.74
CA LEU D 92 -0.65 -6.53 -56.30
C LEU D 92 -1.33 -5.19 -55.99
N ALA D 93 -0.99 -4.16 -56.76
CA ALA D 93 -1.60 -2.84 -56.58
C ALA D 93 -3.14 -2.88 -56.71
N ARG D 94 -3.62 -3.61 -57.71
CA ARG D 94 -5.06 -3.75 -57.93
C ARG D 94 -5.70 -4.60 -56.84
N LYS D 95 -4.96 -5.60 -56.36
CA LYS D 95 -5.53 -6.51 -55.38
C LYS D 95 -5.80 -5.83 -54.04
N ARG D 96 -4.95 -4.87 -53.67
CA ARG D 96 -5.14 -4.02 -52.49
C ARG D 96 -4.95 -4.77 -51.17
N VAL D 97 -5.72 -5.86 -50.98
CA VAL D 97 -5.79 -6.57 -49.70
C VAL D 97 -5.30 -8.02 -49.73
N LEU D 98 -4.39 -8.36 -48.82
CA LEU D 98 -3.95 -9.74 -48.62
C LEU D 98 -4.65 -10.31 -47.38
N THR D 99 -5.39 -11.40 -47.55
CA THR D 99 -6.16 -11.95 -46.45
C THR D 99 -5.62 -13.25 -45.92
N LEU D 100 -5.16 -13.20 -44.69
CA LEU D 100 -4.63 -14.37 -44.00
C LEU D 100 -5.75 -14.98 -43.22
N GLY D 101 -5.82 -16.31 -43.22
CA GLY D 101 -6.79 -17.03 -42.40
C GLY D 101 -6.19 -17.85 -41.28
N VAL D 102 -6.78 -17.79 -40.08
CA VAL D 102 -6.28 -18.62 -38.97
C VAL D 102 -7.38 -19.42 -38.30
N TYR D 103 -6.99 -20.46 -37.56
CA TYR D 103 -7.97 -21.45 -37.17
C TYR D 103 -7.82 -22.03 -35.76
N ALA D 104 -8.91 -22.67 -35.36
CA ALA D 104 -9.20 -23.24 -34.04
C ALA D 104 -8.31 -22.79 -32.88
N PRO D 105 -7.44 -23.67 -32.37
CA PRO D 105 -7.03 -23.55 -30.96
C PRO D 105 -6.19 -22.34 -30.45
N ASP D 106 -5.29 -21.72 -31.25
CA ASP D 106 -4.20 -20.82 -30.75
C ASP D 106 -2.99 -21.64 -30.33
N ILE D 107 -1.94 -21.60 -31.14
CA ILE D 107 -0.71 -22.33 -30.83
C ILE D 107 0.45 -21.36 -30.62
N PRO D 108 0.72 -20.95 -29.36
CA PRO D 108 1.83 -20.03 -29.10
C PRO D 108 3.21 -20.68 -29.37
N PRO D 109 4.17 -19.90 -29.90
CA PRO D 109 4.11 -18.46 -30.12
C PRO D 109 3.70 -18.14 -31.54
N PHE D 110 3.21 -19.11 -32.29
CA PHE D 110 2.89 -18.87 -33.67
C PHE D 110 1.59 -18.06 -33.81
N ASP D 111 0.51 -18.58 -33.25
CA ASP D 111 -0.80 -17.95 -33.35
C ASP D 111 -1.25 -17.57 -31.96
N VAL D 112 -1.40 -16.29 -31.65
CA VAL D 112 -1.98 -15.96 -30.35
C VAL D 112 -3.10 -14.96 -30.45
N THR D 113 -4.25 -15.31 -29.90
CA THR D 113 -5.38 -14.42 -30.05
C THR D 113 -5.80 -13.91 -28.66
N TYR D 114 -5.96 -12.59 -28.59
CA TYR D 114 -6.47 -11.91 -27.41
C TYR D 114 -7.50 -10.92 -27.85
N GLY D 115 -8.75 -11.20 -27.52
CA GLY D 115 -9.84 -10.36 -27.96
C GLY D 115 -9.98 -10.46 -29.47
N GLU D 116 -9.95 -9.31 -30.13
CA GLU D 116 -10.04 -9.28 -31.58
C GLU D 116 -8.65 -9.08 -32.21
N ARG D 117 -7.59 -9.19 -31.40
CA ARG D 117 -6.25 -8.89 -31.89
C ARG D 117 -5.45 -10.14 -32.14
N TYR D 118 -4.76 -10.17 -33.27
CA TYR D 118 -3.94 -11.30 -33.65
C TYR D 118 -2.46 -10.99 -33.53
N GLU D 119 -1.70 -11.83 -32.84
CA GLU D 119 -0.26 -11.62 -32.75
C GLU D 119 0.43 -12.96 -32.80
N GLY D 120 1.75 -12.95 -32.92
CA GLY D 120 2.52 -14.16 -32.92
C GLY D 120 3.55 -14.19 -34.01
N LEU D 121 4.32 -15.28 -34.04
CA LEU D 121 5.33 -15.50 -35.05
C LEU D 121 4.70 -15.49 -36.44
N THR D 122 3.56 -16.12 -36.60
CA THR D 122 2.91 -16.08 -37.90
C THR D 122 2.48 -14.67 -38.26
N ALA D 123 1.96 -13.96 -37.27
CA ALA D 123 1.51 -12.61 -37.48
C ALA D 123 2.65 -11.76 -37.99
N ASP D 124 3.81 -11.86 -37.34
CA ASP D 124 4.95 -11.03 -37.68
C ASP D 124 5.39 -11.27 -39.12
N TYR D 125 5.37 -12.53 -39.58
CA TYR D 125 5.72 -12.82 -40.97
C TYR D 125 4.62 -12.40 -41.94
N MET D 126 3.37 -12.48 -41.49
CA MET D 126 2.25 -11.89 -42.23
C MET D 126 2.45 -10.37 -42.43
N ALA D 127 2.87 -9.69 -41.36
CA ALA D 127 3.18 -8.25 -41.40
C ALA D 127 4.28 -7.95 -42.38
N ILE D 128 5.31 -8.78 -42.43
CA ILE D 128 6.42 -8.53 -43.31
C ILE D 128 5.98 -8.68 -44.77
N ILE D 129 5.16 -9.70 -45.06
CA ILE D 129 4.63 -9.91 -46.43
C ILE D 129 3.70 -8.79 -46.85
N ALA D 130 2.78 -8.43 -45.97
CA ALA D 130 1.86 -7.32 -46.21
C ALA D 130 2.58 -6.02 -46.50
N HIS D 131 3.55 -5.70 -45.65
CA HIS D 131 4.32 -4.46 -45.71
C HIS D 131 5.23 -4.35 -46.93
N ASN D 132 5.92 -5.44 -47.25
CA ASN D 132 6.85 -5.45 -48.39
C ASN D 132 6.18 -5.62 -49.76
N LEU D 133 4.88 -5.94 -49.75
CA LEU D 133 4.15 -6.10 -51.01
C LEU D 133 3.08 -5.03 -51.24
N GLY D 134 3.10 -3.94 -50.47
CA GLY D 134 2.16 -2.84 -50.68
C GLY D 134 0.69 -3.21 -50.52
N MET D 135 0.47 -4.17 -49.63
CA MET D 135 -0.82 -4.76 -49.35
C MET D 135 -1.37 -4.38 -47.99
N GLN D 136 -2.68 -4.29 -47.87
CA GLN D 136 -3.34 -4.24 -46.57
C GLN D 136 -3.61 -5.65 -46.06
N ALA D 137 -3.18 -5.94 -44.84
CA ALA D 137 -3.39 -7.28 -44.32
C ALA D 137 -4.71 -7.31 -43.58
N LYS D 138 -5.44 -8.38 -43.77
CA LYS D 138 -6.66 -8.65 -43.01
C LYS D 138 -6.50 -10.04 -42.42
N VAL D 139 -7.14 -10.30 -41.30
CA VAL D 139 -7.06 -11.62 -40.71
C VAL D 139 -8.46 -12.12 -40.38
N LEU D 140 -8.79 -13.30 -40.87
CA LEU D 140 -10.05 -13.92 -40.49
C LEU D 140 -9.72 -15.16 -39.67
N ARG D 141 -10.46 -15.36 -38.57
CA ARG D 141 -10.18 -16.52 -37.71
C ARG D 141 -11.34 -17.50 -37.71
N TYR D 142 -11.02 -18.74 -37.99
CA TYR D 142 -12.05 -19.76 -38.24
C TYR D 142 -12.11 -20.75 -37.11
N PRO D 143 -13.33 -21.15 -36.73
CA PRO D 143 -13.63 -22.02 -35.58
C PRO D 143 -12.88 -23.36 -35.59
N THR D 144 -12.61 -23.87 -36.80
CA THR D 144 -11.91 -25.13 -36.97
C THR D 144 -10.86 -25.01 -38.05
N ARG D 145 -9.90 -25.93 -38.00
CA ARG D 145 -8.86 -25.99 -38.99
C ARG D 145 -9.51 -26.15 -40.35
N GLU D 146 -10.61 -26.89 -40.43
CA GLU D 146 -11.23 -27.17 -41.73
C GLU D 146 -12.07 -26.08 -42.39
N GLN D 147 -12.76 -25.27 -41.62
CA GLN D 147 -13.48 -24.14 -42.23
C GLN D 147 -12.54 -23.11 -42.84
N ALA D 148 -11.35 -22.98 -42.26
CA ALA D 148 -10.30 -22.15 -42.82
C ALA D 148 -9.83 -22.72 -44.15
N LEU D 149 -9.67 -24.05 -44.19
CA LEU D 149 -9.32 -24.75 -45.40
C LEU D 149 -10.34 -24.52 -46.50
N SER D 150 -11.61 -24.54 -46.12
CA SER D 150 -12.70 -24.34 -47.09
C SER D 150 -12.68 -22.93 -47.64
N ALA D 151 -12.38 -21.98 -46.77
CA ALA D 151 -12.21 -20.59 -47.18
C ALA D 151 -11.02 -20.43 -48.13
N LEU D 152 -10.00 -21.26 -47.97
CA LEU D 152 -8.83 -21.21 -48.83
C LEU D 152 -9.22 -21.59 -50.26
N GLU D 153 -10.02 -22.67 -50.40
CA GLU D 153 -10.50 -23.11 -51.72
C GLU D 153 -11.43 -22.12 -52.44
N SER D 154 -12.34 -21.50 -51.68
CA SER D 154 -13.33 -20.57 -52.24
C SER D 154 -12.66 -19.28 -52.70
N GLY D 155 -11.57 -18.97 -52.00
CA GLY D 155 -10.81 -17.73 -52.10
C GLY D 155 -11.37 -16.64 -51.20
N GLN D 156 -11.87 -17.03 -50.03
CA GLN D 156 -12.26 -16.03 -49.04
C GLN D 156 -10.99 -15.46 -48.44
N ILE D 157 -10.02 -16.35 -48.22
CA ILE D 157 -8.71 -16.00 -47.70
C ILE D 157 -7.63 -16.43 -48.71
N ASP D 158 -6.56 -15.64 -48.80
CA ASP D 158 -5.44 -15.97 -49.70
C ASP D 158 -4.42 -16.91 -49.05
N LEU D 159 -4.15 -16.70 -47.77
CA LEU D 159 -3.14 -17.51 -47.08
C LEU D 159 -3.68 -18.19 -45.86
N ILE D 160 -3.22 -19.40 -45.61
CA ILE D 160 -3.52 -20.02 -44.34
C ILE D 160 -2.22 -20.09 -43.52
N GLY D 161 -2.30 -19.78 -42.22
CA GLY D 161 -1.11 -19.67 -41.39
C GLY D 161 -0.74 -20.89 -40.56
N THR D 162 0.55 -21.00 -40.23
CA THR D 162 1.02 -22.01 -39.28
C THR D 162 0.62 -23.40 -39.79
N VAL D 163 0.83 -23.61 -41.09
CA VAL D 163 0.55 -24.90 -41.68
C VAL D 163 1.88 -25.55 -41.67
N ASN D 164 1.91 -26.84 -41.38
CA ASN D 164 3.17 -27.53 -41.19
C ASN D 164 3.83 -27.97 -42.49
N GLY D 165 3.87 -29.28 -42.67
CA GLY D 165 4.50 -29.91 -43.81
C GLY D 165 3.83 -31.26 -43.77
N THR D 166 3.34 -31.56 -42.58
CA THR D 166 2.60 -32.77 -42.30
C THR D 166 1.13 -32.40 -42.50
N ASP D 167 0.93 -31.18 -43.01
CA ASP D 167 -0.38 -30.67 -43.38
C ASP D 167 -0.54 -30.37 -44.88
N GLY D 168 0.48 -30.66 -45.67
CA GLY D 168 0.35 -30.57 -47.13
C GLY D 168 1.17 -31.53 -48.01
N ARG D 169 1.28 -32.85 -47.77
CA ARG D 169 0.35 -33.80 -47.15
C ARG D 169 -0.99 -33.78 -47.87
N GLN D 170 -1.75 -32.72 -47.74
CA GLN D 170 -3.04 -32.65 -48.41
C GLN D 170 -2.91 -32.38 -49.89
N GLN D 171 -1.94 -31.53 -50.26
CA GLN D 171 -1.68 -31.21 -51.66
C GLN D 171 -2.83 -30.35 -52.24
N SER D 172 -3.97 -30.29 -51.56
CA SER D 172 -5.06 -29.41 -52.00
C SER D 172 -4.66 -27.94 -51.83
N LEU D 173 -3.51 -27.76 -51.17
CA LEU D 173 -2.90 -26.46 -50.90
C LEU D 173 -1.39 -26.63 -51.00
N ARG D 174 -0.70 -25.59 -51.43
CA ARG D 174 0.73 -25.68 -51.67
C ARG D 174 1.44 -24.84 -50.63
N LEU D 175 2.61 -25.29 -50.20
CA LEU D 175 3.33 -24.64 -49.10
C LEU D 175 4.42 -23.69 -49.56
N SER D 176 4.52 -22.56 -48.90
CA SER D 176 5.63 -21.66 -49.13
C SER D 176 6.84 -22.25 -48.51
N VAL D 177 8.00 -21.69 -48.85
CA VAL D 177 9.21 -22.02 -48.11
C VAL D 177 8.94 -21.53 -46.68
N PRO D 178 9.29 -22.36 -45.70
CA PRO D 178 8.98 -22.09 -44.29
C PRO D 178 9.49 -20.75 -43.81
N TYR D 179 8.66 -20.03 -43.08
CA TYR D 179 9.06 -18.72 -42.56
C TYR D 179 9.78 -18.85 -41.21
N ALA D 180 9.59 -19.99 -40.57
CA ALA D 180 10.26 -20.25 -39.30
C ALA D 180 10.68 -21.70 -39.27
N ALA D 181 11.97 -21.95 -39.28
CA ALA D 181 12.52 -23.29 -39.21
C ALA D 181 12.20 -23.95 -37.89
N ASP D 182 11.85 -25.22 -37.93
CA ASP D 182 11.56 -25.95 -36.72
C ASP D 182 11.76 -27.46 -36.92
N HIS D 183 12.52 -28.08 -36.03
CA HIS D 183 12.78 -29.52 -36.14
C HIS D 183 12.49 -30.13 -34.77
N PRO D 184 12.15 -31.42 -34.71
CA PRO D 184 11.84 -32.03 -33.41
C PRO D 184 13.08 -32.29 -32.54
N VAL D 185 12.99 -32.16 -31.22
CA VAL D 185 14.13 -32.43 -30.33
C VAL D 185 13.82 -33.45 -29.22
N ILE D 186 14.87 -34.01 -28.63
CA ILE D 186 14.74 -34.99 -27.56
C ILE D 186 15.09 -34.38 -26.22
N VAL D 187 14.16 -34.45 -25.27
CA VAL D 187 14.33 -33.92 -23.93
C VAL D 187 14.31 -35.06 -22.94
N MET D 188 15.25 -35.03 -21.97
CA MET D 188 15.35 -36.03 -20.92
C MET D 188 15.50 -35.36 -19.56
N PRO D 189 15.29 -36.12 -18.47
CA PRO D 189 15.42 -35.57 -17.11
C PRO D 189 16.80 -35.04 -16.83
N ILE D 190 16.90 -34.13 -15.87
CA ILE D 190 18.13 -33.40 -15.62
C ILE D 190 19.25 -34.37 -15.27
N GLY D 191 18.89 -35.45 -14.57
CA GLY D 191 19.88 -36.45 -14.18
C GLY D 191 20.38 -37.35 -15.28
N ALA D 192 19.48 -37.70 -16.19
CA ALA D 192 19.75 -38.64 -17.26
C ALA D 192 21.00 -38.26 -18.01
N ARG D 193 21.80 -39.25 -18.36
CA ARG D 193 22.96 -39.02 -19.21
C ARG D 193 22.63 -39.50 -20.62
N HIS D 194 23.63 -39.39 -21.51
CA HIS D 194 23.40 -39.19 -22.95
C HIS D 194 22.26 -40.00 -23.51
N VAL D 195 21.71 -39.51 -24.61
CA VAL D 195 20.63 -40.22 -25.27
C VAL D 195 21.05 -41.62 -25.70
N PRO D 196 20.14 -42.58 -25.55
CA PRO D 196 20.41 -43.81 -26.28
C PRO D 196 20.29 -43.45 -27.77
N ALA D 197 21.41 -43.28 -28.48
CA ALA D 197 21.35 -43.00 -29.91
C ALA D 197 20.57 -44.18 -30.45
N SER D 198 20.90 -45.35 -29.87
CA SER D 198 20.06 -46.57 -29.76
C SER D 198 18.55 -46.48 -30.04
N ASN D 199 18.08 -45.41 -30.67
CA ASN D 199 16.68 -45.23 -30.96
C ASN D 199 15.82 -45.33 -29.71
N LEU D 200 16.30 -44.83 -28.57
CA LEU D 200 15.48 -44.74 -27.37
C LEU D 200 14.77 -46.06 -27.02
N ALA D 201 15.44 -47.18 -27.30
CA ALA D 201 14.83 -48.47 -27.10
C ALA D 201 14.48 -48.73 -25.64
N GLY D 202 13.25 -49.19 -25.39
CA GLY D 202 12.82 -49.52 -24.05
C GLY D 202 12.41 -48.33 -23.21
N GLN D 203 12.41 -47.15 -23.82
CA GLN D 203 12.08 -45.90 -23.15
C GLN D 203 10.57 -45.55 -23.22
N ARG D 204 10.07 -44.81 -22.23
CA ARG D 204 8.72 -44.29 -22.31
C ARG D 204 8.72 -42.90 -22.96
N LEU D 205 8.29 -42.82 -24.22
CA LEU D 205 8.36 -41.58 -25.00
C LEU D 205 7.04 -40.80 -24.93
N ALA D 206 7.08 -39.62 -24.31
CA ALA D 206 5.90 -38.75 -24.23
C ALA D 206 5.93 -37.74 -25.38
N VAL D 207 4.80 -37.58 -26.06
CA VAL D 207 4.70 -36.63 -27.15
C VAL D 207 3.32 -35.99 -27.12
N ASP D 208 3.26 -34.75 -27.62
CA ASP D 208 2.01 -34.08 -27.95
C ASP D 208 1.29 -34.86 -29.07
N ILE D 209 0.05 -35.29 -28.80
CA ILE D 209 -0.79 -36.01 -29.77
C ILE D 209 -0.91 -35.28 -31.11
N ASN D 210 -0.88 -33.96 -31.05
CA ASN D 210 -1.06 -33.07 -32.19
C ASN D 210 0.21 -32.72 -32.94
N TYR D 211 1.34 -33.04 -32.34
CA TYR D 211 2.61 -32.68 -32.94
C TYR D 211 2.85 -33.56 -34.16
N LEU D 212 3.21 -34.80 -33.90
CA LEU D 212 3.55 -35.73 -34.97
C LEU D 212 2.50 -36.80 -35.09
N PRO D 213 2.29 -37.30 -36.33
CA PRO D 213 1.47 -38.48 -36.62
C PRO D 213 2.10 -39.74 -36.01
N LYS D 214 1.28 -40.57 -35.38
CA LYS D 214 1.74 -41.76 -34.66
C LYS D 214 2.70 -42.63 -35.46
N GLU D 215 2.48 -42.71 -36.76
CA GLU D 215 3.17 -43.68 -37.59
C GLU D 215 4.53 -43.18 -38.00
N THR D 216 4.76 -41.88 -37.84
CA THR D 216 6.08 -41.30 -38.02
C THR D 216 7.01 -41.58 -36.85
N LEU D 217 6.48 -41.40 -35.64
CA LEU D 217 7.23 -41.70 -34.41
C LEU D 217 7.49 -43.18 -34.27
N ALA D 218 6.43 -43.96 -34.39
CA ALA D 218 6.53 -45.39 -34.22
C ALA D 218 7.55 -45.96 -35.22
N ARG D 219 7.57 -45.39 -36.42
CA ARG D 219 8.52 -45.78 -37.46
C ARG D 219 9.95 -45.32 -37.11
N ALA D 220 10.07 -44.16 -36.47
CA ALA D 220 11.40 -43.62 -36.16
C ALA D 220 11.99 -44.18 -34.88
N TYR D 221 11.14 -44.48 -33.90
CA TYR D 221 11.58 -45.01 -32.59
C TYR D 221 10.75 -46.21 -32.20
N PRO D 222 10.92 -47.32 -32.96
CA PRO D 222 10.01 -48.47 -32.82
C PRO D 222 10.20 -49.27 -31.54
N GLN D 223 11.40 -49.25 -30.96
CA GLN D 223 11.65 -50.07 -29.79
C GLN D 223 11.28 -49.36 -28.48
N ALA D 224 10.61 -48.21 -28.62
CA ALA D 224 10.17 -47.36 -27.51
C ALA D 224 8.65 -47.43 -27.31
N THR D 225 8.21 -47.20 -26.08
CA THR D 225 6.79 -47.13 -25.72
C THR D 225 6.19 -45.71 -25.83
N LEU D 226 5.37 -45.46 -26.85
CA LEU D 226 4.79 -44.13 -27.00
C LEU D 226 3.58 -43.92 -26.10
N HIS D 227 3.50 -42.73 -25.52
CA HIS D 227 2.36 -42.34 -24.71
C HIS D 227 1.98 -40.90 -25.04
N TYR D 228 0.80 -40.71 -25.62
CA TYR D 228 0.42 -39.40 -26.14
C TYR D 228 -0.30 -38.54 -25.10
N PHE D 229 -0.10 -37.24 -25.20
CA PHE D 229 -0.72 -36.32 -24.27
C PHE D 229 -1.46 -35.24 -25.01
N PRO D 230 -2.50 -34.67 -24.38
CA PRO D 230 -3.32 -33.55 -24.86
C PRO D 230 -2.55 -32.32 -25.34
N SER D 231 -1.42 -32.04 -24.71
CA SER D 231 -0.63 -30.86 -25.01
C SER D 231 0.84 -31.15 -24.84
N SER D 232 1.67 -30.35 -25.49
CA SER D 232 3.12 -30.51 -25.36
C SER D 232 3.62 -30.25 -23.94
N GLU D 233 3.06 -29.29 -23.21
CA GLU D 233 3.53 -29.07 -21.84
C GLU D 233 3.25 -30.31 -21.00
N GLN D 234 2.09 -30.92 -21.22
CA GLN D 234 1.75 -32.12 -20.48
C GLN D 234 2.72 -33.25 -20.76
N ALA D 235 3.11 -33.41 -22.03
CA ALA D 235 4.07 -34.45 -22.38
C ALA D 235 5.43 -34.18 -21.70
N LEU D 236 5.87 -32.92 -21.69
CA LEU D 236 7.13 -32.56 -21.08
C LEU D 236 7.08 -32.74 -19.57
N ALA D 237 5.95 -32.41 -18.95
CA ALA D 237 5.75 -32.60 -17.50
C ALA D 237 5.90 -34.05 -17.10
N ALA D 238 5.47 -34.94 -17.98
CA ALA D 238 5.58 -36.37 -17.74
C ALA D 238 7.06 -36.76 -17.51
N VAL D 239 7.95 -36.24 -18.35
CA VAL D 239 9.38 -36.46 -18.22
C VAL D 239 9.90 -35.72 -17.00
N ALA D 240 9.32 -34.56 -16.72
CA ALA D 240 9.69 -33.77 -15.56
C ALA D 240 9.38 -34.46 -14.25
N TYR D 241 8.21 -35.08 -14.16
CA TYR D 241 7.71 -35.51 -12.88
C TYR D 241 7.64 -37.04 -12.73
N GLY D 242 8.24 -37.77 -13.66
CA GLY D 242 8.51 -39.19 -13.49
C GLY D 242 7.55 -40.19 -14.12
N GLN D 243 6.67 -39.71 -14.98
CA GLN D 243 5.69 -40.58 -15.61
C GLN D 243 6.14 -41.02 -17.02
N ALA D 244 7.24 -40.43 -17.48
CA ALA D 244 7.84 -40.76 -18.76
C ALA D 244 9.34 -40.64 -18.63
N ASP D 245 10.09 -41.18 -19.59
CA ASP D 245 11.54 -41.16 -19.51
C ASP D 245 12.09 -40.14 -20.50
N VAL D 246 11.44 -39.99 -21.63
CA VAL D 246 11.93 -39.13 -22.71
C VAL D 246 10.81 -38.29 -23.31
N PHE D 247 11.15 -37.10 -23.79
CA PHE D 247 10.19 -36.23 -24.46
C PHE D 247 10.62 -35.94 -25.89
N ILE D 248 9.66 -35.90 -26.81
CA ILE D 248 9.90 -35.31 -28.13
C ILE D 248 8.92 -34.21 -28.42
N GLY D 249 9.43 -33.07 -28.89
CA GLY D 249 8.59 -31.96 -29.29
C GLY D 249 9.41 -31.06 -30.18
N ASP D 250 8.79 -30.04 -30.76
CA ASP D 250 9.53 -29.15 -31.68
C ASP D 250 10.45 -28.20 -30.93
N ALA D 251 11.56 -27.87 -31.57
CA ALA D 251 12.64 -27.06 -30.99
C ALA D 251 12.11 -25.75 -30.45
N LEU D 252 11.22 -25.11 -31.21
CA LEU D 252 10.71 -23.81 -30.82
C LEU D 252 9.81 -23.82 -29.58
N THR D 253 8.74 -24.60 -29.51
CA THR D 253 7.89 -24.50 -28.32
C THR D 253 8.55 -25.15 -27.10
N THR D 254 9.37 -26.16 -27.34
CA THR D 254 10.08 -26.82 -26.26
C THR D 254 11.03 -25.83 -25.65
N SER D 255 11.71 -25.08 -26.50
CA SER D 255 12.68 -24.12 -26.01
C SER D 255 11.98 -23.08 -25.15
N HIS D 256 10.77 -22.67 -25.50
CA HIS D 256 10.04 -21.79 -24.61
C HIS D 256 9.73 -22.45 -23.26
N LEU D 257 9.05 -23.60 -23.30
CA LEU D 257 8.65 -24.33 -22.10
C LEU D 257 9.82 -24.60 -21.16
N VAL D 258 10.93 -25.12 -21.69
CA VAL D 258 12.06 -25.43 -20.84
C VAL D 258 12.66 -24.18 -20.25
N SER D 259 12.99 -23.20 -21.09
CA SER D 259 13.65 -21.97 -20.64
C SER D 259 12.81 -21.10 -19.69
N GLN D 260 11.47 -21.13 -19.81
CA GLN D 260 10.61 -20.33 -18.93
C GLN D 260 10.55 -20.83 -17.50
N SER D 261 10.37 -22.13 -17.29
CA SER D 261 10.23 -22.64 -15.91
C SER D 261 10.54 -24.13 -15.69
N TYR D 262 11.03 -24.83 -16.72
CA TYR D 262 11.36 -26.26 -16.54
C TYR D 262 12.85 -26.55 -16.56
N PHE D 263 13.70 -25.53 -16.61
CA PHE D 263 15.15 -25.74 -16.76
C PHE D 263 15.82 -26.48 -15.61
N ASN D 264 15.12 -26.63 -14.49
CA ASN D 264 15.62 -27.42 -13.38
C ASN D 264 15.25 -28.88 -13.45
N ASP D 265 14.32 -29.23 -14.34
CA ASP D 265 13.77 -30.56 -14.27
C ASP D 265 14.21 -31.37 -15.50
N VAL D 266 14.23 -30.76 -16.68
CA VAL D 266 14.60 -31.48 -17.89
C VAL D 266 15.54 -30.63 -18.74
N ARG D 267 16.06 -31.21 -19.81
CA ARG D 267 16.97 -30.51 -20.70
C ARG D 267 16.88 -31.07 -22.13
N VAL D 268 17.07 -30.22 -23.14
CA VAL D 268 17.07 -30.67 -24.53
C VAL D 268 18.41 -31.33 -24.78
N VAL D 269 18.41 -32.59 -25.22
CA VAL D 269 19.66 -33.34 -25.27
C VAL D 269 20.16 -33.59 -26.70
N ALA D 270 19.26 -33.67 -27.67
CA ALA D 270 19.65 -33.90 -29.06
C ALA D 270 18.50 -33.67 -30.02
N PRO D 271 18.81 -33.48 -31.31
CA PRO D 271 17.73 -33.44 -32.28
C PRO D 271 17.21 -34.82 -32.53
N ALA D 272 15.96 -34.92 -32.96
CA ALA D 272 15.37 -36.19 -33.34
C ALA D 272 15.51 -36.37 -34.83
N HIS D 273 15.84 -37.59 -35.24
CA HIS D 273 16.14 -37.93 -36.63
C HIS D 273 14.85 -38.20 -37.39
N ILE D 274 13.93 -37.27 -37.18
CA ILE D 274 12.71 -37.15 -37.94
C ILE D 274 12.79 -35.82 -38.65
N ALA D 275 12.63 -35.79 -39.95
CA ALA D 275 12.70 -34.51 -40.63
C ALA D 275 11.29 -33.97 -40.63
N THR D 276 11.10 -32.80 -40.04
CA THR D 276 9.81 -32.12 -40.16
C THR D 276 10.06 -30.75 -40.73
N GLY D 277 9.06 -30.20 -41.40
CA GLY D 277 9.21 -28.86 -41.92
C GLY D 277 9.04 -27.77 -40.88
N GLY D 278 9.57 -26.60 -41.20
CA GLY D 278 9.25 -25.41 -40.46
C GLY D 278 7.80 -25.03 -40.70
N GLU D 279 7.40 -23.92 -40.13
CA GLU D 279 6.06 -23.42 -40.32
C GLU D 279 5.99 -22.58 -41.61
N SER D 280 4.93 -22.78 -42.40
CA SER D 280 4.76 -22.15 -43.72
C SER D 280 3.40 -21.53 -43.83
N PHE D 281 3.19 -20.75 -44.89
CA PHE D 281 1.85 -20.36 -45.30
C PHE D 281 1.34 -21.34 -46.35
N GLY D 282 0.04 -21.56 -46.36
CA GLY D 282 -0.56 -22.37 -47.40
C GLY D 282 -1.39 -21.49 -48.29
N VAL D 283 -1.29 -21.77 -49.58
CA VAL D 283 -2.04 -21.04 -50.59
C VAL D 283 -2.77 -22.06 -51.45
N ARG D 284 -3.94 -21.70 -52.00
CA ARG D 284 -4.70 -22.67 -52.79
C ARG D 284 -3.84 -23.16 -53.94
N ALA D 285 -3.91 -24.47 -54.22
CA ALA D 285 -3.01 -25.12 -55.20
C ALA D 285 -2.97 -24.43 -56.57
N ASP D 286 -4.10 -23.89 -57.02
CA ASP D 286 -4.18 -23.19 -58.32
C ASP D 286 -3.34 -21.92 -58.36
N ASN D 287 -3.12 -21.33 -57.18
CA ASN D 287 -2.63 -19.97 -57.08
C ASN D 287 -1.11 -19.85 -57.15
N THR D 288 -0.57 -20.07 -58.35
CA THR D 288 0.88 -20.11 -58.55
C THR D 288 1.48 -18.72 -58.48
N ARG D 289 0.65 -17.72 -58.75
CA ARG D 289 1.08 -16.32 -58.68
C ARG D 289 1.36 -15.84 -57.23
N LEU D 290 0.42 -16.10 -56.30
CA LEU D 290 0.57 -15.70 -54.91
C LEU D 290 1.69 -16.45 -54.21
N LEU D 291 1.81 -17.74 -54.52
CA LEU D 291 2.91 -18.55 -54.01
C LEU D 291 4.23 -17.90 -54.38
N ARG D 292 4.27 -17.37 -55.61
CA ARG D 292 5.44 -16.67 -56.12
C ARG D 292 5.78 -15.41 -55.29
N VAL D 293 4.84 -14.47 -55.18
CA VAL D 293 5.10 -13.20 -54.49
C VAL D 293 5.31 -13.38 -53.00
N VAL D 294 4.67 -14.38 -52.40
CA VAL D 294 4.94 -14.68 -51.01
C VAL D 294 6.38 -15.18 -50.83
N ASN D 295 6.78 -16.17 -51.62
CA ASN D 295 8.13 -16.72 -51.55
C ASN D 295 9.24 -15.72 -51.86
N ALA D 296 8.91 -14.74 -52.69
CA ALA D 296 9.81 -13.64 -52.96
C ALA D 296 10.16 -12.94 -51.66
N VAL D 297 9.14 -12.64 -50.86
CA VAL D 297 9.36 -11.95 -49.59
C VAL D 297 10.12 -12.85 -48.60
N LEU D 298 9.61 -14.06 -48.38
CA LEU D 298 10.20 -14.96 -47.41
C LEU D 298 11.66 -15.33 -47.65
N GLU D 299 12.01 -15.70 -48.89
CA GLU D 299 13.43 -15.99 -49.22
C GLU D 299 14.31 -14.75 -49.02
N ALA D 300 13.73 -13.58 -49.24
CA ALA D 300 14.44 -12.31 -49.12
C ALA D 300 14.65 -11.87 -47.65
N ILE D 301 13.94 -12.49 -46.71
CA ILE D 301 14.16 -12.19 -45.31
C ILE D 301 15.52 -12.74 -44.89
N PRO D 302 16.43 -11.85 -44.47
CA PRO D 302 17.80 -12.19 -44.04
C PRO D 302 17.79 -12.99 -42.73
N PRO D 303 18.84 -13.77 -42.45
CA PRO D 303 18.79 -14.56 -41.22
C PRO D 303 18.73 -13.73 -39.96
N SER D 304 19.33 -12.55 -39.97
CA SER D 304 19.25 -11.68 -38.80
C SER D 304 17.79 -11.45 -38.38
N GLU D 305 16.89 -11.25 -39.35
CA GLU D 305 15.50 -11.03 -39.00
C GLU D 305 14.82 -12.28 -38.49
N HIS D 306 15.15 -13.43 -39.07
CA HIS D 306 14.62 -14.71 -38.60
C HIS D 306 15.02 -14.91 -37.15
N ARG D 307 16.28 -14.61 -36.86
CA ARG D 307 16.78 -14.73 -35.53
C ARG D 307 16.16 -13.75 -34.52
N SER D 308 15.97 -12.48 -34.88
CA SER D 308 15.43 -11.49 -33.94
C SER D 308 14.07 -11.87 -33.44
N LEU D 309 13.23 -12.23 -34.39
CA LEU D 309 11.89 -12.65 -34.08
C LEU D 309 11.98 -13.85 -33.17
N ILE D 310 12.90 -14.75 -33.46
CA ILE D 310 13.02 -15.93 -32.61
C ILE D 310 13.48 -15.51 -31.21
N TYR D 311 14.43 -14.59 -31.13
CA TYR D 311 14.87 -14.02 -29.85
C TYR D 311 13.73 -13.25 -29.17
N ARG D 312 12.93 -12.53 -29.95
CA ARG D 312 11.85 -11.72 -29.40
C ARG D 312 10.77 -12.56 -28.70
N TRP D 313 10.39 -13.69 -29.28
CA TRP D 313 9.32 -14.51 -28.71
C TRP D 313 9.84 -15.46 -27.62
N GLY D 314 11.08 -15.24 -27.20
CA GLY D 314 11.65 -15.97 -26.09
C GLY D 314 12.07 -17.39 -26.44
N LEU D 315 12.26 -17.61 -27.73
CA LEU D 315 12.66 -18.92 -28.23
C LEU D 315 14.11 -18.84 -28.63
N GLY D 316 14.84 -17.94 -27.98
CA GLY D 316 16.25 -17.74 -28.28
C GLY D 316 17.02 -18.97 -27.88
N SER D 317 16.44 -19.71 -26.94
CA SER D 317 17.05 -20.89 -26.40
C SER D 317 17.22 -21.94 -27.50
N SER D 318 16.46 -21.77 -28.58
CA SER D 318 16.42 -22.75 -29.66
C SER D 318 17.51 -22.49 -30.69
N ILE D 319 18.23 -21.38 -30.57
CA ILE D 319 19.31 -21.14 -31.51
C ILE D 319 20.41 -22.15 -31.15
N SER D 320 20.68 -22.35 -29.85
CA SER D 320 21.67 -23.35 -29.38
C SER D 320 21.42 -24.75 -29.96
N LEU D 321 20.21 -24.98 -30.43
CA LEU D 321 19.82 -26.25 -31.02
C LEU D 321 20.42 -26.34 -32.45
N ASP D 322 21.25 -25.35 -32.78
CA ASP D 322 22.21 -25.42 -33.92
C ASP D 322 23.27 -26.50 -33.66
N PHE D 323 22.83 -27.72 -33.34
CA PHE D 323 23.68 -28.72 -32.69
C PHE D 323 25.10 -28.90 -33.23
N ALA D 324 25.98 -29.06 -32.25
CA ALA D 324 27.43 -29.24 -32.37
C ALA D 324 28.11 -28.73 -33.63
N HIS D 325 28.67 -27.53 -33.54
CA HIS D 325 29.65 -27.16 -34.54
C HIS D 325 30.97 -26.60 -33.95
N PRO D 326 31.40 -27.04 -32.74
CA PRO D 326 32.74 -26.57 -32.36
C PRO D 326 33.88 -27.08 -33.26
N ALA D 327 33.76 -28.33 -33.74
CA ALA D 327 34.73 -29.00 -34.63
C ALA D 327 36.16 -28.99 -34.05
N TYR D 328 36.64 -30.19 -33.77
CA TYR D 328 37.87 -30.39 -33.02
C TYR D 328 38.96 -30.92 -33.91
N SER D 329 40.21 -30.68 -33.52
CA SER D 329 41.34 -31.17 -34.29
C SER D 329 41.44 -32.71 -34.21
N ALA D 330 42.26 -33.27 -35.10
CA ALA D 330 42.64 -34.67 -35.06
C ALA D 330 43.28 -35.01 -33.73
N ARG D 331 44.23 -34.19 -33.29
CA ARG D 331 44.91 -34.43 -32.01
C ARG D 331 43.86 -34.48 -30.91
N GLU D 332 42.90 -33.57 -31.01
CA GLU D 332 41.78 -33.51 -30.08
C GLU D 332 40.78 -34.68 -30.20
N GLN D 333 40.37 -35.03 -31.40
CA GLN D 333 39.30 -36.01 -31.54
C GLN D 333 39.69 -37.38 -31.00
N GLN D 334 40.98 -37.70 -30.99
CA GLN D 334 41.35 -38.98 -30.40
C GLN D 334 41.59 -38.84 -28.90
N TRP D 335 41.98 -37.65 -28.45
CA TRP D 335 42.08 -37.46 -27.01
C TRP D 335 40.76 -37.86 -26.39
N MET D 336 39.67 -37.40 -27.00
CA MET D 336 38.33 -37.65 -26.51
C MET D 336 37.96 -39.14 -26.57
N ALA D 337 38.46 -39.83 -27.59
CA ALA D 337 38.25 -41.26 -27.68
C ALA D 337 38.93 -42.01 -26.54
N ASP D 338 40.22 -41.75 -26.32
CA ASP D 338 40.98 -42.47 -25.29
C ASP D 338 40.63 -41.95 -23.90
N HIS D 339 39.96 -40.80 -23.83
CA HIS D 339 39.50 -40.28 -22.55
C HIS D 339 38.03 -39.89 -22.62
N PRO D 340 37.15 -40.88 -22.87
CA PRO D 340 35.73 -40.60 -23.04
C PRO D 340 35.11 -40.08 -21.75
N VAL D 341 35.75 -40.36 -20.61
CA VAL D 341 35.22 -39.89 -19.32
C VAL D 341 36.17 -38.92 -18.63
N VAL D 342 35.64 -37.75 -18.28
CA VAL D 342 36.43 -36.71 -17.64
C VAL D 342 35.89 -36.46 -16.23
N LYS D 343 36.79 -36.50 -15.25
CA LYS D 343 36.40 -36.38 -13.85
C LYS D 343 36.55 -34.92 -13.40
N VAL D 344 35.45 -34.33 -12.94
CA VAL D 344 35.38 -32.91 -12.59
C VAL D 344 35.32 -32.69 -11.09
N ALA D 345 36.22 -31.89 -10.54
CA ALA D 345 36.19 -31.64 -9.12
C ALA D 345 35.47 -30.34 -8.83
N VAL D 346 34.53 -30.33 -7.90
CA VAL D 346 33.87 -29.08 -7.56
C VAL D 346 33.77 -28.91 -6.06
N LEU D 347 33.59 -27.67 -5.62
CA LEU D 347 33.37 -27.43 -4.21
C LEU D 347 31.95 -27.80 -3.81
N ASN D 348 31.77 -28.40 -2.64
CA ASN D 348 30.46 -28.88 -2.24
C ASN D 348 29.51 -27.72 -1.98
N LEU D 349 30.04 -26.60 -1.51
CA LEU D 349 29.19 -25.49 -1.12
C LEU D 349 29.68 -24.17 -1.69
N PHE D 350 29.70 -24.09 -3.01
CA PHE D 350 30.11 -22.88 -3.71
C PHE D 350 28.86 -22.36 -4.37
N ALA D 351 27.91 -21.87 -3.59
CA ALA D 351 26.65 -21.59 -4.21
C ALA D 351 26.74 -20.18 -4.77
N PRO D 352 26.01 -19.89 -5.86
CA PRO D 352 25.20 -20.78 -6.68
C PRO D 352 25.99 -21.35 -7.85
N PHE D 353 27.30 -21.49 -7.69
CA PHE D 353 28.15 -21.87 -8.82
C PHE D 353 28.29 -23.36 -8.96
N THR D 354 28.76 -24.02 -7.92
CA THR D 354 28.72 -25.47 -7.82
C THR D 354 28.10 -25.82 -6.49
N LEU D 355 27.07 -26.64 -6.53
CA LEU D 355 26.44 -27.12 -5.30
C LEU D 355 25.80 -28.46 -5.59
N PHE D 356 25.25 -29.10 -4.56
CA PHE D 356 24.45 -30.29 -4.75
C PHE D 356 23.07 -30.05 -4.16
N ARG D 357 22.03 -30.36 -4.94
CA ARG D 357 20.70 -30.00 -4.51
C ARG D 357 20.24 -31.08 -3.58
N THR D 358 18.97 -31.03 -3.20
CA THR D 358 18.37 -32.05 -2.36
C THR D 358 18.41 -33.45 -3.02
N ASP D 359 18.44 -33.51 -4.35
CA ASP D 359 18.49 -34.77 -5.08
C ASP D 359 19.77 -35.56 -4.87
N GLU D 360 20.77 -34.91 -4.25
CA GLU D 360 22.18 -35.32 -4.31
C GLU D 360 22.71 -35.12 -5.72
N GLN D 361 22.02 -34.25 -6.45
CA GLN D 361 22.31 -33.94 -7.83
C GLN D 361 23.23 -32.71 -8.00
N PHE D 362 24.17 -32.76 -8.96
CA PHE D 362 25.09 -31.66 -9.18
C PHE D 362 24.33 -30.49 -9.77
N GLY D 363 24.41 -29.33 -9.12
CA GLY D 363 23.63 -28.18 -9.51
C GLY D 363 24.33 -26.87 -9.29
N GLY D 364 23.80 -25.82 -9.90
CA GLY D 364 24.43 -24.52 -9.86
C GLY D 364 24.80 -24.11 -11.27
N ILE D 365 25.20 -22.86 -11.43
CA ILE D 365 25.60 -22.33 -12.72
C ILE D 365 26.58 -23.23 -13.45
N SER D 366 27.54 -23.77 -12.70
CA SER D 366 28.60 -24.58 -13.29
C SER D 366 28.02 -25.83 -13.86
N ALA D 367 27.08 -26.41 -13.12
CA ALA D 367 26.46 -27.66 -13.53
C ALA D 367 25.71 -27.47 -14.82
N ALA D 368 25.06 -26.30 -14.95
CA ALA D 368 24.36 -25.90 -16.16
C ALA D 368 25.31 -25.68 -17.33
N VAL D 369 26.45 -25.06 -17.06
CA VAL D 369 27.44 -24.79 -18.10
C VAL D 369 28.08 -26.11 -18.58
N LEU D 370 28.30 -27.02 -17.65
CA LEU D 370 28.87 -28.32 -17.97
C LEU D 370 27.95 -29.22 -18.81
N GLN D 371 26.66 -29.21 -18.51
CA GLN D 371 25.68 -29.98 -19.29
C GLN D 371 25.74 -29.51 -20.74
N LEU D 372 25.82 -28.20 -20.92
CA LEU D 372 25.99 -27.63 -22.23
C LEU D 372 27.33 -28.09 -22.81
N LEU D 373 28.37 -28.03 -22.00
CA LEU D 373 29.69 -28.51 -22.43
C LEU D 373 29.65 -29.99 -22.83
N GLN D 374 28.92 -30.79 -22.05
CA GLN D 374 28.68 -32.21 -22.35
C GLN D 374 28.10 -32.38 -23.72
N LEU D 375 27.05 -31.61 -23.99
CA LEU D 375 26.34 -31.68 -25.24
C LEU D 375 27.26 -31.44 -26.45
N ARG D 376 28.08 -30.40 -26.34
CA ARG D 376 28.93 -29.86 -27.41
C ARG D 376 30.20 -30.67 -27.67
N THR D 377 30.68 -31.38 -26.66
CA THR D 377 31.94 -32.11 -26.78
C THR D 377 31.69 -33.60 -26.83
N GLY D 378 30.52 -34.02 -26.35
CA GLY D 378 30.18 -35.43 -26.35
C GLY D 378 30.95 -36.20 -25.30
N LEU D 379 31.74 -35.47 -24.53
CA LEU D 379 32.43 -36.05 -23.41
C LEU D 379 31.42 -36.42 -22.34
N ASP D 380 31.79 -37.35 -21.47
CA ASP D 380 30.98 -37.61 -20.31
C ASP D 380 31.67 -37.11 -19.06
N PHE D 381 31.05 -36.13 -18.42
CA PHE D 381 31.60 -35.61 -17.18
C PHE D 381 31.07 -36.40 -15.99
N GLU D 382 31.98 -36.79 -15.11
CA GLU D 382 31.65 -37.41 -13.83
C GLU D 382 32.13 -36.47 -12.72
N ILE D 383 31.26 -36.18 -11.75
CA ILE D 383 31.50 -35.12 -10.75
C ILE D 383 31.96 -35.62 -9.39
N ILE D 384 33.05 -35.07 -8.90
CA ILE D 384 33.65 -35.36 -7.60
C ILE D 384 33.58 -34.13 -6.71
N GLY D 385 32.92 -34.25 -5.56
CA GLY D 385 32.79 -33.10 -4.68
C GLY D 385 33.68 -33.12 -3.46
N VAL D 386 34.47 -32.06 -3.30
CA VAL D 386 35.35 -31.94 -2.15
C VAL D 386 34.99 -30.70 -1.35
N ASP D 387 35.34 -30.64 -0.09
CA ASP D 387 34.92 -29.53 0.74
C ASP D 387 35.76 -28.26 0.61
N THR D 388 37.06 -28.41 0.40
CA THR D 388 37.95 -27.25 0.40
C THR D 388 38.72 -27.05 -0.88
N VAL D 389 39.27 -25.85 -1.04
CA VAL D 389 40.10 -25.55 -2.18
C VAL D 389 41.35 -26.39 -2.16
N GLU D 390 41.85 -26.64 -0.94
CA GLU D 390 43.10 -27.37 -0.77
C GLU D 390 42.99 -28.78 -1.35
N GLU D 391 41.88 -29.44 -0.99
CA GLU D 391 41.55 -30.76 -1.51
C GLU D 391 41.33 -30.78 -3.01
N LEU D 392 40.66 -29.73 -3.52
CA LEU D 392 40.30 -29.67 -4.94
C LEU D 392 41.59 -29.69 -5.76
N ILE D 393 42.50 -28.80 -5.39
CA ILE D 393 43.76 -28.70 -6.08
C ILE D 393 44.58 -29.95 -5.85
N ALA D 394 44.56 -30.47 -4.63
CA ALA D 394 45.30 -31.70 -4.35
C ALA D 394 44.90 -32.82 -5.32
N LYS D 395 43.60 -33.03 -5.52
CA LYS D 395 43.09 -34.08 -6.41
C LYS D 395 43.42 -33.75 -7.86
N LEU D 396 43.61 -32.46 -8.10
CA LEU D 396 43.97 -31.97 -9.41
C LEU D 396 45.42 -32.35 -9.76
N ARG D 397 46.32 -32.19 -8.78
CA ARG D 397 47.73 -32.59 -8.86
C ARG D 397 47.88 -34.11 -9.06
N SER D 398 47.13 -34.87 -8.28
CA SER D 398 47.22 -36.33 -8.32
C SER D 398 46.61 -36.94 -9.58
N GLY D 399 45.78 -36.19 -10.28
CA GLY D 399 45.15 -36.69 -11.49
C GLY D 399 43.88 -37.51 -11.25
N GLU D 400 43.43 -37.58 -9.99
CA GLU D 400 42.12 -38.18 -9.64
C GLU D 400 41.03 -37.38 -10.35
N ALA D 401 41.26 -36.08 -10.42
CA ALA D 401 40.37 -35.22 -11.16
C ALA D 401 41.10 -34.70 -12.39
N ASP D 402 40.40 -34.71 -13.51
CA ASP D 402 40.93 -34.24 -14.77
C ASP D 402 40.83 -32.72 -14.89
N MET D 403 39.80 -32.13 -14.29
CA MET D 403 39.55 -30.67 -14.41
C MET D 403 38.83 -30.10 -13.21
N ALA D 404 38.97 -28.79 -12.99
CA ALA D 404 38.17 -28.11 -11.97
C ALA D 404 36.85 -27.58 -12.56
N GLY D 405 35.74 -27.80 -11.85
CA GLY D 405 34.44 -27.37 -12.33
C GLY D 405 34.23 -25.89 -12.21
N ALA D 406 34.66 -25.32 -11.07
CA ALA D 406 34.54 -23.88 -10.85
C ALA D 406 35.58 -23.33 -9.90
N LEU D 407 36.54 -22.58 -10.46
CA LEU D 407 37.56 -21.91 -9.68
C LEU D 407 37.74 -20.48 -10.14
N PHE D 408 38.08 -19.60 -9.20
CA PHE D 408 38.42 -18.24 -9.55
C PHE D 408 39.76 -18.17 -10.30
N VAL D 409 39.79 -17.42 -11.41
CA VAL D 409 41.03 -17.15 -12.12
C VAL D 409 41.99 -16.49 -11.16
N ASN D 410 43.21 -17.00 -11.15
CA ASN D 410 44.23 -16.67 -10.14
C ASN D 410 45.62 -16.71 -10.77
N SER D 411 46.31 -15.57 -10.82
CA SER D 411 47.64 -15.50 -11.44
C SER D 411 48.73 -16.29 -10.68
N ALA D 412 48.55 -16.41 -9.36
CA ALA D 412 49.46 -17.15 -8.49
C ALA D 412 49.50 -18.64 -8.86
N ARG D 413 48.33 -19.24 -9.00
CA ARG D 413 48.24 -20.66 -9.32
C ARG D 413 48.57 -20.93 -10.78
N GLU D 414 48.66 -19.87 -11.60
CA GLU D 414 48.93 -20.01 -13.05
C GLU D 414 50.28 -20.65 -13.32
N SER D 415 51.11 -20.70 -12.28
CA SER D 415 52.34 -21.50 -12.29
C SER D 415 52.03 -22.98 -12.56
N PHE D 416 51.01 -23.55 -11.89
CA PHE D 416 50.67 -24.95 -12.09
C PHE D 416 49.28 -25.22 -12.72
N LEU D 417 48.43 -24.20 -12.77
CA LEU D 417 47.07 -24.34 -13.34
C LEU D 417 46.87 -23.55 -14.64
N SER D 418 45.99 -24.04 -15.48
CA SER D 418 45.55 -23.29 -16.65
C SER D 418 44.08 -23.02 -16.49
N PHE D 419 43.65 -21.80 -16.74
CA PHE D 419 42.24 -21.48 -16.62
C PHE D 419 41.60 -21.36 -17.99
N SER D 420 40.36 -21.84 -18.13
CA SER D 420 39.63 -21.67 -19.38
C SER D 420 39.15 -20.22 -19.50
N ARG D 421 38.47 -19.91 -20.59
CA ARG D 421 37.73 -18.67 -20.67
C ARG D 421 36.73 -18.56 -19.51
N PRO D 422 36.64 -17.39 -18.88
CA PRO D 422 35.69 -17.31 -17.77
C PRO D 422 34.25 -17.43 -18.28
N TYR D 423 33.35 -17.95 -17.45
CA TYR D 423 31.95 -17.98 -17.85
C TYR D 423 31.14 -17.25 -16.81
N VAL D 424 31.81 -16.82 -15.75
CA VAL D 424 31.22 -15.86 -14.85
C VAL D 424 32.19 -14.71 -14.59
N ARG D 425 31.72 -13.49 -14.82
CA ARG D 425 32.51 -12.33 -14.47
C ARG D 425 31.68 -11.43 -13.56
N ASN D 426 32.15 -11.23 -12.34
CA ASN D 426 31.35 -10.55 -11.32
C ASN D 426 32.18 -9.77 -10.29
N GLY D 427 31.73 -8.59 -9.89
CA GLY D 427 32.48 -7.80 -8.95
C GLY D 427 32.30 -8.31 -7.53
N MET D 428 33.11 -7.82 -6.60
CA MET D 428 33.06 -8.35 -5.26
C MET D 428 32.52 -7.35 -4.27
N VAL D 429 32.02 -7.88 -3.15
CA VAL D 429 31.38 -7.07 -2.13
C VAL D 429 31.77 -7.64 -0.76
N ILE D 430 31.63 -6.87 0.31
CA ILE D 430 31.86 -7.42 1.65
C ILE D 430 30.54 -7.59 2.39
N VAL D 431 30.39 -8.75 3.00
CA VAL D 431 29.18 -9.06 3.74
C VAL D 431 29.45 -8.96 5.24
N THR D 432 28.60 -8.25 5.95
CA THR D 432 28.75 -8.11 7.39
C THR D 432 27.52 -8.64 8.07
N ARG D 433 27.58 -8.78 9.40
CA ARG D 433 26.37 -9.07 10.17
C ARG D 433 25.50 -7.82 10.16
N GLN D 434 24.30 -7.92 10.73
CA GLN D 434 23.44 -6.77 10.80
C GLN D 434 23.45 -6.16 12.22
N ASP D 435 24.66 -5.87 12.70
CA ASP D 435 24.91 -5.05 13.89
C ASP D 435 25.32 -3.63 13.57
N PRO D 436 25.14 -2.73 14.54
CA PRO D 436 25.72 -1.39 14.36
C PRO D 436 27.25 -1.41 14.27
N ASP D 437 27.91 -2.37 14.92
CA ASP D 437 29.37 -2.40 14.84
C ASP D 437 29.87 -2.81 13.46
N ALA D 438 28.98 -3.37 12.65
CA ALA D 438 29.40 -3.79 11.32
C ALA D 438 29.94 -2.61 10.49
N PRO D 439 31.03 -2.82 9.74
CA PRO D 439 31.52 -1.78 8.83
C PRO D 439 30.41 -1.31 7.90
N VAL D 440 30.23 0.00 7.80
CA VAL D 440 29.11 0.55 7.06
C VAL D 440 29.36 0.29 5.56
N ASP D 441 30.63 0.31 5.18
CA ASP D 441 31.09 0.04 3.81
C ASP D 441 32.57 -0.37 3.82
N ALA D 442 33.16 -0.66 2.67
CA ALA D 442 34.53 -1.19 2.59
C ALA D 442 35.58 -0.16 2.99
N ASP D 443 35.18 1.10 3.03
CA ASP D 443 36.09 2.19 3.36
C ASP D 443 36.37 2.25 4.87
N HIS D 444 35.57 1.52 5.63
CA HIS D 444 35.66 1.49 7.08
C HIS D 444 36.13 0.13 7.61
N LEU D 445 37.14 -0.44 6.96
CA LEU D 445 37.60 -1.75 7.35
C LEU D 445 38.83 -1.67 8.24
N ASP D 446 39.27 -0.44 8.49
CA ASP D 446 40.48 -0.19 9.26
C ASP D 446 40.49 -0.96 10.57
N GLY D 447 41.38 -1.95 10.64
CA GLY D 447 41.57 -2.74 11.84
C GLY D 447 40.53 -3.82 12.06
N ARG D 448 39.70 -4.05 11.06
CA ARG D 448 38.69 -5.08 11.17
C ARG D 448 39.20 -6.40 10.59
N THR D 449 38.66 -7.51 11.08
CA THR D 449 38.97 -8.81 10.51
C THR D 449 38.01 -9.14 9.35
N VAL D 450 38.60 -9.41 8.20
CA VAL D 450 37.87 -9.61 6.96
C VAL D 450 38.17 -11.00 6.43
N ALA D 451 37.15 -11.83 6.25
CA ALA D 451 37.37 -13.21 5.82
C ALA D 451 37.61 -13.36 4.31
N LEU D 452 38.57 -14.19 3.96
CA LEU D 452 38.79 -14.62 2.57
C LEU D 452 39.03 -16.12 2.49
N VAL D 453 39.08 -16.66 1.28
CA VAL D 453 39.41 -18.07 1.13
C VAL D 453 40.93 -18.23 0.96
N ARG D 454 41.53 -19.15 1.72
CA ARG D 454 43.00 -19.33 1.71
C ARG D 454 43.59 -19.40 0.31
N ASN D 455 44.65 -18.63 0.09
CA ASN D 455 45.34 -18.55 -1.18
C ASN D 455 44.42 -18.11 -2.35
N SER D 456 43.40 -17.30 -2.03
CA SER D 456 42.57 -16.66 -3.05
C SER D 456 43.38 -15.55 -3.66
N ALA D 457 43.28 -15.38 -4.97
CA ALA D 457 43.96 -14.28 -5.67
C ALA D 457 43.54 -12.92 -5.12
N ALA D 458 42.36 -12.89 -4.50
CA ALA D 458 41.80 -11.66 -3.98
C ALA D 458 42.63 -11.06 -2.86
N ILE D 459 43.27 -11.90 -2.04
CA ILE D 459 43.97 -11.47 -0.83
C ILE D 459 45.07 -10.39 -0.99
N PRO D 460 46.08 -10.63 -1.87
CA PRO D 460 47.08 -9.57 -2.04
C PRO D 460 46.47 -8.23 -2.43
N LEU D 461 45.71 -8.23 -3.52
CA LEU D 461 45.06 -7.03 -4.02
C LEU D 461 44.23 -6.32 -2.94
N LEU D 462 43.60 -7.09 -2.04
CA LEU D 462 42.79 -6.50 -1.01
C LEU D 462 43.62 -5.74 0.01
N GLN D 463 44.66 -6.36 0.54
CA GLN D 463 45.47 -5.67 1.56
C GLN D 463 46.36 -4.56 0.96
N ARG D 464 46.49 -4.51 -0.37
CA ARG D 464 47.15 -3.38 -1.02
C ARG D 464 46.20 -2.18 -1.02
N ARG D 465 44.93 -2.41 -1.36
CA ARG D 465 43.91 -1.35 -1.42
C ARG D 465 43.32 -0.99 -0.04
N TYR D 466 43.20 -1.99 0.82
CA TYR D 466 42.62 -1.83 2.15
C TYR D 466 43.60 -2.30 3.20
N PRO D 467 44.68 -1.51 3.40
CA PRO D 467 45.89 -1.87 4.15
C PRO D 467 45.68 -1.97 5.66
N GLN D 468 44.75 -1.17 6.20
CA GLN D 468 44.42 -1.25 7.63
C GLN D 468 43.61 -2.46 8.05
N ALA D 469 43.18 -3.26 7.09
CA ALA D 469 42.29 -4.37 7.38
C ALA D 469 43.01 -5.63 7.86
N LYS D 470 42.47 -6.33 8.85
CA LYS D 470 43.15 -7.52 9.34
C LYS D 470 42.60 -8.73 8.62
N VAL D 471 43.32 -9.21 7.62
CA VAL D 471 42.89 -10.39 6.87
C VAL D 471 42.96 -11.65 7.73
N VAL D 472 41.89 -12.46 7.71
CA VAL D 472 41.88 -13.81 8.27
C VAL D 472 41.33 -14.76 7.18
N THR D 473 41.89 -15.96 7.03
CA THR D 473 41.47 -16.83 5.93
C THR D 473 40.73 -18.06 6.44
N ALA D 474 39.98 -18.67 5.54
CA ALA D 474 39.29 -19.92 5.80
C ALA D 474 39.42 -20.85 4.59
N ASP D 475 39.06 -22.12 4.81
CA ASP D 475 39.31 -23.20 3.87
C ASP D 475 38.44 -23.18 2.58
N ASN D 476 37.15 -22.83 2.71
CA ASN D 476 36.23 -22.78 1.56
C ASN D 476 35.28 -21.55 1.70
N PRO D 477 34.50 -21.23 0.64
CA PRO D 477 33.59 -20.08 0.71
C PRO D 477 32.56 -20.18 1.81
N SER D 478 32.12 -21.40 2.05
CA SER D 478 31.11 -21.70 3.03
C SER D 478 31.53 -21.36 4.47
N GLU D 479 32.75 -21.74 4.85
CA GLU D 479 33.23 -21.50 6.22
C GLU D 479 33.45 -20.01 6.43
N ALA D 480 33.97 -19.38 5.38
CA ALA D 480 34.31 -17.96 5.41
C ALA D 480 33.14 -17.09 5.77
N MET D 481 31.97 -17.47 5.26
CA MET D 481 30.79 -16.67 5.50
C MET D 481 30.28 -16.97 6.89
N LEU D 482 30.34 -18.24 7.25
CA LEU D 482 29.88 -18.67 8.56
C LEU D 482 30.70 -17.96 9.65
N MET D 483 31.98 -17.68 9.38
CA MET D 483 32.80 -16.90 10.32
C MET D 483 32.20 -15.56 10.69
N VAL D 484 31.65 -14.87 9.71
CA VAL D 484 31.01 -13.59 9.96
C VAL D 484 29.74 -13.80 10.72
N ALA D 485 28.98 -14.81 10.35
CA ALA D 485 27.72 -15.09 11.02
C ALA D 485 27.93 -15.34 12.51
N ASN D 486 29.05 -15.99 12.82
CA ASN D 486 29.37 -16.36 14.20
C ASN D 486 29.92 -15.20 15.02
N GLY D 487 30.72 -14.35 14.39
CA GLY D 487 31.34 -13.25 15.10
C GLY D 487 32.85 -13.35 15.03
N GLN D 488 33.34 -14.32 14.28
CA GLN D 488 34.79 -14.57 14.19
C GLN D 488 35.48 -13.67 13.17
N ALA D 489 34.67 -12.93 12.42
CA ALA D 489 35.18 -11.98 11.43
C ALA D 489 34.21 -10.80 11.35
N ASP D 490 34.69 -9.67 10.89
CA ASP D 490 33.86 -8.49 10.83
C ASP D 490 33.15 -8.43 9.48
N ALA D 491 33.79 -9.00 8.47
CA ALA D 491 33.25 -9.03 7.12
C ALA D 491 33.82 -10.22 6.37
N VAL D 492 33.19 -10.56 5.26
CA VAL D 492 33.72 -11.59 4.38
C VAL D 492 33.74 -11.08 2.93
N VAL D 493 34.76 -11.42 2.15
CA VAL D 493 34.78 -11.06 0.73
C VAL D 493 34.10 -12.14 -0.10
N GLN D 494 33.11 -11.72 -0.89
CA GLN D 494 32.35 -12.61 -1.73
C GLN D 494 32.04 -11.93 -3.04
N THR D 495 31.81 -12.74 -4.07
CA THR D 495 31.25 -12.22 -5.30
C THR D 495 29.90 -11.66 -4.98
N GLN D 496 29.50 -10.63 -5.71
CA GLN D 496 28.22 -10.01 -5.46
C GLN D 496 27.08 -11.02 -5.68
N ILE D 497 27.22 -11.83 -6.73
CA ILE D 497 26.25 -12.86 -7.02
C ILE D 497 26.05 -13.79 -5.85
N SER D 498 27.16 -14.34 -5.38
CA SER D 498 27.11 -15.28 -4.28
C SER D 498 26.52 -14.60 -3.07
N ALA D 499 27.04 -13.42 -2.72
CA ALA D 499 26.58 -12.71 -1.54
C ALA D 499 25.08 -12.43 -1.53
N SER D 500 24.57 -11.86 -2.62
CA SER D 500 23.15 -11.63 -2.80
C SER D 500 22.34 -12.91 -2.62
N TYR D 501 22.79 -14.02 -3.20
CA TYR D 501 22.12 -15.32 -3.04
C TYR D 501 22.01 -15.65 -1.57
N TYR D 502 23.14 -15.83 -0.93
CA TYR D 502 23.17 -16.18 0.48
C TYR D 502 22.41 -15.20 1.41
N VAL D 503 22.68 -13.91 1.32
CA VAL D 503 22.09 -12.96 2.26
C VAL D 503 20.57 -12.95 2.23
N ASN D 504 19.98 -12.89 1.04
CA ASN D 504 18.53 -12.71 0.95
C ASN D 504 17.74 -14.00 1.07
N ARG D 505 18.38 -15.10 0.69
CA ARG D 505 17.75 -16.40 0.60
C ARG D 505 17.74 -17.14 1.92
N TYR D 506 18.91 -17.17 2.55
CA TYR D 506 19.11 -17.98 3.73
C TYR D 506 19.43 -17.13 4.96
N PHE D 507 19.93 -15.92 4.77
CA PHE D 507 20.34 -15.11 5.93
C PHE D 507 19.58 -13.82 6.10
N ALA D 508 18.34 -13.80 5.62
CA ALA D 508 17.49 -12.64 5.76
C ALA D 508 17.54 -12.12 7.18
N GLY D 509 17.85 -10.83 7.31
CA GLY D 509 17.91 -10.15 8.60
C GLY D 509 19.04 -10.54 9.56
N LYS D 510 19.93 -11.43 9.14
CA LYS D 510 21.08 -11.74 9.96
C LYS D 510 22.31 -11.15 9.31
N LEU D 511 22.47 -11.36 8.00
CA LEU D 511 23.59 -10.79 7.27
C LEU D 511 23.12 -9.70 6.28
N ARG D 512 24.06 -8.91 5.75
CA ARG D 512 23.74 -7.91 4.72
C ARG D 512 24.94 -7.56 3.84
N ILE D 513 24.69 -7.07 2.64
CA ILE D 513 25.80 -6.61 1.83
C ILE D 513 26.09 -5.17 2.20
N ALA D 514 27.27 -4.92 2.78
CA ALA D 514 27.65 -3.56 3.18
C ALA D 514 27.96 -2.70 1.96
N SER D 515 28.95 -3.11 1.17
CA SER D 515 29.26 -2.39 -0.07
C SER D 515 30.16 -3.22 -0.96
N ALA D 516 30.32 -2.77 -2.21
CA ALA D 516 31.25 -3.39 -3.16
C ALA D 516 32.72 -3.12 -2.82
N LEU D 517 33.62 -3.87 -3.43
CA LEU D 517 35.06 -3.64 -3.25
C LEU D 517 35.71 -2.91 -4.43
N ASP D 518 36.67 -2.04 -4.13
CA ASP D 518 37.40 -1.35 -5.17
C ASP D 518 38.45 -2.31 -5.72
N LEU D 519 38.04 -3.54 -6.04
CA LEU D 519 38.90 -4.54 -6.65
C LEU D 519 38.40 -4.89 -8.05
N PRO D 520 39.25 -5.54 -8.87
CA PRO D 520 38.75 -6.00 -10.16
C PRO D 520 37.68 -7.07 -10.03
N PRO D 521 36.85 -7.24 -11.07
CA PRO D 521 35.85 -8.30 -10.99
C PRO D 521 36.51 -9.70 -11.00
N ALA D 522 35.93 -10.60 -10.22
CA ALA D 522 36.37 -11.99 -10.15
C ALA D 522 35.94 -12.73 -11.40
N GLU D 523 36.68 -13.75 -11.78
CA GLU D 523 36.29 -14.54 -12.92
C GLU D 523 36.22 -15.98 -12.51
N ILE D 524 35.12 -16.64 -12.82
CA ILE D 524 35.06 -18.07 -12.53
C ILE D 524 35.29 -18.83 -13.83
N ALA D 525 36.15 -19.81 -13.80
CA ALA D 525 36.49 -20.52 -15.02
C ALA D 525 36.66 -22.00 -14.73
N LEU D 526 36.73 -22.79 -15.81
CA LEU D 526 37.18 -24.18 -15.71
C LEU D 526 38.68 -24.16 -15.51
N ALA D 527 39.22 -25.19 -14.84
CA ALA D 527 40.67 -25.31 -14.65
C ALA D 527 41.23 -26.72 -14.87
N THR D 528 42.42 -26.77 -15.47
CA THR D 528 43.20 -28.00 -15.57
C THR D 528 44.62 -27.73 -15.12
N THR D 529 45.38 -28.82 -14.93
CA THR D 529 46.84 -28.73 -14.74
C THR D 529 47.46 -28.17 -16.00
N ARG D 530 48.58 -27.48 -15.85
CA ARG D 530 49.12 -26.69 -16.95
C ARG D 530 49.53 -27.53 -18.15
N GLY D 531 49.79 -28.80 -17.92
CA GLY D 531 50.13 -29.70 -19.01
C GLY D 531 49.00 -30.03 -19.97
N GLN D 532 47.80 -30.16 -19.42
CA GLN D 532 46.62 -30.66 -20.14
C GLN D 532 46.15 -29.80 -21.30
N THR D 533 46.71 -30.04 -22.48
CA THR D 533 46.54 -29.11 -23.58
C THR D 533 45.35 -29.45 -24.46
N GLU D 534 45.18 -30.72 -24.75
CA GLU D 534 44.08 -31.12 -25.61
C GLU D 534 42.77 -30.96 -24.87
N LEU D 535 42.73 -31.25 -23.58
CA LEU D 535 41.48 -31.06 -22.86
C LEU D 535 41.11 -29.58 -22.84
N MET D 536 42.05 -28.74 -22.42
CA MET D 536 41.79 -27.29 -22.31
C MET D 536 41.42 -26.64 -23.66
N SER D 537 42.11 -27.01 -24.73
CA SER D 537 41.77 -26.43 -26.03
C SER D 537 40.36 -26.88 -26.42
N ILE D 538 40.00 -28.11 -26.06
CA ILE D 538 38.64 -28.58 -26.33
C ILE D 538 37.62 -27.79 -25.52
N LEU D 539 37.88 -27.64 -24.21
CA LEU D 539 36.96 -26.94 -23.30
C LEU D 539 36.71 -25.52 -23.77
N ASN D 540 37.78 -24.84 -24.18
CA ASN D 540 37.66 -23.48 -24.70
C ASN D 540 36.90 -23.42 -26.03
N LYS D 541 37.07 -24.43 -26.88
CA LYS D 541 36.33 -24.47 -28.14
C LYS D 541 34.85 -24.60 -27.84
N ALA D 542 34.51 -25.48 -26.91
CA ALA D 542 33.12 -25.62 -26.48
C ALA D 542 32.62 -24.33 -25.83
N LEU D 543 33.41 -23.77 -24.93
CA LEU D 543 32.97 -22.59 -24.20
C LEU D 543 32.64 -21.41 -25.09
N TYR D 544 33.37 -21.22 -26.19
CA TYR D 544 33.05 -20.12 -27.10
C TYR D 544 31.71 -20.33 -27.80
N SER D 545 31.36 -21.59 -28.05
CA SER D 545 30.11 -21.92 -28.75
C SER D 545 28.82 -21.63 -27.96
N ILE D 546 28.95 -21.39 -26.67
CA ILE D 546 27.83 -21.00 -25.81
C ILE D 546 27.65 -19.50 -25.92
N SER D 547 26.50 -19.05 -26.42
CA SER D 547 26.32 -17.62 -26.65
C SER D 547 26.32 -16.94 -25.32
N ASN D 548 26.79 -15.70 -25.30
CA ASN D 548 26.83 -14.95 -24.08
C ASN D 548 25.40 -14.77 -23.53
N ASP D 549 24.39 -14.94 -24.40
CA ASP D 549 22.97 -14.95 -24.01
C ASP D 549 22.54 -16.12 -23.12
N GLU D 550 23.01 -17.32 -23.45
CA GLU D 550 22.66 -18.49 -22.66
C GLU D 550 23.32 -18.51 -21.28
N LEU D 551 24.58 -18.08 -21.19
CA LEU D 551 25.22 -17.97 -19.87
C LEU D 551 24.44 -17.03 -19.01
N ALA D 552 24.02 -15.91 -19.60
CA ALA D 552 23.31 -14.88 -18.88
C ALA D 552 22.00 -15.40 -18.37
N SER D 553 21.33 -16.18 -19.19
CA SER D 553 20.09 -16.78 -18.77
C SER D 553 20.35 -17.73 -17.62
N ILE D 554 21.38 -18.56 -17.72
CA ILE D 554 21.78 -19.43 -16.61
C ILE D 554 22.20 -18.62 -15.36
N ILE D 555 23.02 -17.58 -15.52
CA ILE D 555 23.45 -16.85 -14.32
C ILE D 555 22.24 -16.22 -13.60
N SER D 556 21.36 -15.58 -14.32
CA SER D 556 20.27 -14.85 -13.68
C SER D 556 19.24 -15.77 -13.04
N ARG D 557 18.95 -16.89 -13.68
CA ARG D 557 17.94 -17.79 -13.12
C ARG D 557 18.46 -18.52 -11.90
N TRP D 558 19.79 -18.55 -11.74
CA TRP D 558 20.38 -19.08 -10.50
C TRP D 558 20.43 -18.08 -9.38
N ARG D 559 20.83 -16.85 -9.66
CA ARG D 559 20.75 -15.82 -8.64
C ARG D 559 19.30 -15.71 -8.17
N GLY D 560 18.38 -15.71 -9.13
CA GLY D 560 16.98 -15.71 -8.82
C GLY D 560 16.52 -14.45 -8.12
N SER D 561 15.36 -14.51 -7.47
CA SER D 561 14.80 -13.32 -6.83
C SER D 561 14.61 -13.52 -5.33
N ASP D 562 14.47 -12.41 -4.63
CA ASP D 562 14.58 -12.44 -3.19
C ASP D 562 13.36 -13.00 -2.49
N GLY D 563 12.20 -12.37 -2.70
CA GLY D 563 10.97 -12.83 -2.06
C GLY D 563 11.02 -12.77 -0.54
N ASP D 564 10.24 -13.62 0.13
CA ASP D 564 10.07 -13.49 1.57
C ASP D 564 10.28 -14.77 2.33
N PRO D 565 11.56 -15.19 2.45
CA PRO D 565 11.92 -16.48 3.06
C PRO D 565 11.67 -16.61 4.55
N ARG D 566 11.62 -15.50 5.27
CA ARG D 566 11.52 -15.58 6.71
C ARG D 566 10.09 -15.95 7.16
N THR D 567 9.07 -15.55 6.40
CA THR D 567 7.71 -15.98 6.69
C THR D 567 7.53 -17.49 6.59
N TRP D 568 8.07 -18.09 5.52
CA TRP D 568 7.85 -19.52 5.27
C TRP D 568 8.87 -20.47 5.88
N TYR D 569 10.02 -19.96 6.33
CA TYR D 569 10.81 -20.80 7.23
C TYR D 569 10.07 -20.88 8.57
N ALA D 570 9.55 -19.74 9.04
CA ALA D 570 8.81 -19.68 10.31
C ALA D 570 7.70 -20.69 10.28
N TYR D 571 7.08 -20.84 9.12
CA TYR D 571 6.07 -21.85 8.95
C TYR D 571 6.71 -23.25 9.03
N ARG D 572 7.93 -23.40 8.51
CA ARG D 572 8.65 -24.68 8.55
C ARG D 572 8.99 -25.16 9.96
N ASN D 573 9.30 -24.22 10.86
CA ASN D 573 9.60 -24.56 12.25
C ASN D 573 8.31 -25.01 12.94
N GLU D 574 7.19 -24.44 12.49
CA GLU D 574 5.85 -24.80 12.94
C GLU D 574 5.46 -26.22 12.50
N ILE D 575 6.04 -26.69 11.39
CA ILE D 575 5.83 -28.04 10.89
C ILE D 575 6.30 -29.14 11.87
N TYR D 576 7.39 -28.87 12.58
CA TYR D 576 7.94 -29.81 13.57
C TYR D 576 7.09 -30.06 14.81
N LEU D 577 6.32 -29.05 15.23
CA LEU D 577 5.40 -29.14 16.38
C LEU D 577 4.13 -30.00 16.16
N GLU D 578 3.52 -29.94 14.99
CA GLU D 578 2.44 -30.86 14.62
C GLU D 578 2.99 -32.05 13.82
#